data_4KXY
#
_entry.id   4KXY
#
_cell.length_a   73.150
_cell.length_b   86.050
_cell.length_c   92.730
_cell.angle_alpha   90.00
_cell.angle_beta   94.12
_cell.angle_gamma   90.00
#
_symmetry.space_group_name_H-M   'P 1 21 1'
#
loop_
_entity.id
_entity.type
_entity.pdbx_description
1 polymer Transketolase
2 non-polymer 1,2-ETHANEDIOL
3 non-polymer 'CALCIUM ION'
4 non-polymer 'SODIUM ION'
5 non-polymer '2-{4-[(4-amino-2-methylpyrimidin-5-yl)methyl]-5-[(1R)-1,2-dihydroxyethyl]-3-methylthiophen-2-yl}ethyl trihydrogen diphosphate'
6 non-polymer 'SULFATE ION'
7 water water
#
_entity_poly.entity_id   1
_entity_poly.type   'polypeptide(L)'
_entity_poly.pdbx_seq_one_letter_code
;MESYHKPDQQKLQALKDTANRLRISSIQATTAAGSGHPTSCCSAAEIMAVLFFHTMRYKSQDPRNPHNDRFVLSKGHAAP
ILYAVWAEAGFLAEAELLNLRKISSDLDGHPVPKQAFTDVATGSLGQGLGAACGMAYTGKYFDKASYRVYCLLGDGELSE
GSVWEAMAFASIYKLDNLVAILDINRLGQSDPAPLQHQMDIYQKRCEAFGWHAIIVDGHSVEELCKAFGQAKHQPTAIIA
KTFKGRGITGVEDKESWHGKPLPKNMAEQIIQEIYSQIQSKKKILATPPQEDAPSVDIANIRMPSLPSYKVGDKIATRKA
YGQALAKLGHASDRIIALDGDTKNSTFSEIFKKEHPDRFIECYIAEQNMVSIAVGCATRNRTVPFCSTFAAFFTRAFDQI
RMAAISESNINLCGSHCGVSIGEDGPSQMALEDLAMFRSVPTSTVFYPSDGVATEKAVELAANTKGICFIRTSRPENAII
YNNNEDFQVGQAKVVLKSKDDQVTVIGAGVTLHEALAAAELLKKEKINIRVLDPFTIKPLDRKLILDSARATKGRILTVE
DHYYEGGIGEAVSSAVVGEPGITVTHLAVNRVPRSGKPAELLKMFGIDRDAIAQAVRGLITKALVPRGSLEHHHHHH
;
_entity_poly.pdbx_strand_id   A,B
#
loop_
_chem_comp.id
_chem_comp.type
_chem_comp.name
_chem_comp.formula
1U0 non-polymer '2-{4-[(4-amino-2-methylpyrimidin-5-yl)methyl]-5-[(1R)-1,2-dihydroxyethyl]-3-methylthiophen-2-yl}ethyl trihydrogen diphosphate' 'C15 H23 N3 O9 P2 S'
CA non-polymer 'CALCIUM ION' 'Ca 2'
EDO non-polymer 1,2-ETHANEDIOL 'C2 H6 O2'
NA non-polymer 'SODIUM ION' 'Na 1'
SO4 non-polymer 'SULFATE ION' 'O4 S -2'
#
# COMPACT_ATOMS: atom_id res chain seq x y z
N GLU A 2 -38.50 -15.43 1.82
CA GLU A 2 -39.61 -14.70 2.45
C GLU A 2 -40.10 -13.47 1.69
N SER A 3 -41.43 -13.22 1.76
CA SER A 3 -41.99 -12.10 1.04
C SER A 3 -41.59 -10.77 1.63
N TYR A 4 -41.49 -9.74 0.79
CA TYR A 4 -41.32 -8.38 1.23
C TYR A 4 -42.53 -7.97 2.04
N HIS A 5 -42.37 -7.33 3.18
CA HIS A 5 -43.46 -6.78 3.95
C HIS A 5 -43.55 -5.33 3.50
N LYS A 6 -44.54 -5.00 2.69
CA LYS A 6 -44.66 -3.59 2.23
C LYS A 6 -45.16 -2.73 3.39
N PRO A 7 -44.36 -1.79 3.89
CA PRO A 7 -44.71 -1.08 5.09
C PRO A 7 -45.91 -0.16 4.88
N ASP A 8 -46.65 0.01 5.98
CA ASP A 8 -47.76 0.93 5.96
C ASP A 8 -47.22 2.32 6.34
N GLN A 9 -48.06 3.37 6.31
CA GLN A 9 -47.66 4.73 6.65
C GLN A 9 -47.17 4.78 8.07
N GLN A 10 -47.75 4.02 9.01
N GLN A 10 -47.77 4.02 8.98
CA GLN A 10 -47.25 4.12 10.39
CA GLN A 10 -47.27 4.11 10.36
C GLN A 10 -45.89 3.49 10.56
C GLN A 10 -45.85 3.57 10.46
N LYS A 11 -45.59 2.43 9.82
CA LYS A 11 -44.25 1.86 9.86
C LYS A 11 -43.28 2.83 9.17
N LEU A 12 -43.70 3.47 8.07
CA LEU A 12 -42.87 4.44 7.38
C LEU A 12 -42.56 5.60 8.33
N GLN A 13 -43.59 6.07 9.03
CA GLN A 13 -43.39 7.15 9.97
C GLN A 13 -42.47 6.71 11.12
N ALA A 14 -42.58 5.49 11.57
CA ALA A 14 -41.70 5.03 12.63
C ALA A 14 -40.27 4.99 12.13
N LEU A 15 -40.06 4.62 10.88
CA LEU A 15 -38.70 4.61 10.30
C LEU A 15 -38.12 6.03 10.24
N LYS A 16 -38.95 7.01 9.90
N LYS A 16 -38.98 6.99 9.91
CA LYS A 16 -38.59 8.45 9.85
CA LYS A 16 -38.58 8.41 9.89
C LYS A 16 -38.22 8.88 11.26
C LYS A 16 -38.15 8.79 11.30
N ASP A 17 -39.05 8.54 12.23
CA ASP A 17 -38.81 8.84 13.63
C ASP A 17 -37.49 8.25 14.10
N THR A 18 -37.24 7.02 13.68
CA THR A 18 -35.99 6.35 14.02
C THR A 18 -34.80 7.10 13.42
N ALA A 19 -34.88 7.45 12.14
CA ALA A 19 -33.82 8.22 11.47
C ALA A 19 -33.53 9.51 12.21
N ASN A 20 -34.59 10.22 12.64
CA ASN A 20 -34.40 11.47 13.38
C ASN A 20 -33.83 11.22 14.77
N ARG A 21 -34.19 10.12 15.40
CA ARG A 21 -33.54 9.81 16.69
C ARG A 21 -32.05 9.57 16.48
N LEU A 22 -31.72 8.94 15.36
CA LEU A 22 -30.33 8.63 15.07
C LEU A 22 -29.52 9.90 14.83
N ARG A 23 -30.13 10.88 14.17
CA ARG A 23 -29.54 12.21 13.97
C ARG A 23 -29.28 12.87 15.31
N ILE A 24 -30.33 12.88 16.16
CA ILE A 24 -30.15 13.52 17.46
C ILE A 24 -29.02 12.90 18.25
N SER A 25 -28.95 11.56 18.25
CA SER A 25 -27.90 10.90 19.02
C SER A 25 -26.53 11.21 18.45
N SER A 26 -26.40 11.22 17.11
CA SER A 26 -25.13 11.54 16.47
C SER A 26 -24.66 12.93 16.84
N ILE A 27 -25.59 13.89 16.90
CA ILE A 27 -25.21 15.25 17.34
C ILE A 27 -24.86 15.29 18.80
N GLN A 28 -25.70 14.67 19.67
CA GLN A 28 -25.42 14.72 21.08
C GLN A 28 -24.07 14.11 21.42
N ALA A 29 -23.75 12.98 20.82
CA ALA A 29 -22.49 12.28 21.15
C ALA A 29 -21.28 13.06 20.70
N THR A 30 -21.29 13.62 19.47
CA THR A 30 -20.13 14.34 18.95
C THR A 30 -20.02 15.69 19.66
N THR A 31 -21.15 16.33 20.00
CA THR A 31 -21.02 17.57 20.79
C THR A 31 -20.43 17.25 22.17
N ALA A 32 -20.87 16.17 22.82
CA ALA A 32 -20.34 15.80 24.13
C ALA A 32 -18.85 15.50 24.01
N ALA A 33 -18.41 14.82 22.96
CA ALA A 33 -17.02 14.47 22.78
C ALA A 33 -16.19 15.70 22.42
N GLY A 34 -16.80 16.65 21.71
CA GLY A 34 -16.02 17.78 21.22
C GLY A 34 -15.33 17.51 19.90
N SER A 35 -15.62 16.33 19.29
CA SER A 35 -15.06 15.95 18.00
C SER A 35 -15.95 14.87 17.37
N GLY A 36 -15.77 14.66 16.08
CA GLY A 36 -16.58 13.71 15.33
C GLY A 36 -17.24 14.32 14.12
N HIS A 37 -18.12 13.52 13.53
CA HIS A 37 -18.63 13.77 12.22
C HIS A 37 -20.14 13.73 12.10
N PRO A 38 -20.85 14.61 12.80
CA PRO A 38 -22.33 14.52 12.71
C PRO A 38 -22.88 14.73 11.31
N THR A 39 -22.25 15.57 10.51
CA THR A 39 -22.85 15.72 9.18
C THR A 39 -22.70 14.47 8.34
N SER A 40 -21.70 13.67 8.56
CA SER A 40 -21.52 12.39 7.86
C SER A 40 -22.50 11.32 8.37
N CYS A 41 -22.90 11.48 9.64
CA CYS A 41 -23.91 10.59 10.18
C CYS A 41 -25.27 10.93 9.62
N CYS A 42 -25.59 12.22 9.53
CA CYS A 42 -26.92 12.67 9.17
C CYS A 42 -27.31 12.38 7.74
N SER A 43 -26.40 12.34 6.79
CA SER A 43 -26.79 11.96 5.43
C SER A 43 -27.23 10.51 5.37
N ALA A 44 -26.81 9.65 6.31
CA ALA A 44 -27.07 8.23 6.30
C ALA A 44 -28.19 7.78 7.20
N ALA A 45 -28.87 8.77 7.81
CA ALA A 45 -29.85 8.36 8.84
C ALA A 45 -31.04 7.51 8.37
N GLU A 46 -31.64 7.82 7.23
CA GLU A 46 -32.71 6.99 6.70
C GLU A 46 -32.19 5.63 6.25
N ILE A 47 -31.02 5.64 5.62
CA ILE A 47 -30.40 4.38 5.22
C ILE A 47 -30.25 3.45 6.41
N MET A 48 -29.71 3.98 7.51
CA MET A 48 -29.46 3.20 8.72
C MET A 48 -30.76 2.72 9.37
N ALA A 49 -31.75 3.59 9.43
CA ALA A 49 -33.03 3.23 10.03
C ALA A 49 -33.69 2.09 9.23
N VAL A 50 -33.70 2.22 7.90
CA VAL A 50 -34.34 1.20 7.08
C VAL A 50 -33.58 -0.12 7.14
N LEU A 51 -32.27 -0.11 7.04
CA LEU A 51 -31.50 -1.35 7.12
C LEU A 51 -31.74 -2.03 8.45
N PHE A 52 -31.59 -1.35 9.58
CA PHE A 52 -31.63 -2.00 10.89
C PHE A 52 -33.05 -2.30 11.36
N PHE A 53 -34.06 -1.57 10.91
CA PHE A 53 -35.43 -1.73 11.38
C PHE A 53 -36.45 -2.06 10.32
N HIS A 54 -36.03 -2.46 9.12
CA HIS A 54 -36.95 -3.02 8.14
C HIS A 54 -36.30 -4.18 7.38
N THR A 55 -35.15 -3.92 6.74
CA THR A 55 -34.55 -4.89 5.84
C THR A 55 -33.76 -6.01 6.45
N MET A 56 -32.86 -5.68 7.35
N MET A 56 -32.83 -5.66 7.32
CA MET A 56 -31.97 -6.73 7.84
CA MET A 56 -31.90 -6.65 7.87
C MET A 56 -32.55 -7.61 8.94
C MET A 56 -32.58 -7.63 8.84
N ARG A 57 -31.96 -8.81 8.97
CA ARG A 57 -32.34 -9.87 9.90
C ARG A 57 -31.16 -10.21 10.79
N TYR A 58 -31.32 -10.04 12.10
CA TYR A 58 -30.21 -10.25 13.03
C TYR A 58 -30.74 -10.36 14.44
N LYS A 59 -29.96 -10.99 15.30
CA LYS A 59 -30.22 -11.13 16.73
C LYS A 59 -29.68 -9.88 17.41
N SER A 60 -30.59 -9.07 17.93
CA SER A 60 -30.19 -7.80 18.50
C SER A 60 -29.34 -7.99 19.74
N GLN A 61 -29.56 -9.11 20.43
CA GLN A 61 -28.73 -9.30 21.63
C GLN A 61 -27.51 -10.15 21.37
N ASP A 62 -27.27 -10.54 20.12
CA ASP A 62 -26.12 -11.38 19.80
C ASP A 62 -25.61 -10.95 18.43
N PRO A 63 -24.96 -9.78 18.39
CA PRO A 63 -24.51 -9.24 17.12
C PRO A 63 -23.56 -10.16 16.34
N ARG A 64 -22.78 -10.99 17.01
CA ARG A 64 -21.85 -11.85 16.29
C ARG A 64 -22.47 -13.16 15.89
N ASN A 65 -23.76 -13.38 16.08
CA ASN A 65 -24.40 -14.65 15.71
C ASN A 65 -24.15 -15.02 14.26
N PRO A 66 -23.72 -16.25 14.00
CA PRO A 66 -23.35 -16.60 12.62
C PRO A 66 -24.47 -16.58 11.62
N HIS A 67 -25.71 -16.50 12.07
CA HIS A 67 -26.86 -16.55 11.20
C HIS A 67 -27.27 -15.16 10.75
N ASN A 68 -26.73 -14.15 11.43
CA ASN A 68 -27.17 -12.80 11.12
C ASN A 68 -26.72 -12.23 9.79
N ASP A 69 -27.52 -11.37 9.22
CA ASP A 69 -27.04 -10.51 8.13
C ASP A 69 -25.85 -9.72 8.69
N ARG A 70 -24.94 -9.40 7.78
CA ARG A 70 -23.78 -8.59 8.10
C ARG A 70 -23.98 -7.16 7.59
N PHE A 71 -23.52 -6.19 8.38
CA PHE A 71 -23.47 -4.79 8.00
C PHE A 71 -22.03 -4.33 8.21
N VAL A 72 -21.48 -3.69 7.18
CA VAL A 72 -20.14 -3.13 7.20
C VAL A 72 -20.24 -1.63 6.96
N LEU A 73 -19.79 -0.84 7.94
CA LEU A 73 -19.79 0.60 7.82
C LEU A 73 -18.45 1.00 7.18
N SER A 74 -18.38 1.06 5.84
CA SER A 74 -17.09 1.37 5.22
C SER A 74 -16.67 2.81 5.51
N LYS A 75 -17.63 3.72 5.56
CA LYS A 75 -17.39 5.13 5.92
C LYS A 75 -17.43 5.17 7.46
N GLY A 76 -16.37 4.66 8.05
CA GLY A 76 -16.25 4.39 9.46
C GLY A 76 -16.36 5.55 10.38
N HIS A 77 -16.11 6.75 9.93
CA HIS A 77 -16.20 8.00 10.67
C HIS A 77 -17.64 8.33 11.01
N ALA A 78 -18.60 7.59 10.40
CA ALA A 78 -20.00 7.72 10.79
C ALA A 78 -20.29 6.78 11.99
N ALA A 79 -19.26 6.33 12.69
CA ALA A 79 -19.42 5.49 13.84
C ALA A 79 -20.50 5.93 14.83
N PRO A 80 -20.65 7.18 15.15
CA PRO A 80 -21.72 7.51 16.10
C PRO A 80 -23.10 7.01 15.69
N ILE A 81 -23.41 6.97 14.41
CA ILE A 81 -24.73 6.51 14.00
C ILE A 81 -24.83 4.98 14.05
N LEU A 82 -23.72 4.29 13.88
CA LEU A 82 -23.64 2.85 14.11
C LEU A 82 -23.92 2.57 15.60
N TYR A 83 -23.30 3.34 16.49
CA TYR A 83 -23.55 3.13 17.91
C TYR A 83 -25.01 3.39 18.24
N ALA A 84 -25.52 4.50 17.68
CA ALA A 84 -26.91 4.81 17.91
C ALA A 84 -27.87 3.71 17.47
N VAL A 85 -27.65 3.06 16.33
N VAL A 85 -27.62 3.08 16.33
CA VAL A 85 -28.61 2.03 15.91
CA VAL A 85 -28.55 2.05 15.86
C VAL A 85 -28.54 0.87 16.90
C VAL A 85 -28.47 0.81 16.75
N TRP A 86 -27.34 0.52 17.37
CA TRP A 86 -27.24 -0.62 18.28
C TRP A 86 -27.84 -0.29 19.65
N ALA A 87 -27.89 0.99 20.03
CA ALA A 87 -28.67 1.42 21.21
C ALA A 87 -30.16 1.33 20.90
N GLU A 88 -30.61 1.78 19.73
CA GLU A 88 -31.97 1.68 19.30
C GLU A 88 -32.45 0.22 19.25
N ALA A 89 -31.58 -0.68 18.82
CA ALA A 89 -31.94 -2.09 18.76
C ALA A 89 -31.95 -2.75 20.14
N GLY A 90 -31.51 -2.06 21.19
CA GLY A 90 -31.50 -2.55 22.55
C GLY A 90 -30.26 -3.23 23.04
N PHE A 91 -29.18 -3.25 22.27
CA PHE A 91 -27.96 -3.93 22.70
C PHE A 91 -27.06 -3.04 23.54
N LEU A 92 -26.94 -1.79 23.15
N LEU A 92 -26.95 -1.78 23.14
CA LEU A 92 -26.11 -0.77 23.78
CA LEU A 92 -26.17 -0.81 23.88
C LEU A 92 -26.94 0.18 24.63
C LEU A 92 -27.13 0.01 24.76
N ALA A 93 -26.55 0.44 25.89
CA ALA A 93 -27.26 1.33 26.76
C ALA A 93 -27.22 2.72 26.12
N GLU A 94 -28.36 3.39 26.13
N GLU A 94 -28.38 3.38 26.10
CA GLU A 94 -28.53 4.71 25.55
CA GLU A 94 -28.41 4.70 25.48
C GLU A 94 -27.60 5.76 26.17
C GLU A 94 -27.46 5.68 26.15
N ALA A 95 -27.39 5.69 27.48
CA ALA A 95 -26.50 6.65 28.11
C ALA A 95 -25.07 6.49 27.67
N GLU A 96 -24.67 5.29 27.26
CA GLU A 96 -23.26 5.09 26.88
C GLU A 96 -22.90 5.86 25.61
N LEU A 97 -23.87 6.19 24.78
CA LEU A 97 -23.61 6.92 23.54
C LEU A 97 -22.91 8.26 23.78
N LEU A 98 -23.20 8.87 24.93
CA LEU A 98 -22.59 10.17 25.28
C LEU A 98 -21.14 10.05 25.66
N ASN A 99 -20.60 8.86 25.82
CA ASN A 99 -19.20 8.64 26.16
C ASN A 99 -18.33 8.36 24.93
N LEU A 100 -18.87 8.62 23.75
CA LEU A 100 -18.11 8.57 22.49
C LEU A 100 -16.69 9.15 22.64
N ARG A 101 -15.69 8.39 22.20
CA ARG A 101 -14.28 8.85 22.08
C ARG A 101 -13.60 8.99 23.42
N LYS A 102 -14.25 8.64 24.53
CA LYS A 102 -13.61 8.69 25.85
C LYS A 102 -12.73 7.48 26.13
N ILE A 103 -11.65 7.71 26.88
CA ILE A 103 -10.77 6.59 27.22
C ILE A 103 -11.44 5.61 28.15
N SER A 104 -12.57 5.98 28.76
CA SER A 104 -13.36 5.13 29.63
C SER A 104 -14.43 4.36 28.90
N SER A 105 -14.49 4.50 27.59
CA SER A 105 -15.48 3.86 26.73
C SER A 105 -14.86 3.03 25.64
N ASP A 106 -15.67 2.12 25.08
CA ASP A 106 -15.28 1.37 23.88
C ASP A 106 -15.95 1.88 22.62
N LEU A 107 -16.66 2.96 22.57
CA LEU A 107 -17.35 3.69 21.53
C LEU A 107 -16.34 4.68 20.95
N ASP A 108 -15.32 4.08 20.33
CA ASP A 108 -14.14 4.79 19.84
C ASP A 108 -14.56 5.50 18.56
N GLY A 109 -13.73 6.30 18.00
CA GLY A 109 -13.76 7.31 16.97
C GLY A 109 -14.17 6.72 15.65
N HIS A 110 -13.63 5.53 15.43
CA HIS A 110 -14.01 4.69 14.26
C HIS A 110 -14.29 3.30 14.80
N PRO A 111 -15.06 2.47 14.13
CA PRO A 111 -15.44 1.15 14.70
C PRO A 111 -14.26 0.18 14.81
N VAL A 112 -14.33 -0.66 15.86
CA VAL A 112 -13.29 -1.62 16.14
C VAL A 112 -13.92 -2.88 16.75
N PRO A 113 -13.31 -4.04 16.57
CA PRO A 113 -13.94 -5.30 16.99
C PRO A 113 -13.99 -5.59 18.48
N LYS A 114 -13.50 -4.66 19.32
CA LYS A 114 -13.79 -4.78 20.74
C LYS A 114 -15.30 -4.53 20.96
N GLN A 115 -15.96 -3.95 19.96
CA GLN A 115 -17.40 -3.81 19.91
C GLN A 115 -17.99 -5.10 19.34
N ALA A 116 -18.96 -5.74 20.00
CA ALA A 116 -19.52 -7.00 19.53
C ALA A 116 -20.17 -6.88 18.15
N PHE A 117 -20.68 -5.67 17.88
CA PHE A 117 -21.40 -5.38 16.63
C PHE A 117 -20.48 -4.99 15.48
N THR A 118 -19.17 -5.06 15.70
CA THR A 118 -18.19 -4.75 14.65
C THR A 118 -17.36 -5.99 14.34
N ASP A 119 -17.32 -6.40 13.07
CA ASP A 119 -16.48 -7.52 12.66
C ASP A 119 -15.08 -7.05 12.22
N VAL A 120 -15.05 -5.99 11.42
CA VAL A 120 -13.81 -5.48 10.92
C VAL A 120 -13.81 -4.02 11.28
N ALA A 121 -12.70 -3.56 11.76
CA ALA A 121 -12.33 -2.18 11.95
C ALA A 121 -12.36 -1.46 10.59
N THR A 122 -12.92 -0.27 10.58
CA THR A 122 -12.83 0.59 9.40
C THR A 122 -12.38 1.97 9.89
N GLY A 123 -12.09 2.85 8.98
CA GLY A 123 -11.55 4.16 9.27
C GLY A 123 -10.53 4.51 8.20
N SER A 124 -9.86 3.52 7.60
CA SER A 124 -9.11 3.79 6.39
C SER A 124 -10.11 3.56 5.24
N LEU A 125 -10.47 4.64 4.56
CA LEU A 125 -11.54 4.55 3.58
C LEU A 125 -11.27 3.62 2.41
N GLY A 126 -12.34 3.04 1.90
CA GLY A 126 -12.25 2.23 0.71
C GLY A 126 -11.98 0.75 0.90
N GLN A 127 -11.97 0.29 2.15
CA GLN A 127 -11.63 -1.10 2.46
C GLN A 127 -12.84 -1.93 2.86
N GLY A 128 -13.94 -1.33 3.29
CA GLY A 128 -15.04 -2.13 3.80
C GLY A 128 -15.73 -3.00 2.79
N LEU A 129 -15.82 -2.49 1.56
CA LEU A 129 -16.48 -3.30 0.53
C LEU A 129 -15.72 -4.60 0.26
N GLY A 130 -14.41 -4.59 0.29
CA GLY A 130 -13.64 -5.81 0.16
C GLY A 130 -13.91 -6.80 1.27
N ALA A 131 -13.96 -6.31 2.51
CA ALA A 131 -14.30 -7.19 3.64
C ALA A 131 -15.69 -7.77 3.42
N ALA A 132 -16.64 -6.95 3.03
CA ALA A 132 -18.02 -7.36 2.77
C ALA A 132 -18.07 -8.41 1.66
N CYS A 133 -17.23 -8.28 0.64
CA CYS A 133 -17.16 -9.27 -0.42
C CYS A 133 -16.66 -10.59 0.17
N GLY A 134 -15.71 -10.60 1.08
CA GLY A 134 -15.27 -11.85 1.68
C GLY A 134 -16.39 -12.48 2.51
N MET A 135 -17.13 -11.65 3.25
CA MET A 135 -18.28 -12.18 3.99
C MET A 135 -19.35 -12.77 3.08
N ALA A 136 -19.63 -12.07 1.98
CA ALA A 136 -20.67 -12.55 1.05
C ALA A 136 -20.22 -13.81 0.32
N TYR A 137 -18.95 -13.86 -0.09
CA TYR A 137 -18.40 -15.07 -0.73
C TYR A 137 -18.53 -16.24 0.24
N THR A 138 -18.15 -15.99 1.51
CA THR A 138 -18.27 -17.04 2.52
C THR A 138 -19.72 -17.49 2.64
N GLY A 139 -20.66 -16.55 2.71
CA GLY A 139 -22.03 -16.92 2.88
C GLY A 139 -22.60 -17.75 1.77
N LYS A 140 -22.23 -17.39 0.55
CA LYS A 140 -22.76 -18.05 -0.63
C LYS A 140 -22.11 -19.39 -0.93
N TYR A 141 -20.79 -19.44 -0.79
CA TYR A 141 -20.03 -20.58 -1.26
C TYR A 141 -19.47 -21.51 -0.18
N PHE A 142 -19.29 -20.99 1.04
CA PHE A 142 -18.70 -21.83 2.09
C PHE A 142 -19.76 -22.21 3.12
N ASP A 143 -20.33 -21.20 3.79
CA ASP A 143 -21.39 -21.43 4.77
C ASP A 143 -22.67 -21.91 4.07
N LYS A 144 -22.89 -21.48 2.84
CA LYS A 144 -24.04 -21.80 2.02
C LYS A 144 -25.30 -21.47 2.81
N ALA A 145 -25.30 -20.25 3.34
CA ALA A 145 -26.34 -19.77 4.24
C ALA A 145 -27.16 -18.64 3.63
N SER A 146 -28.26 -18.30 4.33
N SER A 146 -28.26 -18.27 4.29
CA SER A 146 -29.19 -17.29 3.82
CA SER A 146 -29.14 -17.25 3.72
C SER A 146 -28.87 -15.84 4.16
C SER A 146 -28.80 -15.82 4.08
N TYR A 147 -27.88 -15.59 5.00
CA TYR A 147 -27.58 -14.20 5.40
C TYR A 147 -27.15 -13.38 4.19
N ARG A 148 -27.46 -12.11 4.32
CA ARG A 148 -27.04 -11.13 3.32
C ARG A 148 -26.04 -10.17 3.95
N VAL A 149 -25.34 -9.46 3.05
CA VAL A 149 -24.28 -8.56 3.49
C VAL A 149 -24.53 -7.18 2.89
N TYR A 150 -24.51 -6.17 3.74
CA TYR A 150 -24.81 -4.79 3.40
C TYR A 150 -23.62 -3.92 3.73
N CYS A 151 -23.18 -3.08 2.81
CA CYS A 151 -22.00 -2.25 3.08
C CYS A 151 -22.29 -0.80 2.69
N LEU A 152 -22.12 0.11 3.63
CA LEU A 152 -22.38 1.51 3.39
C LEU A 152 -21.08 2.26 3.15
N LEU A 153 -21.03 2.94 1.98
CA LEU A 153 -19.89 3.71 1.53
C LEU A 153 -20.19 5.19 1.39
N GLY A 154 -19.18 5.99 1.53
CA GLY A 154 -19.30 7.42 1.17
C GLY A 154 -19.02 7.61 -0.33
N ASP A 155 -19.32 8.80 -0.84
CA ASP A 155 -19.04 9.05 -2.27
C ASP A 155 -17.61 9.48 -2.48
N GLY A 156 -17.00 10.27 -1.59
CA GLY A 156 -15.57 10.57 -1.66
C GLY A 156 -14.75 9.26 -1.64
N GLU A 157 -15.14 8.37 -0.76
CA GLU A 157 -14.54 7.04 -0.57
C GLU A 157 -14.39 6.28 -1.87
N LEU A 158 -15.32 6.50 -2.82
CA LEU A 158 -15.33 5.79 -4.08
C LEU A 158 -14.20 6.17 -5.05
N SER A 159 -13.44 7.19 -4.60
CA SER A 159 -12.24 7.53 -5.32
C SER A 159 -11.13 6.51 -5.05
N GLU A 160 -11.25 5.69 -4.02
CA GLU A 160 -10.22 4.68 -3.75
C GLU A 160 -10.32 3.50 -4.71
N GLY A 161 -9.18 3.16 -5.33
CA GLY A 161 -9.14 2.10 -6.27
C GLY A 161 -9.55 0.76 -5.71
N SER A 162 -9.26 0.55 -4.44
CA SER A 162 -9.65 -0.68 -3.79
C SER A 162 -11.14 -0.92 -3.85
N VAL A 163 -11.94 0.13 -3.84
CA VAL A 163 -13.39 -0.08 -3.97
C VAL A 163 -13.73 -0.73 -5.29
N TRP A 164 -13.09 -0.31 -6.38
CA TRP A 164 -13.38 -0.84 -7.73
C TRP A 164 -12.87 -2.24 -7.88
N GLU A 165 -11.75 -2.60 -7.19
CA GLU A 165 -11.34 -4.00 -7.15
C GLU A 165 -12.44 -4.87 -6.56
N ALA A 166 -13.04 -4.36 -5.46
CA ALA A 166 -14.14 -5.10 -4.84
C ALA A 166 -15.39 -5.17 -5.70
N MET A 167 -15.71 -4.06 -6.38
CA MET A 167 -16.84 -4.06 -7.29
C MET A 167 -16.65 -5.15 -8.34
N ALA A 168 -15.46 -5.22 -8.94
CA ALA A 168 -15.22 -6.23 -9.96
C ALA A 168 -15.26 -7.64 -9.40
N PHE A 169 -14.70 -7.84 -8.21
CA PHE A 169 -14.69 -9.14 -7.56
C PHE A 169 -16.12 -9.65 -7.43
N ALA A 170 -17.00 -8.77 -6.93
CA ALA A 170 -18.38 -9.14 -6.60
C ALA A 170 -19.13 -9.58 -7.87
N SER A 171 -18.84 -8.93 -8.99
N SER A 171 -18.81 -8.92 -8.98
CA SER A 171 -19.55 -9.35 -10.19
CA SER A 171 -19.38 -9.20 -10.29
C SER A 171 -18.88 -10.61 -10.77
C SER A 171 -18.88 -10.55 -10.81
N ILE A 172 -17.56 -10.77 -10.75
CA ILE A 172 -16.94 -12.01 -11.20
C ILE A 172 -17.50 -13.19 -10.45
N TYR A 173 -17.67 -13.06 -9.13
CA TYR A 173 -18.10 -14.18 -8.26
C TYR A 173 -19.59 -14.13 -7.97
N LYS A 174 -20.31 -13.34 -8.76
N LYS A 174 -20.34 -13.33 -8.70
CA LYS A 174 -21.76 -13.25 -8.75
CA LYS A 174 -21.82 -13.39 -8.63
C LYS A 174 -22.33 -13.25 -7.34
C LYS A 174 -22.37 -13.32 -7.23
N LEU A 175 -21.92 -12.26 -6.54
CA LEU A 175 -22.33 -12.10 -5.16
C LEU A 175 -23.70 -11.42 -5.08
N ASP A 176 -24.74 -12.20 -5.37
CA ASP A 176 -26.13 -11.79 -5.40
C ASP A 176 -26.74 -11.71 -4.00
N ASN A 177 -25.91 -11.92 -2.98
CA ASN A 177 -26.24 -11.73 -1.59
C ASN A 177 -25.59 -10.47 -0.98
N LEU A 178 -25.02 -9.63 -1.80
CA LEU A 178 -24.30 -8.41 -1.42
C LEU A 178 -24.97 -7.17 -1.97
N VAL A 179 -25.11 -6.19 -1.11
CA VAL A 179 -25.65 -4.88 -1.38
C VAL A 179 -24.68 -3.79 -0.91
N ALA A 180 -24.35 -2.88 -1.83
CA ALA A 180 -23.56 -1.71 -1.51
C ALA A 180 -24.52 -0.53 -1.53
N ILE A 181 -24.47 0.26 -0.48
CA ILE A 181 -25.28 1.46 -0.36
C ILE A 181 -24.30 2.62 -0.46
N LEU A 182 -24.48 3.45 -1.46
CA LEU A 182 -23.59 4.59 -1.72
C LEU A 182 -24.27 5.86 -1.24
N ASP A 183 -23.67 6.48 -0.23
CA ASP A 183 -24.20 7.70 0.37
C ASP A 183 -23.69 8.90 -0.45
N ILE A 184 -24.43 9.24 -1.50
CA ILE A 184 -24.01 10.26 -2.44
C ILE A 184 -24.50 11.60 -1.90
N ASN A 185 -23.77 12.09 -0.92
CA ASN A 185 -24.11 13.36 -0.31
C ASN A 185 -23.28 14.55 -0.83
N ARG A 186 -22.64 14.38 -1.95
CA ARG A 186 -22.04 15.46 -2.77
C ARG A 186 -20.69 15.99 -2.32
N LEU A 187 -20.44 15.93 -1.00
CA LEU A 187 -19.26 16.55 -0.47
C LEU A 187 -18.28 15.57 0.15
N GLY A 188 -17.00 15.81 -0.01
CA GLY A 188 -15.99 15.06 0.70
C GLY A 188 -15.58 15.79 1.97
N GLN A 189 -14.31 15.63 2.35
CA GLN A 189 -13.84 16.30 3.56
C GLN A 189 -13.54 17.77 3.34
N SER A 190 -12.87 18.12 2.23
CA SER A 190 -12.36 19.46 2.01
C SER A 190 -12.82 20.15 0.73
N ASP A 191 -13.76 19.50 0.03
CA ASP A 191 -14.31 20.04 -1.21
C ASP A 191 -15.41 19.10 -1.66
N PRO A 192 -16.16 19.49 -2.67
CA PRO A 192 -17.13 18.53 -3.20
C PRO A 192 -16.43 17.30 -3.76
N ALA A 193 -17.12 16.15 -3.73
CA ALA A 193 -16.59 14.93 -4.36
C ALA A 193 -16.62 15.14 -5.84
N PRO A 194 -15.72 14.55 -6.62
CA PRO A 194 -15.66 14.85 -8.05
C PRO A 194 -16.96 14.83 -8.83
N LEU A 195 -17.79 13.82 -8.66
CA LEU A 195 -19.04 13.72 -9.43
C LEU A 195 -20.22 14.43 -8.81
N GLN A 196 -20.12 14.98 -7.61
CA GLN A 196 -21.20 15.71 -6.98
C GLN A 196 -22.52 14.92 -7.06
N HIS A 197 -23.60 15.51 -7.57
CA HIS A 197 -24.86 14.81 -7.66
C HIS A 197 -25.19 14.37 -9.09
N GLN A 198 -24.19 13.98 -9.86
CA GLN A 198 -24.36 13.41 -11.20
C GLN A 198 -24.64 11.93 -11.01
N MET A 199 -25.87 11.67 -10.58
CA MET A 199 -26.29 10.31 -10.24
C MET A 199 -26.14 9.32 -11.39
N ASP A 200 -26.39 9.85 -12.58
N ASP A 200 -26.41 9.79 -12.61
CA ASP A 200 -26.30 9.01 -13.78
CA ASP A 200 -26.33 8.86 -13.73
C ASP A 200 -24.90 8.45 -13.98
C ASP A 200 -24.88 8.42 -13.98
N ILE A 201 -23.89 9.24 -13.66
CA ILE A 201 -22.51 8.79 -13.85
CA ILE A 201 -22.52 8.74 -13.89
C ILE A 201 -22.23 7.67 -12.85
N TYR A 202 -22.67 7.84 -11.61
CA TYR A 202 -22.49 6.75 -10.63
C TYR A 202 -23.17 5.48 -11.11
N GLN A 203 -24.40 5.62 -11.66
CA GLN A 203 -25.11 4.44 -12.17
C GLN A 203 -24.33 3.77 -13.29
N LYS A 204 -23.85 4.54 -14.25
CA LYS A 204 -23.10 3.99 -15.37
C LYS A 204 -21.83 3.27 -14.89
N ARG A 205 -21.11 3.85 -13.90
CA ARG A 205 -19.91 3.18 -13.41
C ARG A 205 -20.27 1.87 -12.72
N CYS A 206 -21.30 1.87 -11.89
CA CYS A 206 -21.65 0.62 -11.24
C CYS A 206 -22.09 -0.45 -12.23
N GLU A 207 -22.90 -0.04 -13.23
CA GLU A 207 -23.39 -0.99 -14.19
C GLU A 207 -22.27 -1.54 -15.07
N ALA A 208 -21.28 -0.70 -15.41
CA ALA A 208 -20.18 -1.13 -16.24
C ALA A 208 -19.35 -2.18 -15.53
N PHE A 209 -19.33 -2.14 -14.19
CA PHE A 209 -18.65 -3.08 -13.33
C PHE A 209 -19.53 -4.27 -12.95
N GLY A 210 -20.70 -4.41 -13.57
CA GLY A 210 -21.46 -5.62 -13.43
C GLY A 210 -22.50 -5.64 -12.34
N TRP A 211 -22.77 -4.50 -11.69
CA TRP A 211 -23.74 -4.43 -10.62
C TRP A 211 -25.10 -3.97 -11.18
N HIS A 212 -26.16 -4.40 -10.51
CA HIS A 212 -27.52 -3.90 -10.71
C HIS A 212 -27.59 -2.59 -9.92
N ALA A 213 -27.85 -1.47 -10.55
CA ALA A 213 -27.74 -0.18 -9.92
C ALA A 213 -29.05 0.56 -9.92
N ILE A 214 -29.44 0.95 -8.72
CA ILE A 214 -30.72 1.62 -8.49
C ILE A 214 -30.50 2.99 -7.86
N ILE A 215 -30.91 4.05 -8.53
CA ILE A 215 -30.83 5.38 -7.96
C ILE A 215 -32.07 5.62 -7.09
N VAL A 216 -31.89 6.10 -5.86
CA VAL A 216 -33.01 6.39 -4.98
C VAL A 216 -32.79 7.75 -4.32
N ASP A 217 -33.89 8.31 -3.79
CA ASP A 217 -33.86 9.44 -2.86
C ASP A 217 -33.42 8.83 -1.53
N GLY A 218 -32.19 9.09 -1.08
CA GLY A 218 -31.69 8.50 0.15
C GLY A 218 -32.30 9.00 1.43
N HIS A 219 -33.21 9.98 1.33
CA HIS A 219 -33.92 10.46 2.49
C HIS A 219 -35.41 10.06 2.45
N SER A 220 -35.76 9.15 1.54
CA SER A 220 -37.08 8.57 1.44
C SER A 220 -37.08 7.14 2.02
N VAL A 221 -37.65 7.03 3.24
CA VAL A 221 -37.69 5.70 3.83
C VAL A 221 -38.44 4.73 2.94
N GLU A 222 -39.49 5.17 2.25
CA GLU A 222 -40.25 4.28 1.40
C GLU A 222 -39.44 3.74 0.24
N GLU A 223 -38.70 4.53 -0.51
CA GLU A 223 -37.91 4.23 -1.66
C GLU A 223 -36.80 3.31 -1.14
N LEU A 224 -36.26 3.57 0.03
CA LEU A 224 -35.20 2.69 0.54
C LEU A 224 -35.77 1.31 0.88
N CYS A 225 -36.94 1.29 1.56
CA CYS A 225 -37.53 -0.02 1.85
C CYS A 225 -37.73 -0.85 0.59
N LYS A 226 -38.25 -0.22 -0.43
CA LYS A 226 -38.60 -0.89 -1.68
C LYS A 226 -37.33 -1.38 -2.41
N ALA A 227 -36.30 -0.54 -2.49
CA ALA A 227 -35.07 -0.90 -3.20
C ALA A 227 -34.32 -2.02 -2.48
N PHE A 228 -34.32 -2.02 -1.14
CA PHE A 228 -33.69 -3.07 -0.36
C PHE A 228 -34.53 -4.35 -0.35
N GLY A 229 -35.82 -4.20 -0.61
CA GLY A 229 -36.77 -5.28 -0.53
C GLY A 229 -36.77 -6.23 -1.67
N GLN A 230 -36.16 -5.93 -2.78
CA GLN A 230 -36.04 -6.81 -3.96
C GLN A 230 -34.72 -7.52 -4.08
N ALA A 231 -34.56 -8.87 -4.01
CA ALA A 231 -33.25 -9.53 -4.25
C ALA A 231 -33.02 -9.51 -5.75
N LYS A 232 -31.77 -9.65 -6.19
CA LYS A 232 -31.35 -9.65 -7.59
C LYS A 232 -30.46 -10.84 -7.86
N HIS A 233 -30.09 -11.07 -9.09
CA HIS A 233 -29.15 -12.12 -9.46
C HIS A 233 -27.77 -11.59 -9.61
N GLN A 234 -27.59 -10.29 -9.21
CA GLN A 234 -26.31 -9.67 -9.26
C GLN A 234 -26.00 -8.95 -7.95
N PRO A 235 -24.77 -8.61 -7.67
CA PRO A 235 -24.54 -7.65 -6.56
C PRO A 235 -25.32 -6.37 -6.90
N THR A 236 -25.88 -5.73 -5.87
CA THR A 236 -26.77 -4.59 -6.07
C THR A 236 -26.22 -3.32 -5.44
N ALA A 237 -26.20 -2.24 -6.24
CA ALA A 237 -25.76 -0.95 -5.72
C ALA A 237 -26.96 -0.03 -5.56
N ILE A 238 -27.22 0.39 -4.32
CA ILE A 238 -28.28 1.36 -4.09
C ILE A 238 -27.60 2.70 -4.02
N ILE A 239 -27.80 3.52 -5.04
CA ILE A 239 -27.13 4.80 -5.26
C ILE A 239 -28.03 5.88 -4.72
N ALA A 240 -27.74 6.29 -3.46
CA ALA A 240 -28.66 7.14 -2.72
C ALA A 240 -28.28 8.62 -2.75
N LYS A 241 -29.15 9.40 -3.35
CA LYS A 241 -28.92 10.84 -3.40
C LYS A 241 -29.30 11.40 -2.04
N THR A 242 -28.33 11.98 -1.35
CA THR A 242 -28.50 12.54 -0.02
C THR A 242 -27.84 13.91 0.10
N PHE A 243 -28.10 14.53 1.22
CA PHE A 243 -27.44 15.80 1.54
C PHE A 243 -26.64 15.65 2.83
N LYS A 244 -25.39 16.10 2.82
CA LYS A 244 -24.51 16.03 3.98
C LYS A 244 -25.13 16.93 5.02
N GLY A 245 -25.14 16.48 6.29
CA GLY A 245 -25.81 17.26 7.33
C GLY A 245 -27.32 17.34 7.14
N ARG A 246 -27.93 16.41 6.40
CA ARG A 246 -29.37 16.39 6.25
C ARG A 246 -30.08 16.55 7.60
N GLY A 247 -31.00 17.53 7.63
CA GLY A 247 -31.77 17.76 8.81
C GLY A 247 -31.24 18.77 9.80
N ILE A 248 -30.01 19.22 9.58
CA ILE A 248 -29.39 20.29 10.39
C ILE A 248 -29.54 21.59 9.61
N THR A 249 -30.50 22.40 10.02
N THR A 249 -30.61 22.30 9.98
CA THR A 249 -30.79 23.66 9.33
CA THR A 249 -31.05 23.53 9.38
C THR A 249 -29.56 24.54 9.36
C THR A 249 -29.89 24.52 9.23
N GLY A 250 -29.21 25.15 8.23
N GLY A 250 -29.55 24.77 7.98
CA GLY A 250 -28.04 25.99 8.16
CA GLY A 250 -28.46 25.70 7.67
C GLY A 250 -26.77 25.24 7.86
C GLY A 250 -27.19 25.01 7.26
N VAL A 251 -26.81 23.93 7.91
CA VAL A 251 -25.63 23.11 7.68
C VAL A 251 -25.82 22.15 6.53
N GLU A 252 -27.02 21.65 6.31
CA GLU A 252 -27.36 20.73 5.24
C GLU A 252 -26.81 21.27 3.93
N ASP A 253 -26.05 20.43 3.25
CA ASP A 253 -25.47 20.67 1.92
C ASP A 253 -24.41 21.75 1.86
N LYS A 254 -23.83 22.12 3.00
N LYS A 254 -23.84 22.15 2.99
CA LYS A 254 -22.82 23.15 3.07
CA LYS A 254 -22.82 23.19 2.88
C LYS A 254 -21.41 22.57 3.22
C LYS A 254 -21.44 22.60 3.18
N GLU A 255 -20.44 23.28 2.63
CA GLU A 255 -19.04 22.96 2.83
C GLU A 255 -18.58 23.45 4.20
N SER A 256 -17.37 23.11 4.59
CA SER A 256 -16.73 23.57 5.82
CA SER A 256 -16.74 23.59 5.82
C SER A 256 -17.29 22.97 7.10
N TRP A 257 -17.97 21.82 6.97
CA TRP A 257 -18.58 21.14 8.12
C TRP A 257 -18.17 19.69 8.30
N HIS A 258 -17.30 19.16 7.44
CA HIS A 258 -16.86 17.81 7.65
C HIS A 258 -16.03 17.65 8.91
N GLY A 259 -16.41 16.72 9.78
CA GLY A 259 -15.62 16.50 10.98
C GLY A 259 -15.66 17.64 11.98
N LYS A 260 -16.72 18.43 11.89
CA LYS A 260 -16.87 19.56 12.81
C LYS A 260 -18.11 19.32 13.64
N PRO A 261 -18.00 19.19 14.97
CA PRO A 261 -19.18 19.03 15.80
C PRO A 261 -19.92 20.36 15.94
N LEU A 262 -21.18 20.21 16.33
CA LEU A 262 -21.96 21.41 16.61
C LEU A 262 -21.62 21.93 17.98
N PRO A 263 -21.41 23.22 18.17
CA PRO A 263 -21.21 23.75 19.52
C PRO A 263 -22.47 23.53 20.35
N LYS A 264 -22.34 23.46 21.66
CA LYS A 264 -23.44 23.16 22.57
C LYS A 264 -24.69 23.96 22.27
N ASN A 265 -24.59 25.26 22.11
CA ASN A 265 -25.78 26.09 21.96
C ASN A 265 -26.51 25.70 20.68
N MET A 266 -25.72 25.43 19.63
CA MET A 266 -26.30 25.07 18.35
C MET A 266 -26.92 23.69 18.36
N ALA A 267 -26.21 22.75 18.97
CA ALA A 267 -26.76 21.41 19.12
C ALA A 267 -28.12 21.43 19.82
N GLU A 268 -28.25 22.23 20.87
CA GLU A 268 -29.53 22.29 21.57
C GLU A 268 -30.64 22.79 20.67
N GLN A 269 -30.38 23.83 19.90
CA GLN A 269 -31.42 24.38 19.01
C GLN A 269 -31.81 23.38 17.93
N ILE A 270 -30.81 22.78 17.30
CA ILE A 270 -31.03 21.83 16.23
C ILE A 270 -31.76 20.59 16.72
N ILE A 271 -31.36 20.07 17.89
CA ILE A 271 -32.03 18.88 18.40
C ILE A 271 -33.48 19.19 18.70
N GLN A 272 -33.80 20.36 19.25
CA GLN A 272 -35.21 20.70 19.49
C GLN A 272 -35.97 20.68 18.17
N GLU A 273 -35.40 21.19 17.08
N GLU A 273 -35.40 21.19 17.08
CA GLU A 273 -36.16 21.15 15.84
CA GLU A 273 -35.98 21.24 15.74
C GLU A 273 -36.32 19.75 15.32
C GLU A 273 -36.24 19.84 15.20
N ILE A 274 -35.25 18.95 15.38
CA ILE A 274 -35.44 17.58 14.87
C ILE A 274 -36.47 16.82 15.72
N TYR A 275 -36.40 16.98 17.05
N TYR A 275 -36.43 16.95 17.07
CA TYR A 275 -37.32 16.28 17.92
CA TYR A 275 -37.39 16.25 17.91
C TYR A 275 -38.77 16.66 17.64
C TYR A 275 -38.82 16.62 17.54
N SER A 276 -39.01 17.91 17.24
CA SER A 276 -40.33 18.41 16.86
C SER A 276 -40.92 17.64 15.69
N GLN A 277 -40.08 16.97 14.90
N GLN A 277 -40.13 16.96 14.87
CA GLN A 277 -40.51 16.17 13.76
CA GLN A 277 -40.67 16.19 13.75
C GLN A 277 -40.85 14.73 14.11
C GLN A 277 -40.91 14.73 14.12
N ILE A 278 -40.51 14.31 15.31
CA ILE A 278 -40.73 12.92 15.67
C ILE A 278 -42.13 12.70 16.20
N GLN A 279 -42.86 11.78 15.59
CA GLN A 279 -44.26 11.60 15.96
C GLN A 279 -44.45 10.64 17.12
N SER A 280 -43.59 9.65 17.31
CA SER A 280 -43.79 8.71 18.42
C SER A 280 -42.44 8.28 18.99
N LYS A 281 -42.45 8.02 20.30
CA LYS A 281 -41.24 7.58 21.05
C LYS A 281 -41.03 6.08 20.98
N LYS A 282 -42.02 5.30 20.63
CA LYS A 282 -42.05 3.87 20.40
C LYS A 282 -41.05 3.44 19.35
N LYS A 283 -40.22 2.48 19.78
CA LYS A 283 -39.19 2.02 18.91
C LYS A 283 -39.61 0.74 18.22
N ILE A 284 -39.08 0.57 16.99
CA ILE A 284 -39.24 -0.64 16.20
C ILE A 284 -38.28 -1.70 16.70
N LEU A 285 -38.77 -2.94 16.68
CA LEU A 285 -37.96 -4.08 17.05
C LEU A 285 -37.26 -4.73 15.87
N ALA A 286 -36.01 -5.18 16.04
CA ALA A 286 -35.29 -5.96 15.05
C ALA A 286 -35.99 -7.29 14.84
N THR A 287 -35.78 -7.88 13.67
CA THR A 287 -36.34 -9.16 13.28
C THR A 287 -35.22 -10.16 13.11
N PRO A 288 -35.36 -11.34 13.68
CA PRO A 288 -34.27 -12.35 13.66
C PRO A 288 -34.13 -13.13 12.36
N PRO A 289 -32.94 -13.73 12.21
CA PRO A 289 -32.55 -14.47 11.01
C PRO A 289 -33.00 -15.93 10.91
N GLN A 290 -32.88 -16.50 9.70
CA GLN A 290 -33.07 -17.93 9.50
C GLN A 290 -31.74 -18.57 9.95
N GLU A 291 -31.90 -19.58 10.81
CA GLU A 291 -30.68 -20.18 11.37
C GLU A 291 -30.15 -21.33 10.55
N ASP A 292 -29.53 -21.01 9.43
CA ASP A 292 -29.01 -22.04 8.53
C ASP A 292 -27.52 -21.98 8.28
N ALA A 293 -26.70 -21.26 8.97
CA ALA A 293 -25.24 -21.24 8.90
C ALA A 293 -24.82 -22.52 9.63
N PRO A 294 -23.86 -23.25 9.08
CA PRO A 294 -23.41 -24.49 9.70
C PRO A 294 -22.47 -24.30 10.87
N SER A 295 -22.22 -25.37 11.64
N SER A 295 -22.32 -25.42 11.60
CA SER A 295 -21.25 -25.36 12.72
CA SER A 295 -21.39 -25.46 12.71
C SER A 295 -19.85 -25.35 12.12
C SER A 295 -19.99 -25.46 12.07
N VAL A 296 -18.88 -24.62 12.63
N VAL A 296 -19.05 -24.87 12.76
CA VAL A 296 -17.51 -24.71 12.10
CA VAL A 296 -17.65 -24.77 12.36
C VAL A 296 -16.63 -25.13 13.29
C VAL A 296 -16.79 -25.34 13.48
N ASP A 297 -15.78 -26.12 13.09
CA ASP A 297 -14.87 -26.68 14.08
C ASP A 297 -13.83 -25.62 14.46
N ILE A 298 -13.42 -25.61 15.70
CA ILE A 298 -12.50 -24.66 16.29
C ILE A 298 -11.18 -25.28 16.66
N ALA A 299 -11.06 -26.61 16.60
CA ALA A 299 -9.84 -27.29 17.00
C ALA A 299 -8.56 -26.99 16.24
N ASN A 300 -7.48 -27.42 16.89
N ASN A 300 -7.44 -27.27 16.92
CA ASN A 300 -6.13 -27.35 16.37
CA ASN A 300 -6.12 -27.01 16.32
C ASN A 300 -6.06 -28.03 15.00
C ASN A 300 -6.05 -27.89 15.07
N ILE A 301 -5.38 -27.45 14.04
CA ILE A 301 -5.29 -28.10 12.76
C ILE A 301 -3.92 -28.72 12.63
N ARG A 302 -3.81 -30.01 12.36
CA ARG A 302 -2.52 -30.66 12.28
C ARG A 302 -2.31 -31.26 10.90
N MET A 303 -1.09 -31.18 10.42
CA MET A 303 -0.72 -31.86 9.21
C MET A 303 -0.99 -33.34 9.32
N PRO A 304 -1.44 -34.01 8.26
CA PRO A 304 -1.78 -35.42 8.34
C PRO A 304 -0.60 -36.36 8.55
N SER A 305 0.62 -35.87 8.37
CA SER A 305 1.80 -36.66 8.58
C SER A 305 2.99 -35.70 8.72
N LEU A 306 4.13 -36.16 9.14
CA LEU A 306 5.30 -35.35 9.22
C LEU A 306 5.76 -35.04 7.81
N PRO A 307 6.66 -34.06 7.65
CA PRO A 307 7.21 -33.77 6.31
C PRO A 307 7.91 -35.00 5.75
N SER A 308 7.85 -35.13 4.44
CA SER A 308 8.48 -36.32 3.83
C SER A 308 9.58 -35.94 2.85
N TYR A 309 10.35 -34.94 3.22
N TYR A 309 10.37 -34.93 3.20
CA TYR A 309 11.52 -34.54 2.45
CA TYR A 309 11.53 -34.38 2.53
C TYR A 309 12.64 -35.49 2.74
C TYR A 309 12.81 -35.08 3.01
N LYS A 310 13.77 -35.23 2.12
CA LYS A 310 14.99 -35.97 2.50
C LYS A 310 16.18 -35.03 2.53
N VAL A 311 16.95 -35.14 3.60
CA VAL A 311 18.11 -34.28 3.81
C VAL A 311 19.01 -34.37 2.58
N GLY A 312 19.41 -33.22 2.03
CA GLY A 312 20.24 -33.18 0.86
C GLY A 312 19.47 -32.91 -0.40
N ASP A 313 18.18 -33.24 -0.40
CA ASP A 313 17.42 -32.95 -1.62
C ASP A 313 17.25 -31.45 -1.74
N LYS A 314 17.05 -30.97 -2.95
CA LYS A 314 16.94 -29.54 -3.19
C LYS A 314 15.51 -29.15 -3.52
N ILE A 315 15.01 -28.12 -2.85
CA ILE A 315 13.66 -27.65 -3.12
C ILE A 315 13.63 -26.18 -2.68
N ALA A 316 12.95 -25.37 -3.50
CA ALA A 316 12.75 -23.95 -3.14
C ALA A 316 11.64 -23.87 -2.10
N THR A 317 11.78 -22.95 -1.14
CA THR A 317 10.73 -22.86 -0.13
C THR A 317 9.44 -22.38 -0.76
N ARG A 318 9.43 -21.69 -1.88
CA ARG A 318 8.13 -21.35 -2.48
C ARG A 318 7.39 -22.62 -2.90
N LYS A 319 8.10 -23.63 -3.44
CA LYS A 319 7.40 -24.86 -3.82
C LYS A 319 6.99 -25.63 -2.57
N ALA A 320 7.85 -25.66 -1.56
CA ALA A 320 7.48 -26.35 -0.33
C ALA A 320 6.24 -25.72 0.29
N TYR A 321 6.09 -24.39 0.15
CA TYR A 321 4.84 -23.80 0.67
C TYR A 321 3.58 -24.34 0.03
N GLY A 322 3.60 -24.41 -1.32
CA GLY A 322 2.42 -24.94 -2.04
C GLY A 322 2.12 -26.36 -1.66
N GLN A 323 3.17 -27.17 -1.56
CA GLN A 323 3.01 -28.58 -1.17
C GLN A 323 2.41 -28.65 0.21
N ALA A 324 2.94 -27.87 1.14
CA ALA A 324 2.52 -27.91 2.51
C ALA A 324 1.09 -27.43 2.68
N LEU A 325 0.72 -26.37 1.97
CA LEU A 325 -0.63 -25.81 2.06
C LEU A 325 -1.62 -26.83 1.51
N ALA A 326 -1.31 -27.49 0.39
CA ALA A 326 -2.16 -28.49 -0.21
C ALA A 326 -2.32 -29.62 0.81
N LYS A 327 -1.24 -30.05 1.45
CA LYS A 327 -1.28 -31.11 2.45
C LYS A 327 -2.18 -30.76 3.61
N LEU A 328 -2.01 -29.51 4.11
CA LEU A 328 -2.85 -29.10 5.23
C LEU A 328 -4.33 -29.04 4.88
N GLY A 329 -4.62 -28.73 3.63
CA GLY A 329 -6.01 -28.74 3.24
C GLY A 329 -6.68 -30.10 3.27
N HIS A 330 -5.92 -31.18 3.26
CA HIS A 330 -6.53 -32.49 3.43
C HIS A 330 -6.91 -32.71 4.89
N ALA A 331 -6.27 -31.94 5.77
CA ALA A 331 -6.53 -32.15 7.21
C ALA A 331 -7.71 -31.39 7.75
N SER A 332 -8.00 -30.29 7.02
CA SER A 332 -9.11 -29.46 7.49
C SER A 332 -9.79 -28.70 6.39
N ASP A 333 -11.11 -28.75 6.41
CA ASP A 333 -11.92 -28.03 5.46
C ASP A 333 -12.00 -26.55 5.71
N ARG A 334 -11.50 -26.08 6.81
CA ARG A 334 -11.45 -24.67 7.15
C ARG A 334 -10.39 -23.92 6.37
N ILE A 335 -9.36 -24.56 5.85
CA ILE A 335 -8.28 -23.89 5.16
C ILE A 335 -8.77 -23.42 3.81
N ILE A 336 -8.55 -22.16 3.48
CA ILE A 336 -8.87 -21.64 2.18
C ILE A 336 -7.63 -20.93 1.69
N ALA A 337 -7.44 -20.83 0.35
CA ALA A 337 -6.28 -20.21 -0.27
C ALA A 337 -6.75 -19.13 -1.26
N LEU A 338 -6.01 -18.01 -1.25
CA LEU A 338 -6.28 -16.89 -2.12
C LEU A 338 -4.98 -16.51 -2.81
N ASP A 339 -5.02 -16.08 -4.07
CA ASP A 339 -3.78 -15.67 -4.73
C ASP A 339 -4.13 -14.65 -5.80
N GLY A 340 -3.20 -13.78 -6.14
CA GLY A 340 -3.42 -12.69 -7.10
C GLY A 340 -2.74 -12.90 -8.44
N ASP A 341 -3.23 -13.87 -9.18
CA ASP A 341 -2.72 -14.23 -10.52
C ASP A 341 -1.24 -14.63 -10.49
N THR A 342 -0.77 -15.19 -9.37
CA THR A 342 0.62 -15.61 -9.25
C THR A 342 0.73 -17.06 -8.81
N LYS A 343 -0.36 -17.82 -8.91
CA LYS A 343 -0.37 -19.18 -8.36
C LYS A 343 0.65 -20.16 -8.94
N ASN A 344 1.05 -19.95 -10.17
CA ASN A 344 2.09 -20.81 -10.76
C ASN A 344 3.45 -20.44 -10.23
N SER A 345 3.67 -19.27 -9.65
CA SER A 345 4.94 -18.80 -9.14
C SER A 345 5.07 -18.95 -7.63
N THR A 346 3.93 -18.80 -6.95
CA THR A 346 3.90 -19.01 -5.51
C THR A 346 3.67 -20.46 -5.13
N PHE A 347 3.18 -21.24 -6.09
CA PHE A 347 2.83 -22.65 -6.01
C PHE A 347 1.58 -22.92 -5.23
N SER A 348 0.72 -21.98 -4.98
CA SER A 348 -0.61 -22.05 -4.44
C SER A 348 -1.49 -22.82 -5.46
N GLU A 349 -1.01 -22.93 -6.72
CA GLU A 349 -1.71 -23.74 -7.70
C GLU A 349 -1.82 -25.17 -7.25
N ILE A 350 -0.91 -25.67 -6.42
CA ILE A 350 -1.03 -27.05 -5.97
C ILE A 350 -2.30 -27.23 -5.12
N PHE A 351 -2.56 -26.28 -4.27
CA PHE A 351 -3.77 -26.26 -3.43
C PHE A 351 -4.97 -26.15 -4.38
N LYS A 352 -4.93 -25.27 -5.39
CA LYS A 352 -6.08 -25.17 -6.26
C LYS A 352 -6.40 -26.47 -6.98
N LYS A 353 -5.36 -27.21 -7.35
CA LYS A 353 -5.57 -28.48 -8.00
C LYS A 353 -6.20 -29.50 -7.06
N GLU A 354 -5.81 -29.52 -5.78
CA GLU A 354 -6.33 -30.54 -4.91
C GLU A 354 -7.66 -30.17 -4.25
N HIS A 355 -7.87 -28.87 -4.00
CA HIS A 355 -9.02 -28.36 -3.28
C HIS A 355 -9.64 -27.14 -3.99
N PRO A 356 -10.06 -27.30 -5.23
CA PRO A 356 -10.54 -26.15 -6.03
C PRO A 356 -11.69 -25.36 -5.43
N ASP A 357 -12.56 -26.00 -4.68
CA ASP A 357 -13.71 -25.31 -4.10
C ASP A 357 -13.29 -24.30 -3.03
N ARG A 358 -12.04 -24.45 -2.57
CA ARG A 358 -11.56 -23.59 -1.48
C ARG A 358 -10.44 -22.65 -1.87
N PHE A 359 -10.23 -22.52 -3.18
CA PHE A 359 -9.27 -21.58 -3.74
C PHE A 359 -10.07 -20.40 -4.31
N ILE A 360 -9.57 -19.20 -4.01
CA ILE A 360 -10.18 -17.98 -4.52
C ILE A 360 -9.17 -17.20 -5.37
N GLU A 361 -9.37 -17.16 -6.66
CA GLU A 361 -8.56 -16.39 -7.58
C GLU A 361 -8.97 -14.92 -7.43
N CYS A 362 -7.99 -14.11 -6.97
CA CYS A 362 -8.28 -12.70 -6.72
C CYS A 362 -7.76 -11.77 -7.80
N TYR A 363 -7.08 -12.33 -8.77
CA TYR A 363 -6.56 -11.57 -9.90
C TYR A 363 -5.53 -10.51 -9.45
N ILE A 364 -5.13 -9.57 -10.28
CA ILE A 364 -4.01 -8.68 -9.94
C ILE A 364 -4.55 -7.49 -9.17
N ALA A 365 -4.77 -7.78 -7.90
CA ALA A 365 -5.53 -6.87 -7.01
C ALA A 365 -5.28 -7.26 -5.59
N GLU A 366 -4.06 -6.96 -5.12
CA GLU A 366 -3.55 -7.39 -3.80
C GLU A 366 -4.29 -6.73 -2.68
N GLN A 367 -4.66 -5.45 -2.81
N GLN A 367 -4.67 -5.46 -2.83
CA GLN A 367 -5.41 -4.78 -1.76
CA GLN A 367 -5.45 -4.82 -1.79
C GLN A 367 -6.69 -5.53 -1.49
C GLN A 367 -6.70 -5.61 -1.45
N ASN A 368 -7.47 -5.81 -2.51
CA ASN A 368 -8.72 -6.51 -2.34
C ASN A 368 -8.48 -7.92 -1.80
N MET A 369 -7.45 -8.61 -2.29
CA MET A 369 -7.21 -9.95 -1.80
C MET A 369 -7.07 -9.99 -0.27
N VAL A 370 -6.30 -9.03 0.27
CA VAL A 370 -6.17 -9.03 1.75
C VAL A 370 -7.52 -8.78 2.40
N SER A 371 -8.28 -7.82 1.88
CA SER A 371 -9.59 -7.54 2.46
C SER A 371 -10.55 -8.73 2.33
N ILE A 372 -10.52 -9.48 1.25
CA ILE A 372 -11.32 -10.69 1.11
C ILE A 372 -10.95 -11.68 2.22
N ALA A 373 -9.66 -11.85 2.41
CA ALA A 373 -9.23 -12.80 3.43
C ALA A 373 -9.71 -12.38 4.81
N VAL A 374 -9.59 -11.08 5.12
CA VAL A 374 -10.07 -10.58 6.40
C VAL A 374 -11.54 -10.88 6.54
N GLY A 375 -12.33 -10.60 5.51
CA GLY A 375 -13.76 -10.89 5.59
C GLY A 375 -14.06 -12.39 5.78
N CYS A 376 -13.30 -13.24 5.09
CA CYS A 376 -13.50 -14.69 5.20
C CYS A 376 -13.16 -15.18 6.59
N ALA A 377 -12.24 -14.53 7.30
CA ALA A 377 -11.84 -14.95 8.63
C ALA A 377 -12.75 -14.43 9.71
N THR A 378 -13.62 -13.46 9.39
CA THR A 378 -14.52 -12.93 10.41
C THR A 378 -15.41 -14.07 10.93
N ARG A 379 -15.71 -13.98 12.23
CA ARG A 379 -16.47 -14.97 12.96
C ARG A 379 -15.83 -16.36 12.85
N ASN A 380 -14.53 -16.44 12.59
CA ASN A 380 -13.82 -17.67 12.50
C ASN A 380 -14.39 -18.63 11.48
N ARG A 381 -14.99 -18.12 10.38
CA ARG A 381 -15.65 -19.06 9.46
C ARG A 381 -14.62 -19.84 8.65
N THR A 382 -13.45 -19.28 8.38
CA THR A 382 -12.42 -19.97 7.59
C THR A 382 -11.05 -19.59 8.13
N VAL A 383 -9.99 -20.27 7.68
CA VAL A 383 -8.57 -20.03 8.00
C VAL A 383 -7.87 -19.71 6.68
N PRO A 384 -7.79 -18.42 6.32
CA PRO A 384 -7.26 -18.09 5.01
C PRO A 384 -5.75 -17.95 4.94
N PHE A 385 -5.22 -18.42 3.82
CA PHE A 385 -3.84 -18.23 3.36
C PHE A 385 -3.84 -17.50 2.03
N CYS A 386 -3.36 -16.23 2.03
CA CYS A 386 -3.23 -15.46 0.81
CA CYS A 386 -3.25 -15.51 0.75
C CYS A 386 -1.77 -15.44 0.37
N SER A 387 -1.55 -15.46 -0.93
CA SER A 387 -0.21 -15.44 -1.45
C SER A 387 -0.10 -14.62 -2.73
N THR A 388 1.11 -14.08 -2.86
CA THR A 388 1.64 -13.34 -3.99
C THR A 388 3.15 -13.23 -3.77
N PHE A 389 3.83 -12.46 -4.61
CA PHE A 389 5.24 -12.17 -4.37
C PHE A 389 5.27 -11.25 -3.14
N ALA A 390 6.22 -11.43 -2.23
CA ALA A 390 6.24 -10.55 -1.06
C ALA A 390 6.32 -9.07 -1.43
N ALA A 391 6.99 -8.73 -2.55
CA ALA A 391 7.06 -7.35 -2.94
C ALA A 391 5.69 -6.72 -3.08
N PHE A 392 4.73 -7.50 -3.57
CA PHE A 392 3.41 -6.92 -3.87
C PHE A 392 2.52 -6.87 -2.67
N PHE A 393 2.95 -7.45 -1.52
CA PHE A 393 2.19 -7.19 -0.32
C PHE A 393 2.41 -5.72 0.10
N THR A 394 3.44 -5.02 -0.38
CA THR A 394 3.54 -3.59 -0.09
C THR A 394 2.36 -2.84 -0.67
N ARG A 395 1.71 -3.36 -1.70
N ARG A 395 1.72 -3.36 -1.71
CA ARG A 395 0.52 -2.75 -2.30
CA ARG A 395 0.54 -2.75 -2.29
C ARG A 395 -0.68 -2.77 -1.38
C ARG A 395 -0.65 -2.73 -1.34
N ALA A 396 -0.62 -3.69 -0.41
CA ALA A 396 -1.72 -3.90 0.50
C ALA A 396 -1.40 -3.59 1.96
N PHE A 397 -0.35 -2.78 2.17
CA PHE A 397 0.09 -2.48 3.53
C PHE A 397 -1.04 -1.87 4.35
N ASP A 398 -1.82 -0.93 3.79
CA ASP A 398 -2.91 -0.32 4.62
C ASP A 398 -3.96 -1.36 4.97
N GLN A 399 -4.24 -2.31 4.09
CA GLN A 399 -5.20 -3.37 4.41
C GLN A 399 -4.63 -4.30 5.47
N ILE A 400 -3.33 -4.53 5.42
CA ILE A 400 -2.69 -5.35 6.47
C ILE A 400 -2.70 -4.60 7.82
N ARG A 401 -2.40 -3.31 7.80
CA ARG A 401 -2.40 -2.45 8.96
C ARG A 401 -3.78 -2.47 9.60
N MET A 402 -4.81 -2.29 8.78
CA MET A 402 -6.19 -2.34 9.30
C MET A 402 -6.59 -3.74 9.75
N ALA A 403 -6.02 -4.78 9.15
CA ALA A 403 -6.30 -6.12 9.54
C ALA A 403 -5.88 -6.35 10.98
N ALA A 404 -4.73 -5.76 11.38
CA ALA A 404 -4.28 -5.85 12.78
C ALA A 404 -5.21 -5.06 13.70
N ILE A 405 -5.67 -3.88 13.24
CA ILE A 405 -6.59 -3.09 14.00
C ILE A 405 -7.92 -3.85 14.16
N SER A 406 -8.22 -4.69 13.17
CA SER A 406 -9.38 -5.55 13.15
C SER A 406 -9.20 -6.87 13.93
N GLU A 407 -8.04 -7.06 14.55
CA GLU A 407 -7.71 -8.26 15.32
C GLU A 407 -7.94 -9.49 14.46
N SER A 408 -7.61 -9.38 13.17
CA SER A 408 -7.85 -10.47 12.23
C SER A 408 -6.80 -11.55 12.29
N ASN A 409 -7.28 -12.79 12.07
CA ASN A 409 -6.41 -13.94 11.97
C ASN A 409 -6.30 -14.35 10.49
N ILE A 410 -5.33 -13.75 9.81
CA ILE A 410 -5.09 -14.15 8.40
C ILE A 410 -3.61 -14.55 8.27
N ASN A 411 -3.37 -15.36 7.26
CA ASN A 411 -2.04 -15.85 6.93
C ASN A 411 -1.69 -15.37 5.53
N LEU A 412 -0.46 -14.85 5.45
N LEU A 412 -0.45 -14.84 5.43
CA LEU A 412 0.09 -14.29 4.23
CA LEU A 412 0.03 -14.28 4.18
C LEU A 412 1.40 -14.97 3.89
C LEU A 412 1.38 -14.89 3.85
N CYS A 413 1.54 -15.42 2.66
CA CYS A 413 2.80 -16.02 2.21
C CYS A 413 3.26 -15.22 0.99
N GLY A 414 4.42 -14.59 1.16
CA GLY A 414 5.00 -13.78 0.09
C GLY A 414 6.27 -14.46 -0.42
N SER A 415 6.28 -14.75 -1.70
N SER A 415 6.28 -14.66 -1.73
CA SER A 415 7.41 -15.34 -2.38
CA SER A 415 7.36 -15.30 -2.45
C SER A 415 8.41 -14.41 -2.96
C SER A 415 8.31 -14.40 -3.21
N HIS A 416 9.44 -15.01 -3.61
CA HIS A 416 10.37 -14.18 -4.42
C HIS A 416 11.00 -13.08 -3.59
N CYS A 417 11.42 -13.43 -2.36
CA CYS A 417 12.10 -12.41 -1.57
C CYS A 417 13.53 -12.22 -2.00
N GLY A 418 13.98 -10.97 -1.86
CA GLY A 418 15.37 -10.66 -2.06
C GLY A 418 15.94 -10.62 -3.44
N VAL A 419 17.25 -10.32 -3.53
CA VAL A 419 17.92 -10.28 -4.82
C VAL A 419 18.10 -11.68 -5.38
N SER A 420 17.95 -12.70 -4.55
CA SER A 420 18.20 -14.08 -5.03
C SER A 420 17.24 -14.55 -6.10
N ILE A 421 16.18 -13.80 -6.41
CA ILE A 421 15.34 -14.18 -7.54
C ILE A 421 16.06 -13.98 -8.87
N GLY A 422 17.09 -13.10 -8.90
CA GLY A 422 17.82 -12.93 -10.14
C GLY A 422 17.26 -11.96 -11.15
N GLU A 423 17.04 -12.49 -12.32
CA GLU A 423 16.92 -11.68 -13.52
C GLU A 423 15.72 -10.76 -13.62
N ASP A 424 14.60 -11.04 -12.94
CA ASP A 424 13.50 -10.10 -13.09
C ASP A 424 13.83 -8.70 -12.57
N GLY A 425 14.77 -8.54 -11.63
CA GLY A 425 15.10 -7.23 -11.12
C GLY A 425 14.27 -6.73 -9.98
N PRO A 426 14.61 -5.53 -9.52
CA PRO A 426 14.06 -5.06 -8.23
C PRO A 426 12.55 -4.85 -8.11
N SER A 427 11.86 -4.60 -9.21
CA SER A 427 10.41 -4.42 -9.07
C SER A 427 9.75 -5.65 -8.46
N GLN A 428 10.34 -6.81 -8.64
CA GLN A 428 9.80 -8.06 -8.17
C GLN A 428 10.43 -8.54 -6.87
N MET A 429 11.49 -7.84 -6.41
CA MET A 429 12.24 -8.30 -5.25
C MET A 429 11.72 -7.72 -3.96
N ALA A 430 11.38 -8.55 -2.99
CA ALA A 430 10.97 -8.10 -1.66
C ALA A 430 12.24 -7.82 -0.85
N LEU A 431 12.39 -6.56 -0.49
CA LEU A 431 13.56 -6.12 0.30
C LEU A 431 13.19 -5.27 1.51
N GLU A 432 11.90 -5.09 1.76
CA GLU A 432 11.29 -4.28 2.79
C GLU A 432 10.15 -4.99 3.51
N ASP A 433 9.93 -6.26 3.19
CA ASP A 433 8.78 -6.99 3.73
C ASP A 433 8.98 -7.34 5.19
N LEU A 434 10.22 -7.57 5.62
CA LEU A 434 10.47 -7.85 7.03
C LEU A 434 10.18 -6.57 7.83
N ALA A 435 10.67 -5.44 7.29
CA ALA A 435 10.39 -4.17 7.95
C ALA A 435 8.89 -3.96 8.06
N MET A 436 8.20 -4.15 6.93
CA MET A 436 6.74 -3.96 6.89
C MET A 436 6.00 -4.85 7.85
N PHE A 437 6.19 -6.19 7.77
CA PHE A 437 5.44 -7.07 8.66
C PHE A 437 5.86 -6.99 10.12
N ARG A 438 7.13 -6.72 10.41
CA ARG A 438 7.52 -6.58 11.82
C ARG A 438 6.81 -5.39 12.45
N SER A 439 6.46 -4.35 11.69
CA SER A 439 5.82 -3.14 12.21
C SER A 439 4.32 -3.35 12.46
N VAL A 440 3.82 -4.50 12.03
CA VAL A 440 2.40 -4.81 12.26
C VAL A 440 2.25 -5.44 13.64
N PRO A 441 1.61 -4.77 14.57
N PRO A 441 1.40 -4.89 14.50
CA PRO A 441 1.70 -5.15 15.98
CA PRO A 441 1.07 -5.55 15.77
C PRO A 441 1.18 -6.52 16.33
C PRO A 441 0.32 -6.85 15.49
N THR A 442 0.38 -7.23 15.56
N THR A 442 0.63 -7.79 16.34
CA THR A 442 -0.04 -8.57 15.93
CA THR A 442 0.13 -9.14 16.35
C THR A 442 0.64 -9.63 15.10
C THR A 442 0.89 -9.95 15.30
N SER A 443 1.76 -9.32 14.49
CA SER A 443 2.39 -10.22 13.51
C SER A 443 3.33 -11.24 14.13
N THR A 444 3.41 -12.33 13.41
CA THR A 444 4.37 -13.42 13.57
C THR A 444 5.04 -13.57 12.22
N VAL A 445 6.36 -13.47 12.15
CA VAL A 445 7.10 -13.49 10.89
C VAL A 445 7.98 -14.73 10.83
N PHE A 446 7.57 -15.65 9.95
CA PHE A 446 8.29 -16.89 9.67
C PHE A 446 9.16 -16.72 8.46
N TYR A 447 10.40 -17.16 8.52
CA TYR A 447 11.32 -17.10 7.39
C TYR A 447 11.95 -18.49 7.29
N PRO A 448 11.24 -19.43 6.71
CA PRO A 448 11.76 -20.80 6.64
C PRO A 448 12.94 -20.94 5.68
N SER A 449 13.94 -21.74 6.10
CA SER A 449 15.15 -21.86 5.32
C SER A 449 15.22 -23.08 4.42
N ASP A 450 14.33 -24.05 4.65
CA ASP A 450 14.28 -25.23 3.83
C ASP A 450 12.85 -25.71 3.76
N GLY A 451 12.64 -26.79 3.03
CA GLY A 451 11.31 -27.30 2.81
C GLY A 451 10.66 -27.81 4.08
N VAL A 452 11.44 -28.46 4.94
CA VAL A 452 10.90 -28.94 6.22
C VAL A 452 10.42 -27.78 7.06
N ALA A 453 11.27 -26.76 7.23
CA ALA A 453 10.86 -25.59 8.03
C ALA A 453 9.66 -24.88 7.44
N THR A 454 9.55 -24.92 6.11
CA THR A 454 8.39 -24.31 5.47
C THR A 454 7.09 -25.02 5.84
N GLU A 455 7.09 -26.35 5.75
CA GLU A 455 5.91 -27.11 6.10
C GLU A 455 5.55 -26.88 7.54
N LYS A 456 6.56 -26.87 8.42
CA LYS A 456 6.29 -26.59 9.84
C LYS A 456 5.74 -25.19 10.06
N ALA A 457 6.24 -24.20 9.35
CA ALA A 457 5.75 -22.84 9.42
C ALA A 457 4.30 -22.75 8.98
N VAL A 458 3.92 -23.44 7.90
CA VAL A 458 2.52 -23.42 7.47
C VAL A 458 1.61 -23.97 8.57
N GLU A 459 2.03 -25.10 9.19
CA GLU A 459 1.20 -25.68 10.24
C GLU A 459 1.10 -24.76 11.44
N LEU A 460 2.22 -24.23 11.88
CA LEU A 460 2.20 -23.32 12.99
C LEU A 460 1.35 -22.09 12.69
N ALA A 461 1.56 -21.49 11.51
CA ALA A 461 0.77 -20.30 11.21
C ALA A 461 -0.72 -20.59 11.29
N ALA A 462 -1.18 -21.71 10.79
CA ALA A 462 -2.60 -22.00 10.79
C ALA A 462 -3.19 -21.94 12.19
N ASN A 463 -2.38 -22.31 13.19
CA ASN A 463 -2.83 -22.35 14.56
C ASN A 463 -2.41 -21.16 15.38
N THR A 464 -1.91 -20.11 14.80
CA THR A 464 -1.43 -18.89 15.46
C THR A 464 -2.33 -17.73 15.12
N LYS A 465 -2.77 -17.03 16.15
CA LYS A 465 -3.61 -15.84 15.98
C LYS A 465 -2.76 -14.70 15.46
N GLY A 466 -3.42 -13.72 14.87
CA GLY A 466 -2.81 -12.51 14.41
C GLY A 466 -2.44 -12.53 12.94
N ILE A 467 -1.60 -11.60 12.51
CA ILE A 467 -1.17 -11.49 11.15
C ILE A 467 0.09 -12.35 10.97
N CYS A 468 -0.04 -13.56 10.41
CA CYS A 468 1.10 -14.42 10.18
C CYS A 468 1.64 -14.23 8.76
N PHE A 469 2.96 -13.98 8.68
CA PHE A 469 3.64 -13.84 7.41
C PHE A 469 4.67 -14.93 7.23
N ILE A 470 4.68 -15.59 6.08
CA ILE A 470 5.68 -16.58 5.72
C ILE A 470 6.42 -16.09 4.48
N ARG A 471 7.75 -15.88 4.63
CA ARG A 471 8.62 -15.41 3.61
C ARG A 471 9.24 -16.56 2.85
N THR A 472 8.85 -16.74 1.58
CA THR A 472 9.45 -17.84 0.80
C THR A 472 10.35 -17.30 -0.27
N SER A 473 11.16 -18.09 -0.91
CA SER A 473 12.29 -17.93 -1.73
C SER A 473 12.30 -18.78 -3.00
N ARG A 474 12.99 -18.22 -3.98
CA ARG A 474 13.08 -18.85 -5.32
C ARG A 474 14.24 -19.81 -5.45
N PRO A 475 15.43 -19.60 -4.90
CA PRO A 475 16.49 -20.64 -5.09
C PRO A 475 16.15 -22.01 -4.51
N GLU A 476 16.62 -22.99 -5.26
N GLU A 476 16.59 -23.10 -5.14
CA GLU A 476 16.43 -24.30 -4.67
CA GLU A 476 16.43 -24.50 -4.77
C GLU A 476 17.65 -24.50 -3.77
C GLU A 476 17.48 -25.01 -3.80
N ASN A 477 17.36 -24.70 -2.52
CA ASN A 477 18.42 -25.01 -1.54
C ASN A 477 18.18 -26.41 -0.97
N ALA A 478 19.25 -26.94 -0.39
CA ALA A 478 19.21 -28.25 0.23
C ALA A 478 18.30 -28.31 1.45
N ILE A 479 17.64 -29.45 1.63
CA ILE A 479 17.00 -29.76 2.86
C ILE A 479 18.12 -30.01 3.86
N ILE A 480 18.06 -29.35 5.00
CA ILE A 480 19.06 -29.51 6.04
C ILE A 480 18.47 -30.09 7.32
N TYR A 481 17.15 -30.02 7.48
CA TYR A 481 16.58 -30.53 8.72
C TYR A 481 15.97 -31.90 8.56
N ASN A 482 16.09 -32.73 9.61
CA ASN A 482 15.36 -34.00 9.65
C ASN A 482 13.86 -33.72 9.64
N ASN A 483 13.08 -34.64 9.05
CA ASN A 483 11.65 -34.49 8.93
C ASN A 483 10.96 -34.35 10.28
N ASN A 484 11.56 -34.97 11.30
CA ASN A 484 11.04 -34.98 12.65
C ASN A 484 11.67 -33.93 13.57
N GLU A 485 12.40 -32.95 13.01
CA GLU A 485 12.85 -31.82 13.82
C GLU A 485 11.66 -31.01 14.38
N ASP A 486 11.66 -30.71 15.67
CA ASP A 486 10.56 -29.97 16.26
C ASP A 486 10.75 -28.47 16.04
N PHE A 487 9.72 -27.79 15.57
CA PHE A 487 9.74 -26.37 15.33
C PHE A 487 8.69 -25.67 16.19
N GLN A 488 9.02 -24.47 16.69
CA GLN A 488 8.14 -23.66 17.50
C GLN A 488 8.37 -22.17 17.21
N VAL A 489 7.28 -21.39 17.37
CA VAL A 489 7.31 -19.94 17.18
C VAL A 489 8.25 -19.47 18.26
N GLY A 490 9.23 -18.70 17.92
CA GLY A 490 10.17 -18.02 18.75
C GLY A 490 11.38 -18.85 19.12
N GLN A 491 11.58 -20.00 18.47
CA GLN A 491 12.68 -20.90 18.70
C GLN A 491 13.55 -21.01 17.43
N ALA A 492 14.81 -20.60 17.59
CA ALA A 492 15.78 -20.69 16.52
C ALA A 492 16.47 -22.06 16.58
N LYS A 493 17.32 -22.28 15.57
CA LYS A 493 18.10 -23.52 15.43
C LYS A 493 19.58 -23.23 15.19
N VAL A 494 20.46 -23.93 15.88
CA VAL A 494 21.90 -23.89 15.58
C VAL A 494 22.11 -25.01 14.58
N VAL A 495 22.44 -24.69 13.37
CA VAL A 495 22.58 -25.68 12.32
C VAL A 495 24.03 -26.07 12.14
N LEU A 496 25.01 -25.39 12.71
CA LEU A 496 26.42 -25.72 12.65
C LEU A 496 27.12 -25.17 13.90
N LYS A 497 27.88 -26.02 14.59
CA LYS A 497 28.63 -25.56 15.74
C LYS A 497 29.82 -26.48 16.00
N SER A 498 30.78 -25.94 16.68
CA SER A 498 31.99 -26.59 17.19
C SER A 498 32.43 -25.85 18.45
N LYS A 499 33.39 -26.40 19.18
CA LYS A 499 33.88 -25.84 20.44
C LYS A 499 34.78 -24.62 20.21
N ASP A 500 35.28 -24.49 18.98
CA ASP A 500 36.18 -23.39 18.72
C ASP A 500 35.60 -22.42 17.71
N ASP A 501 34.31 -22.22 17.77
CA ASP A 501 33.67 -21.25 16.86
C ASP A 501 34.08 -19.82 17.16
N GLN A 502 34.40 -19.08 16.12
N GLN A 502 34.40 -19.07 16.12
CA GLN A 502 34.93 -17.73 16.21
CA GLN A 502 34.92 -17.74 16.37
C GLN A 502 33.88 -16.62 16.16
C GLN A 502 33.93 -16.61 16.17
N VAL A 503 32.74 -16.91 15.56
N VAL A 503 32.74 -16.84 15.63
CA VAL A 503 31.64 -15.96 15.44
CA VAL A 503 31.66 -15.94 15.31
C VAL A 503 30.37 -16.76 15.19
C VAL A 503 30.37 -16.76 15.21
N THR A 504 29.25 -16.17 15.56
CA THR A 504 27.92 -16.69 15.36
C THR A 504 27.37 -15.95 14.13
N VAL A 505 27.14 -16.71 13.06
CA VAL A 505 26.60 -16.15 11.80
C VAL A 505 25.12 -16.49 11.77
N ILE A 506 24.28 -15.44 11.73
CA ILE A 506 22.84 -15.59 11.67
C ILE A 506 22.40 -15.31 10.22
N GLY A 507 21.77 -16.30 9.60
CA GLY A 507 21.28 -16.13 8.24
C GLY A 507 19.88 -16.75 8.17
N ALA A 508 19.23 -16.55 7.05
CA ALA A 508 17.87 -17.05 6.82
C ALA A 508 17.69 -17.17 5.34
N GLY A 509 16.89 -18.07 4.85
CA GLY A 509 16.69 -18.54 3.55
C GLY A 509 18.00 -18.67 2.81
N VAL A 510 18.09 -18.00 1.67
CA VAL A 510 19.31 -18.13 0.89
C VAL A 510 20.53 -17.75 1.67
N THR A 511 20.47 -16.79 2.59
CA THR A 511 21.69 -16.43 3.31
C THR A 511 22.07 -17.45 4.39
N LEU A 512 21.16 -18.29 4.85
CA LEU A 512 21.61 -19.39 5.67
C LEU A 512 22.51 -20.36 4.90
N HIS A 513 22.06 -20.67 3.70
CA HIS A 513 22.83 -21.59 2.84
C HIS A 513 24.12 -20.94 2.42
N GLU A 514 24.14 -19.64 2.14
CA GLU A 514 25.41 -18.97 1.87
C GLU A 514 26.32 -19.00 3.11
N ALA A 515 25.76 -18.89 4.32
CA ALA A 515 26.57 -18.98 5.53
C ALA A 515 27.17 -20.36 5.69
N LEU A 516 26.38 -21.43 5.40
CA LEU A 516 26.93 -22.78 5.47
C LEU A 516 28.06 -22.97 4.49
N ALA A 517 27.91 -22.32 3.32
CA ALA A 517 28.95 -22.45 2.32
C ALA A 517 30.21 -21.70 2.75
N ALA A 518 29.96 -20.55 3.38
CA ALA A 518 31.10 -19.78 3.90
C ALA A 518 31.84 -20.60 4.95
N ALA A 519 31.08 -21.34 5.78
CA ALA A 519 31.74 -22.17 6.80
C ALA A 519 32.64 -23.18 6.15
N GLU A 520 32.21 -23.73 5.02
CA GLU A 520 33.14 -24.69 4.38
C GLU A 520 34.37 -23.99 3.86
N LEU A 521 34.24 -22.80 3.27
CA LEU A 521 35.39 -22.07 2.81
C LEU A 521 36.39 -21.76 3.91
N LEU A 522 35.85 -21.31 5.04
CA LEU A 522 36.66 -20.94 6.18
C LEU A 522 37.38 -22.07 6.88
N LYS A 523 36.79 -23.26 6.80
CA LYS A 523 37.36 -24.44 7.45
C LYS A 523 38.76 -24.67 6.89
N LYS A 524 38.87 -24.32 5.60
CA LYS A 524 40.19 -24.51 5.01
C LYS A 524 41.25 -23.66 5.72
N GLU A 525 40.80 -22.57 6.28
CA GLU A 525 41.61 -21.56 6.94
C GLU A 525 41.72 -21.83 8.42
N LYS A 526 41.16 -22.97 8.85
CA LYS A 526 41.14 -23.37 10.24
C LYS A 526 40.31 -22.42 11.10
N ILE A 527 39.27 -21.86 10.48
CA ILE A 527 38.32 -20.98 11.12
C ILE A 527 36.92 -21.59 11.14
N ASN A 528 36.42 -21.82 12.36
CA ASN A 528 35.11 -22.35 12.54
C ASN A 528 34.15 -21.24 12.92
N ILE A 529 32.95 -21.34 12.35
CA ILE A 529 31.84 -20.48 12.61
C ILE A 529 30.58 -21.27 12.98
N ARG A 530 29.84 -20.71 13.93
CA ARG A 530 28.55 -21.20 14.35
C ARG A 530 27.49 -20.59 13.43
N VAL A 531 26.53 -21.38 13.00
CA VAL A 531 25.52 -20.86 12.09
C VAL A 531 24.15 -21.09 12.71
N LEU A 532 23.39 -20.01 12.77
CA LEU A 532 22.07 -19.98 13.44
C LEU A 532 20.99 -19.52 12.46
N ASP A 533 19.89 -20.29 12.49
CA ASP A 533 18.68 -20.09 11.65
C ASP A 533 17.56 -19.59 12.56
N PRO A 534 17.13 -18.35 12.45
CA PRO A 534 16.15 -17.86 13.40
C PRO A 534 14.77 -18.54 13.41
N PHE A 535 14.34 -19.00 12.24
CA PHE A 535 13.03 -19.63 11.99
C PHE A 535 11.92 -18.57 12.03
N THR A 536 11.70 -17.97 13.21
CA THR A 536 10.88 -16.76 13.20
C THR A 536 11.76 -15.51 13.44
N ILE A 537 11.52 -14.48 12.64
CA ILE A 537 12.19 -13.22 12.82
C ILE A 537 11.50 -12.41 13.92
N LYS A 538 10.20 -12.62 14.08
CA LYS A 538 9.35 -12.00 15.09
C LYS A 538 8.41 -13.10 15.55
N PRO A 539 8.49 -13.54 16.78
CA PRO A 539 9.44 -13.13 17.81
C PRO A 539 10.82 -13.77 17.59
N LEU A 540 11.88 -13.13 18.00
CA LEU A 540 13.22 -13.60 17.89
C LEU A 540 13.67 -14.37 19.13
N ASP A 541 14.40 -15.45 18.87
CA ASP A 541 14.96 -16.26 19.99
C ASP A 541 16.22 -15.58 20.56
N ARG A 542 15.94 -14.53 21.34
CA ARG A 542 17.05 -13.79 21.93
C ARG A 542 17.96 -14.67 22.77
N LYS A 543 17.37 -15.62 23.49
N LYS A 543 17.41 -15.64 23.51
CA LYS A 543 18.07 -16.54 24.38
CA LYS A 543 18.24 -16.47 24.39
C LYS A 543 19.13 -17.35 23.66
C LYS A 543 19.24 -17.28 23.59
N LEU A 544 18.74 -17.98 22.54
CA LEU A 544 19.72 -18.79 21.81
C LEU A 544 20.75 -17.95 21.11
N ILE A 545 20.35 -16.81 20.59
CA ILE A 545 21.28 -15.87 19.98
C ILE A 545 22.37 -15.45 20.96
N LEU A 546 22.01 -15.04 22.16
CA LEU A 546 23.02 -14.65 23.15
C LEU A 546 23.81 -15.82 23.67
N ASP A 547 23.21 -16.98 23.90
CA ASP A 547 23.95 -18.16 24.35
C ASP A 547 24.97 -18.50 23.27
N SER A 548 24.61 -18.40 22.00
CA SER A 548 25.53 -18.73 20.90
C SER A 548 26.68 -17.71 20.90
N ALA A 549 26.32 -16.42 20.99
CA ALA A 549 27.36 -15.38 20.95
C ALA A 549 28.35 -15.54 22.08
N ARG A 550 27.82 -15.90 23.25
CA ARG A 550 28.71 -16.08 24.40
C ARG A 550 29.66 -17.22 24.13
N ALA A 551 29.33 -18.18 23.29
CA ALA A 551 30.22 -19.29 22.97
C ALA A 551 31.16 -18.92 21.82
N THR A 552 30.97 -17.79 21.17
CA THR A 552 31.80 -17.37 20.04
C THR A 552 32.40 -15.99 20.24
N LYS A 553 33.04 -15.79 21.38
CA LYS A 553 33.76 -14.57 21.70
C LYS A 553 32.87 -13.34 21.66
N GLY A 554 31.57 -13.51 21.85
CA GLY A 554 30.56 -12.46 21.85
C GLY A 554 30.24 -11.88 20.49
N ARG A 555 30.77 -12.48 19.43
CA ARG A 555 30.62 -11.90 18.11
C ARG A 555 29.47 -12.51 17.32
N ILE A 556 28.64 -11.65 16.79
CA ILE A 556 27.51 -11.94 15.93
C ILE A 556 27.67 -11.23 14.59
N LEU A 557 27.39 -12.00 13.54
CA LEU A 557 27.32 -11.46 12.18
C LEU A 557 25.96 -11.87 11.64
N THR A 558 25.13 -10.91 11.27
CA THR A 558 23.85 -11.19 10.66
CA THR A 558 23.83 -11.12 10.68
C THR A 558 23.93 -10.88 9.17
N VAL A 559 23.39 -11.78 8.34
CA VAL A 559 23.42 -11.67 6.88
C VAL A 559 22.02 -11.95 6.31
N GLU A 560 21.51 -10.95 5.56
CA GLU A 560 20.15 -11.05 5.08
C GLU A 560 19.95 -10.47 3.68
N ASP A 561 19.01 -11.11 2.99
CA ASP A 561 18.59 -10.69 1.65
C ASP A 561 17.37 -9.77 1.82
N HIS A 562 17.65 -8.56 2.29
CA HIS A 562 16.71 -7.53 2.67
C HIS A 562 17.48 -6.25 2.87
N TYR A 563 16.83 -5.12 2.84
CA TYR A 563 17.46 -3.83 3.18
C TYR A 563 17.90 -3.80 4.63
N TYR A 564 18.78 -2.82 4.97
CA TYR A 564 19.28 -2.76 6.32
C TYR A 564 18.25 -2.45 7.41
N GLU A 565 17.30 -1.60 7.03
CA GLU A 565 16.36 -1.12 8.03
C GLU A 565 15.16 -2.02 8.24
N GLY A 566 14.92 -2.30 9.52
CA GLY A 566 13.75 -3.05 9.92
C GLY A 566 13.78 -4.55 9.77
N GLY A 567 14.90 -5.10 9.29
CA GLY A 567 15.04 -6.52 9.06
C GLY A 567 15.70 -7.32 10.17
N ILE A 568 16.36 -8.39 9.74
CA ILE A 568 16.93 -9.31 10.73
C ILE A 568 18.04 -8.66 11.54
N GLY A 569 18.95 -7.96 10.86
CA GLY A 569 20.07 -7.37 11.58
C GLY A 569 19.63 -6.32 12.57
N GLU A 570 18.65 -5.50 12.26
CA GLU A 570 18.18 -4.50 13.24
C GLU A 570 17.40 -5.18 14.35
N ALA A 571 16.65 -6.25 14.03
CA ALA A 571 16.00 -7.01 15.08
C ALA A 571 17.00 -7.60 16.06
N VAL A 572 18.08 -8.19 15.54
CA VAL A 572 19.11 -8.75 16.41
C VAL A 572 19.79 -7.67 17.19
N SER A 573 20.17 -6.58 16.54
CA SER A 573 20.84 -5.45 17.26
C SER A 573 19.96 -4.90 18.37
N SER A 574 18.67 -4.77 18.13
CA SER A 574 17.77 -4.24 19.15
C SER A 574 17.64 -5.25 20.29
N ALA A 575 17.70 -6.55 19.96
CA ALA A 575 17.59 -7.52 21.07
C ALA A 575 18.79 -7.59 21.97
N VAL A 576 20.00 -7.39 21.48
CA VAL A 576 21.19 -7.61 22.27
C VAL A 576 21.99 -6.37 22.64
N VAL A 577 21.59 -5.20 22.18
CA VAL A 577 22.32 -3.97 22.49
C VAL A 577 22.48 -3.80 24.00
N GLY A 578 23.68 -3.44 24.43
CA GLY A 578 23.97 -3.26 25.83
C GLY A 578 24.49 -4.49 26.55
N GLU A 579 24.35 -5.69 25.93
CA GLU A 579 24.81 -6.91 26.61
C GLU A 579 26.33 -6.94 26.66
N PRO A 580 26.90 -7.08 27.84
CA PRO A 580 28.36 -7.03 27.94
C PRO A 580 29.07 -8.04 27.03
N GLY A 581 30.06 -7.54 26.31
CA GLY A 581 30.94 -8.17 25.38
C GLY A 581 30.42 -8.59 24.04
N ILE A 582 29.18 -8.22 23.73
CA ILE A 582 28.54 -8.66 22.49
C ILE A 582 28.77 -7.66 21.39
N THR A 583 29.16 -8.10 20.21
CA THR A 583 29.30 -7.20 19.08
C THR A 583 28.46 -7.75 17.93
N VAL A 584 27.97 -6.87 17.08
CA VAL A 584 27.16 -7.23 15.93
C VAL A 584 27.66 -6.57 14.66
N THR A 585 27.92 -7.38 13.65
CA THR A 585 28.25 -6.92 12.31
C THR A 585 27.05 -7.29 11.43
N HIS A 586 26.67 -6.42 10.53
CA HIS A 586 25.48 -6.62 9.71
C HIS A 586 25.81 -6.51 8.23
N LEU A 587 25.39 -7.53 7.51
CA LEU A 587 25.50 -7.56 6.04
C LEU A 587 24.08 -7.62 5.51
N ALA A 588 23.75 -6.71 4.64
CA ALA A 588 22.42 -6.61 4.02
C ALA A 588 22.57 -5.91 2.68
N VAL A 589 21.44 -5.65 2.02
CA VAL A 589 21.42 -5.02 0.69
C VAL A 589 21.36 -3.52 0.87
N ASN A 590 22.32 -2.77 0.33
CA ASN A 590 22.40 -1.36 0.68
C ASN A 590 21.69 -0.39 -0.26
N ARG A 591 21.07 -0.84 -1.34
CA ARG A 591 20.47 0.05 -2.32
C ARG A 591 19.61 -0.75 -3.30
N VAL A 592 18.85 -0.03 -4.11
CA VAL A 592 18.02 -0.71 -5.08
C VAL A 592 18.84 -1.62 -5.98
N PRO A 593 18.51 -2.91 -6.08
CA PRO A 593 19.24 -3.79 -7.00
C PRO A 593 18.94 -3.63 -8.47
N ARG A 594 19.31 -4.71 -9.18
CA ARG A 594 19.37 -4.71 -10.63
C ARG A 594 19.30 -6.16 -11.09
N SER A 595 19.24 -6.39 -12.40
CA SER A 595 19.18 -7.74 -12.89
C SER A 595 20.53 -8.44 -13.07
N GLY A 596 20.49 -9.74 -12.83
CA GLY A 596 21.64 -10.62 -13.03
C GLY A 596 21.26 -12.00 -12.54
N LYS A 597 22.20 -12.93 -12.64
CA LYS A 597 21.91 -14.23 -12.07
C LYS A 597 21.84 -14.15 -10.55
N PRO A 598 21.06 -15.02 -9.89
CA PRO A 598 20.99 -15.00 -8.41
C PRO A 598 22.35 -14.94 -7.75
N ALA A 599 23.31 -15.79 -8.09
CA ALA A 599 24.61 -15.77 -7.43
C ALA A 599 25.40 -14.50 -7.66
N GLU A 600 25.25 -13.92 -8.87
CA GLU A 600 25.89 -12.65 -9.23
C GLU A 600 25.38 -11.53 -8.33
N LEU A 601 24.06 -11.49 -8.11
CA LEU A 601 23.49 -10.42 -7.30
C LEU A 601 23.84 -10.61 -5.82
N LEU A 602 23.86 -11.86 -5.33
CA LEU A 602 24.28 -12.01 -3.94
C LEU A 602 25.70 -11.52 -3.74
N LYS A 603 26.55 -11.71 -4.73
CA LYS A 603 27.91 -11.16 -4.71
C LYS A 603 27.90 -9.65 -4.81
N MET A 604 27.26 -9.04 -5.78
CA MET A 604 27.24 -7.59 -5.96
C MET A 604 26.77 -6.90 -4.69
N PHE A 605 25.75 -7.50 -4.04
CA PHE A 605 25.17 -6.82 -2.86
C PHE A 605 25.75 -7.30 -1.54
N GLY A 606 26.82 -8.08 -1.62
CA GLY A 606 27.58 -8.33 -0.42
C GLY A 606 27.03 -9.24 0.62
N ILE A 607 26.28 -10.23 0.17
CA ILE A 607 25.65 -11.16 1.11
C ILE A 607 25.84 -12.62 0.71
N ASP A 608 26.83 -12.93 -0.11
CA ASP A 608 27.12 -14.31 -0.53
C ASP A 608 28.21 -14.88 0.37
N ARG A 609 28.47 -16.15 0.05
CA ARG A 609 29.46 -16.91 0.82
C ARG A 609 30.79 -16.20 0.91
N ASP A 610 31.29 -15.57 -0.15
CA ASP A 610 32.60 -14.88 -0.07
C ASP A 610 32.55 -13.62 0.76
N ALA A 611 31.45 -12.86 0.69
CA ALA A 611 31.26 -11.66 1.49
C ALA A 611 31.17 -12.10 2.94
N ILE A 612 30.52 -13.20 3.25
CA ILE A 612 30.41 -13.62 4.64
C ILE A 612 31.78 -14.02 5.19
N ALA A 613 32.51 -14.81 4.40
CA ALA A 613 33.84 -15.26 4.82
C ALA A 613 34.80 -14.09 5.05
N GLN A 614 34.76 -13.07 4.18
CA GLN A 614 35.60 -11.89 4.34
C GLN A 614 35.23 -11.13 5.61
N ALA A 615 33.94 -11.02 5.85
CA ALA A 615 33.44 -10.34 7.04
C ALA A 615 33.98 -11.06 8.27
N VAL A 616 33.85 -12.38 8.25
CA VAL A 616 34.41 -13.14 9.38
C VAL A 616 35.91 -12.96 9.52
N ARG A 617 36.71 -13.08 8.45
CA ARG A 617 38.15 -12.91 8.60
C ARG A 617 38.49 -11.51 9.12
N GLY A 618 37.63 -10.54 8.75
CA GLY A 618 37.88 -9.16 9.17
C GLY A 618 37.69 -8.98 10.66
N LEU A 619 36.58 -9.60 11.09
CA LEU A 619 36.23 -9.56 12.48
C LEU A 619 37.18 -10.23 13.42
N ILE A 620 37.88 -11.27 12.95
CA ILE A 620 38.75 -11.91 13.94
C ILE A 620 39.94 -11.06 14.28
N THR A 621 40.14 -9.98 13.56
CA THR A 621 41.27 -9.07 13.80
C THR A 621 40.93 -7.81 14.58
N GLU B 2 1.38 18.58 -37.84
CA GLU B 2 0.20 18.57 -36.98
C GLU B 2 -0.98 17.97 -37.72
N SER B 3 -1.16 18.03 -39.03
N SER B 3 -1.14 18.01 -39.04
CA SER B 3 -2.17 17.22 -39.68
CA SER B 3 -2.23 17.22 -39.58
C SER B 3 -1.79 15.75 -39.59
C SER B 3 -1.80 15.75 -39.47
N TYR B 4 -2.78 14.85 -39.46
CA TYR B 4 -2.54 13.42 -39.53
C TYR B 4 -1.91 13.11 -40.89
N HIS B 5 -0.87 12.28 -40.94
CA HIS B 5 -0.29 11.81 -42.22
C HIS B 5 -0.92 10.45 -42.49
N LYS B 6 -1.85 10.39 -43.42
CA LYS B 6 -2.55 9.09 -43.67
C LYS B 6 -1.62 8.18 -44.42
N PRO B 7 -1.26 7.07 -43.80
CA PRO B 7 -0.21 6.25 -44.41
C PRO B 7 -0.64 5.53 -45.67
N ASP B 8 0.36 5.35 -46.55
CA ASP B 8 0.16 4.57 -47.76
C ASP B 8 0.43 3.09 -47.45
N GLN B 9 0.13 2.22 -48.40
CA GLN B 9 0.30 0.80 -48.13
C GLN B 9 1.74 0.44 -47.89
N GLN B 10 2.66 1.17 -48.54
N GLN B 10 2.69 1.14 -48.51
CA GLN B 10 4.08 0.89 -48.38
CA GLN B 10 4.10 0.82 -48.30
C GLN B 10 4.46 1.21 -46.92
C GLN B 10 4.51 1.19 -46.87
N LYS B 11 3.99 2.32 -46.36
CA LYS B 11 4.25 2.65 -44.97
C LYS B 11 3.61 1.61 -44.04
N LEU B 12 2.41 1.19 -44.40
CA LEU B 12 1.73 0.17 -43.58
C LEU B 12 2.53 -1.11 -43.63
N GLN B 13 3.00 -1.48 -44.81
CA GLN B 13 3.81 -2.71 -44.86
C GLN B 13 5.10 -2.56 -44.04
N ALA B 14 5.72 -1.37 -44.06
CA ALA B 14 6.92 -1.12 -43.24
C ALA B 14 6.62 -1.21 -41.76
N LEU B 15 5.44 -0.76 -41.40
CA LEU B 15 5.05 -0.85 -39.95
C LEU B 15 4.86 -2.30 -39.58
N LYS B 16 4.29 -3.13 -40.45
N LYS B 16 4.31 -3.11 -40.48
CA LYS B 16 4.14 -4.57 -40.20
CA LYS B 16 4.13 -4.55 -40.26
C LYS B 16 5.52 -5.21 -40.10
C LYS B 16 5.48 -5.24 -40.15
N ASP B 17 6.40 -4.90 -41.05
CA ASP B 17 7.74 -5.43 -41.01
C ASP B 17 8.43 -5.08 -39.70
N THR B 18 8.23 -3.84 -39.26
CA THR B 18 8.79 -3.37 -37.98
C THR B 18 8.24 -4.19 -36.83
N ALA B 19 6.91 -4.35 -36.81
CA ALA B 19 6.29 -5.17 -35.76
C ALA B 19 6.91 -6.55 -35.71
N ASN B 20 7.10 -7.18 -36.87
CA ASN B 20 7.69 -8.51 -36.93
C ASN B 20 9.17 -8.52 -36.55
N ARG B 21 9.96 -7.51 -36.86
CA ARG B 21 11.33 -7.38 -36.33
C ARG B 21 11.30 -7.30 -34.82
N LEU B 22 10.35 -6.55 -34.24
CA LEU B 22 10.22 -6.40 -32.78
C LEU B 22 9.89 -7.75 -32.13
N ARG B 23 9.04 -8.54 -32.79
CA ARG B 23 8.77 -9.88 -32.33
C ARG B 23 10.04 -10.72 -32.32
N ILE B 24 10.77 -10.74 -33.42
CA ILE B 24 12.02 -11.51 -33.52
C ILE B 24 12.99 -11.12 -32.43
N SER B 25 13.13 -9.80 -32.24
CA SER B 25 14.09 -9.41 -31.22
C SER B 25 13.69 -9.81 -29.80
N SER B 26 12.42 -9.71 -29.49
CA SER B 26 11.90 -10.07 -28.18
C SER B 26 12.17 -11.54 -27.93
N ILE B 27 12.00 -12.38 -28.94
CA ILE B 27 12.30 -13.80 -28.81
C ILE B 27 13.77 -14.05 -28.67
N GLN B 28 14.56 -13.43 -29.55
CA GLN B 28 16.00 -13.65 -29.45
C GLN B 28 16.55 -13.26 -28.09
N ALA B 29 16.12 -12.12 -27.59
CA ALA B 29 16.71 -11.64 -26.34
C ALA B 29 16.33 -12.51 -25.15
N THR B 30 15.04 -12.93 -25.12
CA THR B 30 14.58 -13.76 -23.99
C THR B 30 15.11 -15.17 -24.11
N THR B 31 15.23 -15.74 -25.30
CA THR B 31 15.87 -17.06 -25.43
C THR B 31 17.33 -16.94 -25.03
N ALA B 32 18.04 -15.88 -25.39
CA ALA B 32 19.43 -15.69 -24.97
C ALA B 32 19.56 -15.61 -23.45
N ALA B 33 18.63 -14.88 -22.82
CA ALA B 33 18.68 -14.70 -21.37
C ALA B 33 18.28 -15.96 -20.64
N GLY B 34 17.38 -16.76 -21.27
CA GLY B 34 16.79 -17.89 -20.62
C GLY B 34 15.66 -17.55 -19.68
N SER B 35 15.15 -16.32 -19.80
CA SER B 35 13.99 -15.91 -19.02
C SER B 35 13.40 -14.67 -19.70
N GLY B 36 12.18 -14.33 -19.31
CA GLY B 36 11.48 -13.19 -19.91
C GLY B 36 10.15 -13.57 -20.47
N HIS B 37 9.52 -12.65 -21.19
CA HIS B 37 8.10 -12.68 -21.50
C HIS B 37 7.81 -12.43 -22.97
N PRO B 38 8.35 -13.27 -23.84
CA PRO B 38 8.11 -12.99 -25.27
C PRO B 38 6.67 -12.98 -25.67
N THR B 39 5.81 -13.77 -25.02
CA THR B 39 4.40 -13.73 -25.47
C THR B 39 3.75 -12.41 -25.12
N SER B 40 4.18 -11.76 -24.06
CA SER B 40 3.66 -10.44 -23.66
C SER B 40 4.18 -9.33 -24.54
N CYS B 41 5.37 -9.55 -25.12
CA CYS B 41 5.92 -8.62 -26.09
C CYS B 41 5.15 -8.70 -27.39
N CYS B 42 4.87 -9.92 -27.85
CA CYS B 42 4.33 -10.18 -29.16
C CYS B 42 2.90 -9.67 -29.31
N SER B 43 2.07 -9.65 -28.28
CA SER B 43 0.74 -9.08 -28.42
C SER B 43 0.81 -7.59 -28.70
N ALA B 44 1.89 -6.92 -28.28
CA ALA B 44 2.00 -5.46 -28.41
C ALA B 44 2.83 -5.00 -29.59
N ALA B 45 3.25 -5.90 -30.47
CA ALA B 45 4.22 -5.50 -31.51
C ALA B 45 3.70 -4.47 -32.49
N GLU B 46 2.45 -4.59 -32.97
CA GLU B 46 1.93 -3.57 -33.89
C GLU B 46 1.71 -2.26 -33.16
N ILE B 47 1.20 -2.31 -31.92
CA ILE B 47 1.06 -1.11 -31.10
C ILE B 47 2.40 -0.36 -31.00
N MET B 48 3.46 -1.08 -30.68
CA MET B 48 4.79 -0.48 -30.52
C MET B 48 5.31 0.08 -31.83
N ALA B 49 5.16 -0.70 -32.92
CA ALA B 49 5.61 -0.18 -34.22
C ALA B 49 4.94 1.11 -34.60
N VAL B 50 3.60 1.14 -34.46
CA VAL B 50 2.84 2.32 -34.88
C VAL B 50 3.15 3.48 -33.93
N LEU B 51 3.22 3.30 -32.63
CA LEU B 51 3.56 4.43 -31.75
C LEU B 51 4.91 5.00 -32.08
N PHE B 52 5.96 4.16 -32.17
CA PHE B 52 7.30 4.69 -32.31
C PHE B 52 7.59 5.08 -33.77
N PHE B 53 6.91 4.54 -34.77
CA PHE B 53 7.33 4.82 -36.14
C PHE B 53 6.25 5.41 -37.03
N HIS B 54 5.18 5.88 -36.36
CA HIS B 54 4.17 6.64 -37.06
C HIS B 54 3.67 7.78 -36.19
N THR B 55 3.16 7.45 -35.01
CA THR B 55 2.47 8.43 -34.21
C THR B 55 3.28 9.42 -33.39
N MET B 56 4.21 8.89 -32.60
N MET B 56 4.21 8.91 -32.60
CA MET B 56 4.94 9.77 -31.72
CA MET B 56 5.03 9.65 -31.66
C MET B 56 5.99 10.62 -32.42
C MET B 56 6.03 10.56 -32.36
N ARG B 57 6.33 11.67 -31.68
CA ARG B 57 7.31 12.64 -32.10
C ARG B 57 8.38 12.68 -31.00
N TYR B 58 9.64 12.37 -31.33
CA TYR B 58 10.70 12.34 -30.33
C TYR B 58 12.06 12.41 -31.05
N LYS B 59 13.09 12.84 -30.33
CA LYS B 59 14.48 12.89 -30.79
C LYS B 59 15.05 11.51 -30.50
N SER B 60 15.37 10.74 -31.57
CA SER B 60 15.86 9.37 -31.41
C SER B 60 17.18 9.28 -30.70
N GLN B 61 18.01 10.35 -30.77
CA GLN B 61 19.30 10.29 -30.09
C GLN B 61 19.25 11.00 -28.75
N ASP B 62 18.09 11.48 -28.33
CA ASP B 62 17.98 12.19 -27.06
C ASP B 62 16.63 11.86 -26.43
N PRO B 63 16.53 10.63 -25.92
CA PRO B 63 15.25 10.20 -25.37
C PRO B 63 14.70 11.05 -24.24
N ARG B 64 15.54 11.69 -23.43
CA ARG B 64 15.07 12.51 -22.33
C ARG B 64 14.73 13.94 -22.73
N ASN B 65 14.79 14.31 -23.99
CA ASN B 65 14.56 15.65 -24.50
C ASN B 65 13.23 16.15 -23.97
N PRO B 66 13.20 17.34 -23.40
CA PRO B 66 11.94 17.78 -22.79
C PRO B 66 10.79 18.04 -23.74
N HIS B 67 11.07 18.07 -25.03
CA HIS B 67 10.03 18.34 -26.03
C HIS B 67 9.40 17.10 -26.58
N ASN B 68 9.98 15.93 -26.28
CA ASN B 68 9.48 14.66 -26.78
C ASN B 68 8.13 14.22 -26.27
N ASP B 69 7.35 13.51 -27.09
CA ASP B 69 6.23 12.78 -26.54
C ASP B 69 6.79 11.80 -25.53
N ARG B 70 6.01 11.45 -24.54
CA ARG B 70 6.33 10.46 -23.53
C ARG B 70 5.61 9.15 -23.81
N PHE B 71 6.31 8.06 -23.52
CA PHE B 71 5.78 6.70 -23.59
C PHE B 71 6.06 6.02 -22.25
N VAL B 72 5.02 5.46 -21.66
CA VAL B 72 5.13 4.70 -20.39
C VAL B 72 4.69 3.27 -20.65
N LEU B 73 5.60 2.32 -20.45
CA LEU B 73 5.33 0.90 -20.56
C LEU B 73 4.81 0.43 -19.21
N SER B 74 3.50 0.53 -18.98
CA SER B 74 2.99 0.13 -17.67
C SER B 74 3.13 -1.39 -17.45
N LYS B 75 2.96 -2.18 -18.51
CA LYS B 75 3.15 -3.63 -18.47
C LYS B 75 4.65 -3.85 -18.69
N GLY B 76 5.46 -3.55 -17.70
CA GLY B 76 6.90 -3.46 -17.73
C GLY B 76 7.65 -4.68 -18.10
N HIS B 77 7.07 -5.86 -17.94
CA HIS B 77 7.63 -7.16 -18.28
C HIS B 77 7.69 -7.34 -19.78
N ALA B 78 7.12 -6.42 -20.56
CA ALA B 78 7.35 -6.38 -21.99
C ALA B 78 8.60 -5.54 -22.33
N ALA B 79 9.46 -5.34 -21.32
CA ALA B 79 10.70 -4.58 -21.55
C ALA B 79 11.46 -4.97 -22.81
N PRO B 80 11.62 -6.23 -23.15
CA PRO B 80 12.42 -6.51 -24.36
C PRO B 80 11.91 -5.80 -25.60
N ILE B 81 10.60 -5.57 -25.74
CA ILE B 81 10.15 -4.90 -26.97
C ILE B 81 10.37 -3.40 -26.90
N LEU B 82 10.38 -2.86 -25.68
CA LEU B 82 10.80 -1.46 -25.49
C LEU B 82 12.26 -1.29 -25.90
N TYR B 83 13.09 -2.24 -25.48
CA TYR B 83 14.50 -2.17 -25.87
C TYR B 83 14.64 -2.31 -27.40
N ALA B 84 13.88 -3.21 -28.02
CA ALA B 84 13.90 -3.38 -29.46
C ALA B 84 13.53 -2.12 -30.21
N VAL B 85 12.49 -1.41 -29.73
CA VAL B 85 12.10 -0.21 -30.48
C VAL B 85 13.23 0.85 -30.43
N TRP B 86 13.92 0.96 -29.31
CA TRP B 86 15.00 1.97 -29.19
C TRP B 86 16.18 1.52 -30.01
N ALA B 87 16.38 0.23 -30.27
CA ALA B 87 17.42 -0.21 -31.20
C ALA B 87 16.94 0.12 -32.62
N GLU B 88 15.67 -0.16 -32.91
CA GLU B 88 15.10 0.15 -34.23
C GLU B 88 15.21 1.64 -34.56
N ALA B 89 15.03 2.46 -33.53
CA ALA B 89 15.10 3.90 -33.66
C ALA B 89 16.55 4.42 -33.80
N GLY B 90 17.54 3.56 -33.58
CA GLY B 90 18.95 3.86 -33.72
C GLY B 90 19.64 4.34 -32.46
N PHE B 91 18.98 4.33 -31.32
CA PHE B 91 19.64 4.81 -30.11
C PHE B 91 20.50 3.74 -29.45
N LEU B 92 19.96 2.54 -29.40
N LEU B 92 19.96 2.53 -29.40
CA LEU B 92 20.55 1.36 -28.79
CA LEU B 92 20.65 1.38 -28.85
C LEU B 92 21.16 0.40 -29.80
C LEU B 92 21.29 0.56 -29.98
N ALA B 93 22.42 -0.01 -29.60
CA ALA B 93 23.06 -0.95 -30.51
C ALA B 93 22.25 -2.26 -30.54
N GLU B 94 22.04 -2.73 -31.76
N GLU B 94 22.01 -2.76 -31.75
CA GLU B 94 21.28 -3.95 -31.95
CA GLU B 94 21.22 -3.98 -31.94
C GLU B 94 21.86 -5.10 -31.15
C GLU B 94 21.84 -5.14 -31.20
N ALA B 95 23.18 -5.25 -31.18
CA ALA B 95 23.83 -6.34 -30.48
C ALA B 95 23.56 -6.37 -28.96
N GLU B 96 23.37 -5.15 -28.39
CA GLU B 96 23.15 -5.10 -26.95
C GLU B 96 21.86 -5.76 -26.56
N LEU B 97 20.91 -5.83 -27.44
CA LEU B 97 19.63 -6.46 -27.09
C LEU B 97 19.82 -7.89 -26.58
N LEU B 98 20.84 -8.58 -27.08
CA LEU B 98 21.06 -9.99 -26.70
C LEU B 98 21.61 -10.12 -25.30
N ASN B 99 21.98 -8.98 -24.69
CA ASN B 99 22.49 -9.00 -23.33
C ASN B 99 21.44 -8.72 -22.24
N LEU B 100 20.16 -8.80 -22.63
CA LEU B 100 19.03 -8.70 -21.73
C LEU B 100 19.26 -9.48 -20.46
N ARG B 101 19.00 -8.84 -19.34
CA ARG B 101 19.03 -9.39 -17.99
C ARG B 101 20.41 -9.76 -17.45
N LYS B 102 21.49 -9.45 -18.16
CA LYS B 102 22.84 -9.71 -17.69
C LYS B 102 23.33 -8.65 -16.73
N ILE B 103 24.18 -9.06 -15.79
CA ILE B 103 24.73 -8.12 -14.82
C ILE B 103 25.68 -7.11 -15.46
N SER B 104 26.10 -7.40 -16.67
CA SER B 104 26.97 -6.57 -17.46
C SER B 104 26.20 -5.60 -18.33
N SER B 105 24.87 -5.62 -18.27
CA SER B 105 24.04 -4.80 -19.09
C SER B 105 23.12 -3.95 -18.24
N ASP B 106 22.58 -2.91 -18.88
CA ASP B 106 21.55 -2.10 -18.27
C ASP B 106 20.16 -2.37 -18.84
N LEU B 107 19.88 -3.32 -19.67
CA LEU B 107 18.70 -3.86 -20.32
C LEU B 107 18.13 -4.90 -19.36
N ASP B 108 17.72 -4.38 -18.20
CA ASP B 108 17.26 -5.21 -17.12
C ASP B 108 15.87 -5.75 -17.41
N GLY B 109 15.31 -6.57 -16.59
CA GLY B 109 14.21 -7.46 -16.64
C GLY B 109 12.92 -6.68 -16.80
N HIS B 110 12.92 -5.56 -16.07
CA HIS B 110 11.85 -4.57 -16.22
C HIS B 110 12.51 -3.22 -16.40
N PRO B 111 11.88 -2.23 -17.00
CA PRO B 111 12.54 -0.94 -17.30
C PRO B 111 12.86 -0.12 -16.04
N VAL B 112 13.98 0.60 -16.06
CA VAL B 112 14.49 1.40 -14.96
C VAL B 112 15.15 2.65 -15.57
N PRO B 113 15.17 3.76 -14.86
CA PRO B 113 15.67 5.06 -15.36
C PRO B 113 17.16 5.17 -15.55
N LYS B 114 17.95 4.15 -15.28
CA LYS B 114 19.32 4.12 -15.71
C LYS B 114 19.36 4.01 -17.24
N GLN B 115 18.24 3.62 -17.85
CA GLN B 115 18.03 3.65 -19.30
C GLN B 115 17.60 5.04 -19.69
N ALA B 116 18.25 5.70 -20.66
CA ALA B 116 17.85 7.08 -20.98
C ALA B 116 16.42 7.19 -21.47
N PHE B 117 15.95 6.10 -22.08
CA PHE B 117 14.60 6.06 -22.67
C PHE B 117 13.53 5.69 -21.64
N THR B 118 13.90 5.57 -20.35
CA THR B 118 12.93 5.27 -19.34
C THR B 118 12.87 6.40 -18.30
N ASP B 119 11.66 6.88 -18.05
CA ASP B 119 11.48 7.93 -17.07
C ASP B 119 11.17 7.40 -15.64
N VAL B 120 10.28 6.44 -15.64
CA VAL B 120 9.86 5.79 -14.40
C VAL B 120 10.06 4.30 -14.60
N ALA B 121 10.55 3.63 -13.61
CA ALA B 121 10.59 2.21 -13.46
C ALA B 121 9.16 1.69 -13.37
N THR B 122 8.91 0.59 -14.08
CA THR B 122 7.66 -0.11 -13.95
C THR B 122 8.06 -1.57 -13.69
N GLY B 123 7.11 -2.38 -13.39
CA GLY B 123 7.28 -3.76 -13.01
C GLY B 123 6.28 -4.16 -11.94
N SER B 124 5.89 -3.20 -11.09
CA SER B 124 4.72 -3.45 -10.23
C SER B 124 3.50 -2.96 -11.00
N LEU B 125 2.64 -3.87 -11.39
CA LEU B 125 1.56 -3.54 -12.33
C LEU B 125 0.58 -2.54 -11.78
N GLY B 126 0.03 -1.77 -12.72
CA GLY B 126 -1.00 -0.85 -12.41
C GLY B 126 -0.57 0.55 -11.99
N GLN B 127 0.71 0.87 -12.09
CA GLN B 127 1.22 2.15 -11.66
C GLN B 127 1.59 3.07 -12.81
N GLY B 128 1.80 2.56 -14.01
CA GLY B 128 2.27 3.44 -15.06
C GLY B 128 1.32 4.51 -15.49
N LEU B 129 0.04 4.20 -15.49
CA LEU B 129 -0.91 5.21 -15.92
C LEU B 129 -0.94 6.41 -15.02
N GLY B 130 -0.74 6.20 -13.72
CA GLY B 130 -0.72 7.34 -12.81
C GLY B 130 0.49 8.22 -13.07
N ALA B 131 1.66 7.57 -13.35
CA ALA B 131 2.85 8.36 -13.71
C ALA B 131 2.57 9.15 -14.99
N ALA B 132 1.95 8.48 -15.98
CA ALA B 132 1.56 9.11 -17.23
C ALA B 132 0.64 10.27 -17.02
N CYS B 133 -0.30 10.17 -16.09
CA CYS B 133 -1.18 11.28 -15.79
C CYS B 133 -0.38 12.44 -15.24
N GLY B 134 0.63 12.20 -14.41
CA GLY B 134 1.46 13.30 -13.94
C GLY B 134 2.19 14.00 -15.08
N MET B 135 2.73 13.22 -15.99
CA MET B 135 3.41 13.77 -17.16
C MET B 135 2.46 14.59 -18.01
N ALA B 136 1.26 14.08 -18.23
CA ALA B 136 0.26 14.76 -19.05
C ALA B 136 -0.26 16.03 -18.36
N TYR B 137 -0.49 15.99 -17.06
CA TYR B 137 -0.92 17.17 -16.31
C TYR B 137 0.19 18.21 -16.43
N THR B 138 1.42 17.80 -16.25
CA THR B 138 2.57 18.70 -16.37
C THR B 138 2.60 19.32 -17.76
N GLY B 139 2.47 18.49 -18.79
CA GLY B 139 2.52 19.01 -20.15
C GLY B 139 1.43 20.00 -20.45
N LYS B 140 0.19 19.77 -20.01
N LYS B 140 0.22 19.75 -19.98
CA LYS B 140 -0.92 20.65 -20.33
CA LYS B 140 -0.93 20.59 -20.27
C LYS B 140 -0.99 21.90 -19.48
C LYS B 140 -1.01 21.88 -19.47
N TYR B 141 -0.78 21.78 -18.17
CA TYR B 141 -0.95 22.86 -17.23
C TYR B 141 0.32 23.57 -16.78
N PHE B 142 1.47 22.93 -16.74
CA PHE B 142 2.71 23.53 -16.25
C PHE B 142 3.66 23.87 -17.40
N ASP B 143 4.07 22.86 -18.17
CA ASP B 143 4.95 23.14 -19.30
C ASP B 143 4.13 23.88 -20.37
N LYS B 144 2.84 23.63 -20.47
CA LYS B 144 1.92 24.15 -21.46
C LYS B 144 2.52 23.95 -22.86
N ALA B 145 2.92 22.70 -23.09
CA ALA B 145 3.65 22.24 -24.28
C ALA B 145 2.82 21.32 -25.16
N SER B 146 3.32 21.03 -26.36
N SER B 146 3.33 21.02 -26.35
CA SER B 146 2.58 20.20 -27.31
CA SER B 146 2.69 20.20 -27.35
C SER B 146 2.84 18.72 -27.17
C SER B 146 2.82 18.70 -27.17
N TYR B 147 3.77 18.25 -26.34
CA TYR B 147 3.97 16.80 -26.26
C TYR B 147 2.74 16.09 -25.72
N ARG B 148 2.59 14.86 -26.16
CA ARG B 148 1.53 13.93 -25.80
C ARG B 148 2.16 12.80 -24.97
N VAL B 149 1.31 12.11 -24.25
CA VAL B 149 1.76 11.04 -23.38
C VAL B 149 0.97 9.77 -23.71
N TYR B 150 1.67 8.65 -23.93
CA TYR B 150 1.11 7.36 -24.34
C TYR B 150 1.47 6.33 -23.29
N CYS B 151 0.52 5.58 -22.80
CA CYS B 151 0.75 4.56 -21.80
C CYS B 151 0.13 3.23 -22.21
N LEU B 152 0.98 2.20 -22.30
CA LEU B 152 0.56 0.87 -22.68
C LEU B 152 0.41 0.00 -21.42
N LEU B 153 -0.81 -0.54 -21.27
CA LEU B 153 -1.24 -1.40 -20.17
C LEU B 153 -1.64 -2.79 -20.67
N GLY B 154 -1.48 -3.75 -19.78
CA GLY B 154 -2.07 -5.06 -19.96
C GLY B 154 -3.51 -5.15 -19.52
N ASP B 155 -4.19 -6.23 -19.91
CA ASP B 155 -5.59 -6.35 -19.48
C ASP B 155 -5.69 -6.95 -18.08
N GLY B 156 -4.87 -7.93 -17.69
CA GLY B 156 -4.84 -8.37 -16.30
C GLY B 156 -4.53 -7.21 -15.38
N GLU B 157 -3.59 -6.36 -15.81
CA GLU B 157 -3.19 -5.16 -15.08
C GLU B 157 -4.34 -4.25 -14.69
N LEU B 158 -5.39 -4.26 -15.52
CA LEU B 158 -6.55 -3.40 -15.26
C LEU B 158 -7.38 -3.85 -14.05
N SER B 159 -7.04 -4.96 -13.44
CA SER B 159 -7.65 -5.36 -12.19
C SER B 159 -7.14 -4.54 -11.00
N GLU B 160 -6.01 -3.85 -11.19
CA GLU B 160 -5.48 -3.00 -10.12
C GLU B 160 -6.30 -1.72 -9.94
N GLY B 161 -6.75 -1.49 -8.70
CA GLY B 161 -7.53 -0.29 -8.43
C GLY B 161 -6.84 1.01 -8.77
N SER B 162 -5.51 1.00 -8.61
CA SER B 162 -4.75 2.20 -8.91
C SER B 162 -4.95 2.65 -10.35
N VAL B 163 -5.17 1.72 -11.27
CA VAL B 163 -5.43 2.12 -12.66
C VAL B 163 -6.67 2.97 -12.74
N TRP B 164 -7.76 2.61 -12.01
CA TRP B 164 -9.04 3.29 -12.06
C TRP B 164 -8.95 4.63 -11.40
N GLU B 165 -8.11 4.75 -10.37
CA GLU B 165 -7.87 6.07 -9.78
C GLU B 165 -7.30 6.99 -10.87
N ALA B 166 -6.36 6.47 -11.66
CA ALA B 166 -5.74 7.24 -12.75
C ALA B 166 -6.73 7.58 -13.84
N MET B 167 -7.56 6.58 -14.18
N MET B 167 -7.60 6.65 -14.23
CA MET B 167 -8.58 6.88 -15.16
CA MET B 167 -8.56 7.07 -15.27
C MET B 167 -9.48 8.02 -14.71
C MET B 167 -9.49 8.13 -14.71
N ALA B 168 -9.93 8.00 -13.46
CA ALA B 168 -10.78 9.07 -12.95
C ALA B 168 -10.04 10.39 -12.89
N PHE B 169 -8.77 10.39 -12.49
CA PHE B 169 -7.97 11.62 -12.47
C PHE B 169 -7.93 12.27 -13.83
N ALA B 170 -7.64 11.46 -14.85
CA ALA B 170 -7.48 11.98 -16.21
C ALA B 170 -8.74 12.66 -16.72
N SER B 171 -9.89 12.10 -16.36
N SER B 171 -9.89 12.10 -16.34
CA SER B 171 -11.13 12.75 -16.86
CA SER B 171 -11.19 12.62 -16.71
C SER B 171 -11.46 13.97 -16.01
C SER B 171 -11.46 13.95 -16.01
N ILE B 172 -11.26 13.97 -14.69
CA ILE B 172 -11.47 15.16 -13.89
C ILE B 172 -10.62 16.31 -14.41
N TYR B 173 -9.37 16.03 -14.71
CA TYR B 173 -8.43 17.07 -15.15
C TYR B 173 -8.30 17.19 -16.66
N LYS B 174 -9.19 16.59 -17.42
CA LYS B 174 -9.34 16.86 -18.84
C LYS B 174 -8.03 16.71 -19.57
N LEU B 175 -7.40 15.55 -19.35
CA LEU B 175 -6.08 15.25 -19.97
C LEU B 175 -6.26 14.73 -21.39
N ASP B 176 -6.56 15.68 -22.29
N ASP B 176 -6.59 15.64 -22.31
CA ASP B 176 -6.80 15.43 -23.71
CA ASP B 176 -6.80 15.29 -23.71
C ASP B 176 -5.51 15.32 -24.52
C ASP B 176 -5.52 14.94 -24.45
N ASN B 177 -4.39 15.25 -23.81
CA ASN B 177 -3.05 14.96 -24.32
C ASN B 177 -2.54 13.59 -23.87
N LEU B 178 -3.41 12.77 -23.26
CA LEU B 178 -3.11 11.43 -22.78
C LEU B 178 -3.89 10.35 -23.52
N VAL B 179 -3.17 9.31 -23.86
CA VAL B 179 -3.69 8.11 -24.53
C VAL B 179 -3.27 6.88 -23.74
N ALA B 180 -4.23 6.07 -23.36
CA ALA B 180 -4.01 4.78 -22.75
C ALA B 180 -4.31 3.74 -23.86
N ILE B 181 -3.36 2.84 -24.07
CA ILE B 181 -3.50 1.73 -24.99
C ILE B 181 -3.64 0.46 -24.16
N LEU B 182 -4.75 -0.26 -24.32
CA LEU B 182 -5.02 -1.44 -23.52
C LEU B 182 -4.77 -2.68 -24.40
N ASP B 183 -3.80 -3.48 -24.00
CA ASP B 183 -3.43 -4.67 -24.75
C ASP B 183 -4.34 -5.80 -24.30
N ILE B 184 -5.50 -5.88 -24.93
CA ILE B 184 -6.51 -6.87 -24.53
C ILE B 184 -6.23 -8.21 -25.20
N ASN B 185 -5.23 -8.89 -24.65
CA ASN B 185 -4.80 -10.15 -25.24
C ASN B 185 -5.39 -11.37 -24.51
N ARG B 186 -6.42 -11.19 -23.67
CA ARG B 186 -7.27 -12.21 -23.11
C ARG B 186 -6.73 -12.95 -21.90
N LEU B 187 -5.41 -13.09 -21.80
CA LEU B 187 -4.77 -13.94 -20.79
C LEU B 187 -3.93 -13.16 -19.81
N GLY B 188 -4.00 -13.54 -18.54
CA GLY B 188 -3.13 -13.02 -17.52
C GLY B 188 -1.89 -13.92 -17.39
N GLN B 189 -1.32 -13.96 -16.19
CA GLN B 189 -0.14 -14.80 -15.92
C GLN B 189 -0.51 -16.27 -15.81
N SER B 190 -1.58 -16.54 -15.05
CA SER B 190 -1.92 -17.90 -14.66
C SER B 190 -3.32 -18.35 -15.02
N ASP B 191 -4.04 -17.58 -15.82
CA ASP B 191 -5.41 -17.91 -16.24
C ASP B 191 -5.87 -16.79 -17.16
N PRO B 192 -7.00 -16.94 -17.82
CA PRO B 192 -7.55 -15.82 -18.58
C PRO B 192 -7.86 -14.67 -17.65
N ALA B 193 -7.73 -13.45 -18.19
CA ALA B 193 -8.15 -12.22 -17.51
C ALA B 193 -9.66 -12.29 -17.37
N PRO B 194 -10.24 -11.73 -16.33
CA PRO B 194 -11.67 -11.85 -16.06
C PRO B 194 -12.59 -11.58 -17.25
N LEU B 195 -12.36 -10.48 -17.98
CA LEU B 195 -13.21 -10.15 -19.09
C LEU B 195 -12.83 -10.79 -20.42
N GLN B 196 -11.71 -11.46 -20.50
CA GLN B 196 -11.30 -12.08 -21.76
C GLN B 196 -11.46 -11.13 -22.97
N HIS B 197 -12.18 -11.50 -24.02
CA HIS B 197 -12.34 -10.67 -25.19
C HIS B 197 -13.70 -10.04 -25.31
N GLN B 198 -14.27 -9.69 -24.15
CA GLN B 198 -15.53 -8.98 -24.06
C GLN B 198 -15.21 -7.49 -24.17
N MET B 199 -14.91 -7.11 -25.40
CA MET B 199 -14.44 -5.76 -25.74
C MET B 199 -15.44 -4.69 -25.36
N ASP B 200 -16.72 -5.00 -25.48
CA ASP B 200 -17.75 -4.04 -25.14
C ASP B 200 -17.77 -3.67 -23.67
N ILE B 201 -17.44 -4.60 -22.80
CA ILE B 201 -17.37 -4.30 -21.36
CA ILE B 201 -17.40 -4.27 -21.37
C ILE B 201 -16.22 -3.36 -21.07
N TYR B 202 -15.05 -3.61 -21.69
CA TYR B 202 -13.93 -2.68 -21.51
C TYR B 202 -14.35 -1.30 -22.01
N GLN B 203 -15.05 -1.23 -23.13
CA GLN B 203 -15.46 0.10 -23.62
C GLN B 203 -16.39 0.79 -22.64
N LYS B 204 -17.38 0.06 -22.12
CA LYS B 204 -18.31 0.61 -21.17
C LYS B 204 -17.63 1.11 -19.91
N ARG B 205 -16.66 0.38 -19.43
CA ARG B 205 -15.96 0.82 -18.21
C ARG B 205 -15.16 2.07 -18.46
N CYS B 206 -14.43 2.10 -19.59
CA CYS B 206 -13.64 3.30 -19.91
C CYS B 206 -14.55 4.52 -20.11
N GLU B 207 -15.67 4.34 -20.82
CA GLU B 207 -16.58 5.45 -21.05
C GLU B 207 -17.20 5.94 -19.76
N ALA B 208 -17.54 5.02 -18.86
CA ALA B 208 -18.18 5.43 -17.61
C ALA B 208 -17.23 6.28 -16.79
N PHE B 209 -15.92 6.09 -16.97
CA PHE B 209 -14.91 6.84 -16.27
C PHE B 209 -14.44 8.05 -17.06
N GLY B 210 -15.16 8.39 -18.12
CA GLY B 210 -15.01 9.64 -18.79
C GLY B 210 -14.02 9.68 -19.94
N TRP B 211 -13.59 8.52 -20.40
CA TRP B 211 -12.67 8.46 -21.50
C TRP B 211 -13.38 8.24 -22.83
N HIS B 212 -12.77 8.74 -23.91
CA HIS B 212 -13.23 8.45 -25.26
C HIS B 212 -12.60 7.06 -25.56
N ALA B 213 -13.41 6.07 -25.85
CA ALA B 213 -12.96 4.70 -25.96
C ALA B 213 -13.20 4.19 -27.36
N ILE B 214 -12.13 3.70 -27.97
CA ILE B 214 -12.14 3.19 -29.32
C ILE B 214 -11.66 1.74 -29.33
N ILE B 215 -12.48 0.84 -29.82
CA ILE B 215 -12.09 -0.56 -29.92
C ILE B 215 -11.43 -0.75 -31.28
N VAL B 216 -10.25 -1.36 -31.32
CA VAL B 216 -9.55 -1.62 -32.55
C VAL B 216 -9.06 -3.06 -32.60
N ASP B 217 -8.73 -3.53 -33.79
CA ASP B 217 -7.95 -4.75 -33.98
C ASP B 217 -6.49 -4.34 -33.71
N GLY B 218 -5.95 -4.83 -32.57
CA GLY B 218 -4.59 -4.47 -32.18
C GLY B 218 -3.47 -5.04 -33.02
N HIS B 219 -3.85 -5.87 -33.99
CA HIS B 219 -2.84 -6.37 -34.93
C HIS B 219 -3.02 -5.73 -36.30
N SER B 220 -3.85 -4.70 -36.41
CA SER B 220 -4.01 -3.94 -37.65
C SER B 220 -3.22 -2.65 -37.57
N VAL B 221 -2.12 -2.54 -38.26
CA VAL B 221 -1.36 -1.30 -38.24
C VAL B 221 -2.19 -0.16 -38.77
N GLU B 222 -3.07 -0.41 -39.74
CA GLU B 222 -3.83 0.73 -40.24
C GLU B 222 -4.81 1.26 -39.24
N GLU B 223 -5.59 0.50 -38.50
CA GLU B 223 -6.60 0.81 -37.55
C GLU B 223 -5.88 1.51 -36.40
N LEU B 224 -4.68 1.05 -36.06
CA LEU B 224 -3.92 1.73 -35.01
C LEU B 224 -3.47 3.11 -35.48
N CYS B 225 -2.95 3.19 -36.71
CA CYS B 225 -2.56 4.54 -37.18
C CYS B 225 -3.73 5.53 -37.06
N LYS B 226 -4.88 5.06 -37.54
CA LYS B 226 -6.05 5.92 -37.56
C LYS B 226 -6.53 6.30 -36.19
N ALA B 227 -6.59 5.33 -35.26
CA ALA B 227 -7.06 5.66 -33.92
C ALA B 227 -6.16 6.59 -33.15
N PHE B 228 -4.85 6.40 -33.32
CA PHE B 228 -3.93 7.31 -32.67
C PHE B 228 -3.88 8.67 -33.34
N GLY B 229 -4.30 8.74 -34.58
CA GLY B 229 -4.15 9.94 -35.36
C GLY B 229 -5.23 10.96 -35.15
N GLN B 230 -6.28 10.68 -34.37
N GLN B 230 -6.36 10.35 -34.81
CA GLN B 230 -7.24 11.71 -34.04
CA GLN B 230 -7.65 11.01 -34.70
C GLN B 230 -7.10 12.30 -32.63
C GLN B 230 -7.53 12.17 -33.70
N ALA B 231 -6.85 13.58 -32.35
N ALA B 231 -8.15 13.29 -34.03
CA ALA B 231 -6.81 14.13 -30.99
CA ALA B 231 -8.13 14.41 -33.10
C ALA B 231 -8.24 14.26 -30.45
C ALA B 231 -8.70 13.96 -31.77
N LYS B 232 -8.50 14.28 -29.16
N LYS B 232 -8.06 14.31 -30.66
CA LYS B 232 -9.84 14.36 -28.61
CA LYS B 232 -8.53 13.92 -29.33
C LYS B 232 -9.95 15.44 -27.54
C LYS B 232 -9.14 15.10 -28.61
N HIS B 233 -11.11 15.69 -26.96
N HIS B 233 -10.22 14.87 -27.88
CA HIS B 233 -11.17 16.70 -25.88
CA HIS B 233 -10.92 15.92 -27.15
C HIS B 233 -11.13 15.96 -24.56
C HIS B 233 -10.99 15.64 -25.66
N GLN B 234 -11.04 14.63 -24.64
N GLN B 234 -10.41 14.51 -25.24
CA GLN B 234 -10.95 13.77 -23.48
CA GLN B 234 -10.42 14.14 -23.82
C GLN B 234 -9.74 12.88 -23.56
C GLN B 234 -9.50 12.97 -23.60
N PRO B 235 -9.29 12.38 -22.43
CA PRO B 235 -8.30 11.27 -22.43
C PRO B 235 -8.92 10.16 -23.26
N THR B 236 -8.08 9.49 -24.06
CA THR B 236 -8.55 8.49 -25.00
C THR B 236 -7.97 7.12 -24.73
N ALA B 237 -8.88 6.15 -24.73
CA ALA B 237 -8.50 4.76 -24.52
C ALA B 237 -8.64 3.99 -25.83
N ILE B 238 -7.52 3.45 -26.27
CA ILE B 238 -7.45 2.57 -27.44
C ILE B 238 -7.48 1.16 -26.91
N ILE B 239 -8.63 0.52 -27.11
CA ILE B 239 -8.94 -0.79 -26.56
C ILE B 239 -8.63 -1.80 -27.64
N ALA B 240 -7.44 -2.38 -27.54
CA ALA B 240 -6.94 -3.17 -28.65
C ALA B 240 -7.10 -4.66 -28.43
N LYS B 241 -7.90 -5.28 -29.28
CA LYS B 241 -8.12 -6.73 -29.26
C LYS B 241 -6.87 -7.37 -29.87
N THR B 242 -6.18 -8.14 -29.07
CA THR B 242 -4.94 -8.81 -29.46
C THR B 242 -4.94 -10.26 -29.00
N PHE B 243 -3.88 -10.99 -29.46
CA PHE B 243 -3.68 -12.35 -29.03
C PHE B 243 -2.31 -12.44 -28.36
N LYS B 244 -2.24 -13.08 -27.20
CA LYS B 244 -0.98 -13.25 -26.48
C LYS B 244 -0.12 -14.16 -27.32
N GLY B 245 1.17 -13.83 -27.44
CA GLY B 245 2.01 -14.64 -28.31
C GLY B 245 1.70 -14.50 -29.77
N ARG B 246 1.05 -13.42 -30.20
CA ARG B 246 0.70 -13.18 -31.61
C ARG B 246 1.91 -13.42 -32.50
N GLY B 247 1.74 -14.26 -33.52
CA GLY B 247 2.82 -14.52 -34.46
C GLY B 247 3.71 -15.68 -34.18
N ILE B 248 3.59 -16.28 -33.00
CA ILE B 248 4.30 -17.49 -32.61
C ILE B 248 3.37 -18.68 -32.80
N THR B 249 3.55 -19.36 -33.94
CA THR B 249 2.68 -20.47 -34.32
C THR B 249 2.66 -21.52 -33.20
N GLY B 250 1.44 -21.88 -32.84
CA GLY B 250 1.22 -22.86 -31.81
C GLY B 250 1.19 -22.32 -30.40
N VAL B 251 1.66 -21.13 -30.18
CA VAL B 251 1.70 -20.49 -28.88
C VAL B 251 0.68 -19.39 -28.78
N GLU B 252 0.37 -18.72 -29.89
CA GLU B 252 -0.61 -17.66 -29.93
C GLU B 252 -1.92 -18.07 -29.28
N ASP B 253 -2.41 -17.25 -28.37
CA ASP B 253 -3.69 -17.46 -27.67
C ASP B 253 -3.75 -18.64 -26.74
N LYS B 254 -2.60 -19.20 -26.37
N LYS B 254 -2.60 -19.18 -26.34
CA LYS B 254 -2.61 -20.35 -25.48
CA LYS B 254 -2.49 -20.33 -25.47
C LYS B 254 -2.18 -19.96 -24.05
C LYS B 254 -2.10 -19.96 -24.03
N GLU B 255 -2.70 -20.76 -23.12
CA GLU B 255 -2.34 -20.65 -21.72
C GLU B 255 -0.97 -21.33 -21.56
N SER B 256 -0.41 -21.18 -20.36
CA SER B 256 0.79 -21.84 -19.91
CA SER B 256 0.80 -21.84 -19.92
C SER B 256 2.06 -21.29 -20.56
N TRP B 257 2.00 -20.07 -21.12
CA TRP B 257 3.15 -19.48 -21.77
C TRP B 257 3.57 -18.11 -21.22
N HIS B 258 2.93 -17.60 -20.15
CA HIS B 258 3.34 -16.33 -19.63
C HIS B 258 4.71 -16.42 -18.99
N GLY B 259 5.66 -15.57 -19.35
CA GLY B 259 6.97 -15.59 -18.72
C GLY B 259 7.79 -16.83 -18.98
N LYS B 260 7.51 -17.49 -20.10
CA LYS B 260 8.24 -18.66 -20.51
C LYS B 260 8.91 -18.33 -21.82
N PRO B 261 10.23 -18.39 -21.84
CA PRO B 261 10.96 -18.15 -23.09
C PRO B 261 10.84 -19.36 -24.00
N LEU B 262 11.09 -19.11 -25.28
CA LEU B 262 11.16 -20.25 -26.20
C LEU B 262 12.51 -20.94 -26.07
N PRO B 263 12.54 -22.27 -26.06
CA PRO B 263 13.84 -22.96 -26.09
C PRO B 263 14.53 -22.63 -27.40
N LYS B 264 15.85 -22.74 -27.46
CA LYS B 264 16.66 -22.38 -28.62
C LYS B 264 16.16 -22.99 -29.90
N ASN B 265 15.87 -24.30 -29.86
CA ASN B 265 15.46 -24.93 -31.12
C ASN B 265 14.16 -24.35 -31.64
N MET B 266 13.24 -24.03 -30.74
CA MET B 266 11.93 -23.50 -31.10
C MET B 266 12.03 -22.06 -31.60
N ALA B 267 12.84 -21.27 -30.89
CA ALA B 267 13.12 -19.88 -31.27
C ALA B 267 13.62 -19.81 -32.70
N GLU B 268 14.56 -20.70 -33.02
CA GLU B 268 15.10 -20.68 -34.40
C GLU B 268 14.01 -20.93 -35.45
N GLN B 269 13.15 -21.91 -35.23
CA GLN B 269 12.06 -22.22 -36.16
C GLN B 269 11.05 -21.09 -36.26
N ILE B 270 10.64 -20.57 -35.10
CA ILE B 270 9.68 -19.47 -35.16
C ILE B 270 10.23 -18.22 -35.81
N ILE B 271 11.49 -17.91 -35.49
CA ILE B 271 12.09 -16.71 -36.07
C ILE B 271 12.18 -16.83 -37.57
N GLN B 272 12.50 -18.02 -38.12
CA GLN B 272 12.53 -18.19 -39.57
C GLN B 272 11.14 -17.91 -40.14
N GLU B 273 10.08 -18.38 -39.48
N GLU B 273 10.10 -18.39 -39.44
CA GLU B 273 8.75 -18.12 -40.02
CA GLU B 273 8.71 -18.24 -39.80
C GLU B 273 8.41 -16.63 -39.96
C GLU B 273 8.34 -16.75 -39.87
N ILE B 274 8.68 -15.99 -38.84
CA ILE B 274 8.35 -14.57 -38.82
C ILE B 274 9.16 -13.80 -39.86
N TYR B 275 10.45 -14.10 -39.98
N TYR B 275 10.46 -14.09 -40.01
CA TYR B 275 11.29 -13.44 -40.98
CA TYR B 275 11.28 -13.41 -41.01
C TYR B 275 10.75 -13.61 -42.38
C TYR B 275 10.71 -13.57 -42.41
N SER B 276 10.14 -14.75 -42.67
CA SER B 276 9.58 -14.99 -44.01
C SER B 276 8.45 -14.03 -44.31
N GLN B 277 7.88 -13.36 -43.35
CA GLN B 277 6.75 -12.44 -43.51
C GLN B 277 7.20 -11.00 -43.72
N ILE B 278 8.50 -10.77 -43.54
CA ILE B 278 9.04 -9.41 -43.64
C ILE B 278 9.44 -9.09 -45.07
N GLN B 279 8.87 -8.03 -45.62
CA GLN B 279 9.15 -7.69 -47.00
C GLN B 279 10.38 -6.86 -47.23
N SER B 280 10.76 -6.00 -46.30
CA SER B 280 11.95 -5.18 -46.56
C SER B 280 12.70 -5.00 -45.25
N LYS B 281 14.01 -4.98 -45.39
CA LYS B 281 14.89 -4.75 -44.26
C LYS B 281 15.02 -3.27 -43.89
N LYS B 282 14.52 -2.40 -44.77
CA LYS B 282 14.69 -0.94 -44.55
C LYS B 282 13.84 -0.52 -43.37
N LYS B 283 14.47 0.29 -42.51
CA LYS B 283 13.80 0.75 -41.30
C LYS B 283 13.17 2.15 -41.49
N ILE B 284 12.09 2.36 -40.74
CA ILE B 284 11.44 3.66 -40.66
C ILE B 284 12.23 4.56 -39.71
N LEU B 285 12.39 5.85 -40.03
CA LEU B 285 12.99 6.83 -39.15
C LEU B 285 11.94 7.48 -38.23
N ALA B 286 12.34 7.78 -37.00
CA ALA B 286 11.53 8.53 -36.03
C ALA B 286 11.33 9.92 -36.59
N THR B 287 10.38 10.68 -36.11
CA THR B 287 10.14 12.05 -36.53
C THR B 287 10.28 12.95 -35.30
N PRO B 288 11.08 14.04 -35.41
CA PRO B 288 11.25 14.90 -34.22
C PRO B 288 10.06 15.76 -33.82
N PRO B 289 10.06 16.22 -32.55
CA PRO B 289 8.95 17.03 -32.01
C PRO B 289 9.05 18.53 -32.17
N GLN B 290 7.93 19.17 -31.83
CA GLN B 290 7.81 20.63 -31.78
C GLN B 290 8.50 21.09 -30.50
N GLU B 291 9.49 21.99 -30.61
CA GLU B 291 10.23 22.31 -29.39
C GLU B 291 9.69 23.45 -28.60
N ASP B 292 8.58 23.23 -27.89
CA ASP B 292 7.91 24.32 -27.17
C ASP B 292 7.74 24.21 -25.67
N ALA B 293 8.42 23.29 -25.05
CA ALA B 293 8.62 23.08 -23.63
C ALA B 293 9.58 24.21 -23.18
N PRO B 294 9.22 24.83 -22.08
CA PRO B 294 10.02 25.94 -21.55
C PRO B 294 11.28 25.53 -20.79
N SER B 295 12.12 26.51 -20.57
CA SER B 295 13.28 26.34 -19.73
C SER B 295 12.80 26.24 -18.29
N VAL B 296 13.44 25.42 -17.48
CA VAL B 296 13.11 25.32 -16.05
C VAL B 296 14.40 25.60 -15.26
N ASP B 297 14.34 26.30 -14.13
CA ASP B 297 15.53 26.64 -13.38
C ASP B 297 15.89 25.54 -12.39
N ILE B 298 17.13 25.14 -12.37
CA ILE B 298 17.67 24.08 -11.55
C ILE B 298 18.36 24.44 -10.24
N ALA B 299 18.49 25.70 -9.96
CA ALA B 299 19.21 26.21 -8.83
C ALA B 299 18.64 25.76 -7.50
N ASN B 300 19.50 25.86 -6.51
CA ASN B 300 19.15 25.65 -5.12
C ASN B 300 17.94 26.54 -4.81
N ILE B 301 17.01 25.98 -4.05
CA ILE B 301 15.82 26.69 -3.59
C ILE B 301 15.98 27.18 -2.15
N ARG B 302 15.81 28.49 -1.95
CA ARG B 302 15.97 29.04 -0.62
C ARG B 302 14.73 29.78 -0.12
N MET B 303 14.35 29.61 1.15
CA MET B 303 13.25 30.34 1.77
C MET B 303 13.57 31.83 1.63
N PRO B 304 12.58 32.68 1.39
CA PRO B 304 12.84 34.11 1.25
C PRO B 304 13.22 34.84 2.54
N SER B 305 13.06 34.17 3.66
CA SER B 305 13.42 34.71 4.96
C SER B 305 13.51 33.54 5.96
N LEU B 306 14.06 33.86 7.12
CA LEU B 306 14.18 32.90 8.21
C LEU B 306 12.79 32.63 8.75
N PRO B 307 12.65 31.54 9.47
CA PRO B 307 11.35 31.27 10.12
C PRO B 307 10.99 32.44 11.04
N SER B 308 9.72 32.84 11.13
CA SER B 308 9.30 33.93 11.97
C SER B 308 8.42 33.47 13.12
N TYR B 309 9.00 32.50 13.79
CA TYR B 309 8.45 31.97 15.02
C TYR B 309 9.24 32.55 16.18
N LYS B 310 8.63 32.59 17.36
CA LYS B 310 9.39 33.06 18.52
C LYS B 310 9.37 31.91 19.55
N VAL B 311 10.51 31.74 20.20
CA VAL B 311 10.64 30.73 21.23
C VAL B 311 9.49 30.90 22.22
N GLY B 312 8.80 29.80 22.54
CA GLY B 312 7.70 29.91 23.48
C GLY B 312 6.36 29.91 22.80
N ASP B 313 6.34 30.37 21.55
CA ASP B 313 5.03 30.28 20.93
C ASP B 313 4.65 28.84 20.66
N LYS B 314 3.34 28.58 20.58
CA LYS B 314 2.86 27.21 20.38
C LYS B 314 2.25 27.02 18.99
N ILE B 315 2.74 26.01 18.27
CA ILE B 315 2.23 25.71 16.96
C ILE B 315 2.42 24.22 16.68
N ALA B 316 1.41 23.61 16.05
CA ALA B 316 1.58 22.20 15.65
C ALA B 316 2.46 22.07 14.45
N THR B 317 3.30 21.04 14.39
CA THR B 317 4.16 21.01 13.18
C THR B 317 3.38 20.80 11.90
N ARG B 318 2.16 20.24 11.96
CA ARG B 318 1.38 20.13 10.74
C ARG B 318 1.02 21.53 10.22
N LYS B 319 0.71 22.51 11.09
CA LYS B 319 0.42 23.84 10.60
C LYS B 319 1.67 24.57 10.12
N ALA B 320 2.81 24.36 10.79
CA ALA B 320 4.08 24.90 10.37
C ALA B 320 4.43 24.37 8.98
N TYR B 321 4.12 23.09 8.71
CA TYR B 321 4.34 22.57 7.38
C TYR B 321 3.59 23.36 6.30
N GLY B 322 2.27 23.55 6.45
CA GLY B 322 1.53 24.33 5.48
C GLY B 322 2.07 25.73 5.31
N GLN B 323 2.45 26.40 6.40
CA GLN B 323 3.01 27.74 6.33
C GLN B 323 4.32 27.75 5.58
N ALA B 324 5.18 26.78 5.88
CA ALA B 324 6.49 26.68 5.27
C ALA B 324 6.37 26.37 3.78
N LEU B 325 5.46 25.47 3.43
CA LEU B 325 5.29 25.10 2.04
C LEU B 325 4.83 26.31 1.21
N ALA B 326 3.88 27.06 1.77
CA ALA B 326 3.37 28.24 1.08
C ALA B 326 4.50 29.27 0.94
N LYS B 327 5.29 29.42 1.99
CA LYS B 327 6.43 30.34 1.89
C LYS B 327 7.40 29.85 0.83
N LEU B 328 7.72 28.56 0.83
N LEU B 328 7.72 28.56 0.75
CA LEU B 328 8.68 28.22 -0.22
CA LEU B 328 8.60 27.87 -0.18
C LEU B 328 8.13 28.42 -1.61
C LEU B 328 8.15 28.06 -1.64
N GLY B 329 6.84 28.20 -1.80
CA GLY B 329 6.28 28.42 -3.13
C GLY B 329 6.50 29.82 -3.63
N HIS B 330 6.74 30.80 -2.78
CA HIS B 330 6.93 32.17 -3.21
C HIS B 330 8.39 32.27 -3.66
N ALA B 331 9.19 31.30 -3.25
CA ALA B 331 10.62 31.32 -3.54
C ALA B 331 10.95 30.63 -4.83
N SER B 332 10.12 29.65 -5.18
CA SER B 332 10.41 28.95 -6.42
C SER B 332 9.12 28.52 -7.13
N ASP B 333 9.15 28.66 -8.44
CA ASP B 333 8.04 28.31 -9.29
C ASP B 333 7.95 26.82 -9.57
N ARG B 334 9.01 26.08 -9.21
CA ARG B 334 8.94 24.63 -9.45
C ARG B 334 8.16 23.89 -8.37
N ILE B 335 7.90 24.45 -7.21
CA ILE B 335 7.23 23.77 -6.13
C ILE B 335 5.76 23.56 -6.50
N ILE B 336 5.29 22.31 -6.41
CA ILE B 336 3.87 21.96 -6.61
C ILE B 336 3.48 21.18 -5.34
N ALA B 337 2.19 21.25 -5.03
CA ALA B 337 1.63 20.58 -3.88
C ALA B 337 0.48 19.66 -4.32
N LEU B 338 0.41 18.47 -3.73
CA LEU B 338 -0.61 17.49 -3.99
C LEU B 338 -1.14 17.02 -2.65
N ASP B 339 -2.45 16.75 -2.57
CA ASP B 339 -3.07 16.29 -1.34
C ASP B 339 -4.32 15.47 -1.67
N GLY B 340 -4.62 14.53 -0.80
CA GLY B 340 -5.73 13.59 -1.00
C GLY B 340 -6.96 13.90 -0.16
N ASP B 341 -7.65 15.02 -0.40
CA ASP B 341 -8.83 15.46 0.30
C ASP B 341 -8.57 15.62 1.79
N THR B 342 -7.32 15.95 2.17
CA THR B 342 -7.02 16.21 3.56
C THR B 342 -6.39 17.58 3.76
N LYS B 343 -6.50 18.51 2.82
CA LYS B 343 -5.79 19.75 2.90
C LYS B 343 -6.07 20.64 4.09
N ASN B 344 -7.26 20.52 4.64
CA ASN B 344 -7.63 21.30 5.80
C ASN B 344 -7.01 20.70 7.07
N SER B 345 -6.56 19.47 7.01
CA SER B 345 -6.00 18.75 8.18
C SER B 345 -4.45 18.74 8.12
N THR B 346 -3.90 18.63 6.91
CA THR B 346 -2.47 18.71 6.74
C THR B 346 -1.94 20.14 6.60
N PHE B 347 -2.83 21.08 6.34
CA PHE B 347 -2.58 22.49 6.12
C PHE B 347 -1.92 22.82 4.78
N SER B 348 -1.94 21.83 3.84
CA SER B 348 -1.57 22.12 2.47
C SER B 348 -2.58 23.12 1.90
N GLU B 349 -3.75 23.30 2.50
CA GLU B 349 -4.66 24.36 2.03
C GLU B 349 -3.99 25.71 2.04
N ILE B 350 -2.95 25.98 2.85
CA ILE B 350 -2.31 27.29 2.90
C ILE B 350 -1.64 27.52 1.56
N PHE B 351 -0.97 26.49 1.03
CA PHE B 351 -0.35 26.58 -0.28
C PHE B 351 -1.40 26.77 -1.37
N LYS B 352 -2.48 25.99 -1.32
CA LYS B 352 -3.52 26.14 -2.34
C LYS B 352 -4.03 27.57 -2.42
N LYS B 353 -4.15 28.23 -1.26
CA LYS B 353 -4.70 29.56 -1.22
C LYS B 353 -3.75 30.56 -1.86
N GLU B 354 -2.45 30.37 -1.58
CA GLU B 354 -1.47 31.29 -2.13
C GLU B 354 -1.03 30.99 -3.56
N HIS B 355 -1.03 29.73 -3.97
CA HIS B 355 -0.53 29.28 -5.27
C HIS B 355 -1.47 28.27 -5.91
N PRO B 356 -2.73 28.64 -6.13
CA PRO B 356 -3.73 27.65 -6.55
C PRO B 356 -3.38 26.95 -7.83
N ASP B 357 -2.74 27.61 -8.77
N ASP B 357 -2.72 27.62 -8.76
CA ASP B 357 -2.41 26.97 -10.05
CA ASP B 357 -2.38 27.04 -10.06
C ASP B 357 -1.42 25.82 -9.88
C ASP B 357 -1.28 25.98 -9.94
N ARG B 358 -0.71 25.79 -8.76
CA ARG B 358 0.29 24.76 -8.50
C ARG B 358 -0.12 23.72 -7.44
N PHE B 359 -1.39 23.72 -7.09
CA PHE B 359 -1.92 22.73 -6.17
C PHE B 359 -2.73 21.75 -6.99
N ILE B 360 -2.59 20.46 -6.72
CA ILE B 360 -3.32 19.42 -7.41
C ILE B 360 -4.10 18.60 -6.37
N GLU B 361 -5.45 18.77 -6.39
CA GLU B 361 -6.36 18.00 -5.56
C GLU B 361 -6.42 16.58 -6.13
N CYS B 362 -5.98 15.61 -5.36
CA CYS B 362 -5.94 14.25 -5.83
C CYS B 362 -7.10 13.39 -5.31
N TYR B 363 -7.92 13.92 -4.42
CA TYR B 363 -9.04 13.20 -3.87
C TYR B 363 -8.59 12.00 -3.04
N ILE B 364 -9.52 11.15 -2.63
CA ILE B 364 -9.17 10.08 -1.68
C ILE B 364 -8.62 8.89 -2.44
N ALA B 365 -7.34 9.03 -2.80
CA ALA B 365 -6.66 8.14 -3.75
C ALA B 365 -5.16 8.33 -3.64
N GLU B 366 -4.66 7.79 -2.54
CA GLU B 366 -3.26 7.99 -2.19
C GLU B 366 -2.29 7.32 -3.13
N GLN B 367 -2.64 6.12 -3.62
N GLN B 367 -2.61 6.11 -3.61
CA GLN B 367 -1.82 5.43 -4.58
CA GLN B 367 -1.70 5.46 -4.54
C GLN B 367 -1.53 6.37 -5.76
C GLN B 367 -1.55 6.31 -5.78
N ASN B 368 -2.64 6.83 -6.33
CA ASN B 368 -2.51 7.65 -7.53
C ASN B 368 -1.75 8.93 -7.25
N MET B 369 -1.99 9.51 -6.07
CA MET B 369 -1.32 10.76 -5.71
C MET B 369 0.19 10.61 -5.78
N VAL B 370 0.72 9.51 -5.23
CA VAL B 370 2.16 9.33 -5.27
C VAL B 370 2.64 9.16 -6.69
N SER B 371 1.92 8.37 -7.48
CA SER B 371 2.30 8.22 -8.89
C SER B 371 2.21 9.53 -9.68
N ILE B 372 1.23 10.36 -9.45
CA ILE B 372 1.17 11.67 -10.09
C ILE B 372 2.43 12.47 -9.77
N ALA B 373 2.82 12.45 -8.48
CA ALA B 373 4.00 13.21 -8.08
C ALA B 373 5.23 12.68 -8.79
N VAL B 374 5.37 11.36 -8.88
CA VAL B 374 6.51 10.79 -9.57
C VAL B 374 6.51 11.26 -11.02
N GLY B 375 5.36 11.23 -11.64
CA GLY B 375 5.33 11.70 -13.01
C GLY B 375 5.66 13.16 -13.20
N CYS B 376 5.19 13.97 -12.27
CA CYS B 376 5.48 15.42 -12.32
C CYS B 376 6.94 15.71 -12.10
N ALA B 377 7.62 14.84 -11.34
CA ALA B 377 9.04 15.08 -11.09
C ALA B 377 9.96 14.59 -12.21
N THR B 378 9.44 13.79 -13.12
CA THR B 378 10.30 13.29 -14.20
C THR B 378 10.86 14.45 -15.01
N ARG B 379 12.11 14.22 -15.47
CA ARG B 379 12.86 15.19 -16.28
C ARG B 379 13.02 16.47 -15.50
N ASN B 380 12.94 16.40 -14.18
CA ASN B 380 13.07 17.51 -13.22
C ASN B 380 12.12 18.67 -13.50
N ARG B 381 10.95 18.41 -14.05
CA ARG B 381 10.10 19.53 -14.42
C ARG B 381 9.49 20.27 -13.22
N THR B 382 9.26 19.61 -12.10
CA THR B 382 8.66 20.19 -10.93
C THR B 382 9.31 19.53 -9.70
N VAL B 383 9.08 20.14 -8.54
CA VAL B 383 9.50 19.68 -7.21
C VAL B 383 8.23 19.44 -6.39
N PRO B 384 7.69 18.22 -6.43
CA PRO B 384 6.42 17.97 -5.77
C PRO B 384 6.51 17.65 -4.28
N PHE B 385 5.53 18.14 -3.56
CA PHE B 385 5.26 17.86 -2.15
C PHE B 385 3.83 17.31 -2.02
N CYS B 386 3.72 16.03 -1.73
CA CYS B 386 2.45 15.38 -1.53
CA CYS B 386 2.39 15.46 -1.55
C CYS B 386 2.14 15.23 -0.05
N SER B 387 0.88 15.40 0.33
CA SER B 387 0.51 15.24 1.72
C SER B 387 -0.84 14.58 1.92
N THR B 388 -0.88 13.88 3.08
CA THR B 388 -2.04 13.24 3.64
C THR B 388 -1.69 12.91 5.10
N PHE B 389 -2.54 12.15 5.78
CA PHE B 389 -2.15 11.64 7.07
C PHE B 389 -1.06 10.56 6.86
N ALA B 390 -0.03 10.56 7.70
CA ALA B 390 1.02 9.57 7.55
C ALA B 390 0.45 8.16 7.49
N ALA B 391 -0.61 7.85 8.23
CA ALA B 391 -1.13 6.50 8.19
C ALA B 391 -1.52 6.08 6.79
N PHE B 392 -2.01 7.02 5.99
CA PHE B 392 -2.52 6.66 4.67
C PHE B 392 -1.41 6.65 3.63
N PHE B 393 -0.17 7.01 3.95
CA PHE B 393 0.91 6.68 3.04
C PHE B 393 1.12 5.14 3.02
N THR B 394 0.64 4.41 4.03
CA THR B 394 0.75 2.93 3.92
C THR B 394 -0.04 2.39 2.73
N ARG B 395 -1.07 3.12 2.30
N ARG B 395 -1.07 3.10 2.30
CA ARG B 395 -1.89 2.77 1.15
CA ARG B 395 -1.90 2.77 1.15
C ARG B 395 -1.08 2.83 -0.15
C ARG B 395 -1.09 2.85 -0.16
N ALA B 396 -0.02 3.62 -0.13
CA ALA B 396 0.80 3.86 -1.30
C ALA B 396 2.21 3.31 -1.19
N PHE B 397 2.41 2.35 -0.26
CA PHE B 397 3.78 1.86 -0.08
C PHE B 397 4.39 1.29 -1.35
N ASP B 398 3.62 0.55 -2.13
CA ASP B 398 4.23 0.00 -3.38
C ASP B 398 4.56 1.11 -4.36
N GLN B 399 3.80 2.19 -4.41
CA GLN B 399 4.12 3.32 -5.27
C GLN B 399 5.37 4.03 -4.77
N ILE B 400 5.52 4.12 -3.44
CA ILE B 400 6.74 4.72 -2.86
C ILE B 400 7.96 3.86 -3.11
N ARG B 401 7.79 2.55 -3.00
CA ARG B 401 8.85 1.55 -3.26
C ARG B 401 9.31 1.70 -4.70
N MET B 402 8.34 1.72 -5.60
CA MET B 402 8.66 1.89 -7.04
C MET B 402 9.23 3.26 -7.32
N ALA B 403 8.86 4.28 -6.55
CA ALA B 403 9.45 5.61 -6.73
C ALA B 403 10.96 5.60 -6.47
N ALA B 404 11.35 4.80 -5.47
CA ALA B 404 12.80 4.67 -5.21
C ALA B 404 13.47 3.90 -6.32
N ILE B 405 12.84 2.85 -6.83
CA ILE B 405 13.39 2.12 -7.99
C ILE B 405 13.46 3.03 -9.23
N SER B 406 12.60 4.02 -9.26
CA SER B 406 12.53 5.03 -10.31
C SER B 406 13.47 6.20 -10.06
N GLU B 407 14.26 6.13 -9.02
CA GLU B 407 15.23 7.18 -8.70
C GLU B 407 14.58 8.56 -8.66
N SER B 408 13.33 8.53 -8.13
CA SER B 408 12.51 9.73 -8.14
C SER B 408 12.82 10.69 -7.00
N ASN B 409 12.74 11.98 -7.25
CA ASN B 409 12.89 13.00 -6.24
C ASN B 409 11.52 13.57 -5.92
N ILE B 410 10.84 12.96 -4.98
CA ILE B 410 9.53 13.42 -4.52
C ILE B 410 9.60 13.64 -3.01
N ASN B 411 8.75 14.54 -2.54
CA ASN B 411 8.66 14.90 -1.16
C ASN B 411 7.27 14.55 -0.62
N LEU B 412 7.23 13.87 0.52
N LEU B 412 7.24 13.90 0.53
CA LEU B 412 5.92 13.46 1.05
CA LEU B 412 6.03 13.35 1.16
C LEU B 412 5.90 13.88 2.53
C LEU B 412 5.92 13.90 2.58
N CYS B 413 4.80 14.52 2.92
CA CYS B 413 4.58 14.98 4.28
C CYS B 413 3.33 14.28 4.81
N GLY B 414 3.55 13.49 5.87
CA GLY B 414 2.46 12.78 6.49
C GLY B 414 2.20 13.31 7.87
N SER B 415 0.95 13.74 8.06
CA SER B 415 0.54 14.35 9.30
C SER B 415 -0.05 13.36 10.30
N HIS B 416 -0.51 13.85 11.44
CA HIS B 416 -1.28 13.06 12.38
C HIS B 416 -0.56 11.81 12.82
N CYS B 417 0.74 11.96 13.09
CA CYS B 417 1.46 10.74 13.53
C CYS B 417 1.17 10.40 14.99
N GLY B 418 1.23 9.10 15.23
CA GLY B 418 1.09 8.59 16.57
C GLY B 418 -0.23 8.68 17.29
N VAL B 419 -0.15 8.23 18.55
CA VAL B 419 -1.33 8.26 19.41
C VAL B 419 -1.69 9.68 19.81
N SER B 420 -0.74 10.60 19.65
CA SER B 420 -1.00 11.96 20.13
C SER B 420 -2.10 12.68 19.39
N ILE B 421 -2.64 12.16 18.31
CA ILE B 421 -3.80 12.76 17.65
C ILE B 421 -5.05 12.60 18.50
N GLY B 422 -5.05 11.62 19.43
CA GLY B 422 -6.17 11.49 20.33
C GLY B 422 -7.35 10.72 19.82
N GLU B 423 -8.52 11.43 19.78
CA GLU B 423 -9.81 10.78 19.74
C GLU B 423 -10.20 10.04 18.49
N ASP B 424 -9.58 10.35 17.35
CA ASP B 424 -9.96 9.62 16.15
C ASP B 424 -9.66 8.13 16.27
N GLY B 425 -8.67 7.74 17.05
CA GLY B 425 -8.35 6.32 17.11
C GLY B 425 -7.35 5.78 16.12
N PRO B 426 -6.99 4.49 16.23
CA PRO B 426 -5.81 3.94 15.51
C PRO B 426 -5.90 3.91 14.01
N SER B 427 -7.11 3.87 13.44
CA SER B 427 -7.17 3.90 11.97
C SER B 427 -6.51 5.15 11.36
N GLN B 428 -6.46 6.24 12.07
CA GLN B 428 -5.88 7.48 11.62
C GLN B 428 -4.44 7.70 12.14
N MET B 429 -3.95 6.83 13.04
CA MET B 429 -2.68 7.02 13.70
C MET B 429 -1.54 6.35 12.95
N ALA B 430 -0.53 7.13 12.56
CA ALA B 430 0.66 6.53 11.95
C ALA B 430 1.57 6.02 13.04
N LEU B 431 1.78 4.71 13.06
CA LEU B 431 2.64 4.05 14.04
C LEU B 431 3.68 3.14 13.45
N GLU B 432 3.74 3.10 12.12
CA GLU B 432 4.60 2.24 11.32
C GLU B 432 5.23 3.02 10.17
N ASP B 433 5.05 4.33 10.08
CA ASP B 433 5.53 5.12 9.00
C ASP B 433 7.04 5.31 9.04
N LEU B 434 7.64 5.29 10.23
CA LEU B 434 9.12 5.37 10.27
C LEU B 434 9.69 4.05 9.78
N ALA B 435 9.11 2.92 10.18
CA ALA B 435 9.54 1.62 9.67
C ALA B 435 9.47 1.60 8.15
N MET B 436 8.32 2.02 7.66
CA MET B 436 8.07 2.02 6.22
C MET B 436 9.06 2.88 5.45
N PHE B 437 9.13 4.17 5.82
CA PHE B 437 10.03 5.03 5.06
C PHE B 437 11.51 4.75 5.30
N ARG B 438 11.89 4.26 6.47
CA ARG B 438 13.31 3.94 6.67
C ARG B 438 13.70 2.79 5.75
N SER B 439 12.77 1.88 5.39
CA SER B 439 13.06 0.78 4.48
C SER B 439 13.09 1.13 3.00
N VAL B 440 12.79 2.37 2.66
CA VAL B 440 12.85 2.86 1.28
C VAL B 440 14.29 3.32 1.05
N PRO B 441 15.08 2.66 0.22
N PRO B 441 14.97 2.76 0.06
CA PRO B 441 16.52 2.83 0.21
CA PRO B 441 16.26 3.28 -0.34
C PRO B 441 17.09 4.21 -0.11
C PRO B 441 16.16 4.72 -0.87
N THR B 442 16.30 5.07 -0.75
N THR B 442 17.19 5.51 -0.61
CA THR B 442 16.78 6.41 -1.11
CA THR B 442 17.33 6.91 -0.95
C THR B 442 16.21 7.49 -0.22
C THR B 442 16.44 7.71 0.00
N SER B 443 15.66 7.07 0.90
CA SER B 443 14.90 8.00 1.74
C SER B 443 15.75 8.83 2.70
N THR B 444 15.19 9.99 3.01
CA THR B 444 15.60 10.91 4.05
C THR B 444 14.33 11.12 4.90
N VAL B 445 14.45 10.82 6.17
CA VAL B 445 13.31 10.89 7.08
C VAL B 445 13.50 12.03 8.09
N PHE B 446 12.73 13.12 7.89
CA PHE B 446 12.69 14.26 8.77
C PHE B 446 11.54 14.13 9.79
N TYR B 447 11.83 14.39 11.05
CA TYR B 447 10.84 14.32 12.13
C TYR B 447 11.03 15.65 12.92
N PRO B 448 10.49 16.71 12.38
CA PRO B 448 10.67 17.99 13.07
C PRO B 448 9.86 18.09 14.34
N SER B 449 10.50 18.71 15.38
CA SER B 449 9.91 18.73 16.69
C SER B 449 9.19 20.02 17.02
N ASP B 450 9.40 21.06 16.22
CA ASP B 450 8.73 22.35 16.40
C ASP B 450 8.61 23.06 15.05
N GLY B 451 8.02 24.23 15.05
CA GLY B 451 7.77 24.99 13.84
C GLY B 451 8.99 25.38 13.06
N VAL B 452 10.02 25.78 13.81
CA VAL B 452 11.28 26.17 13.20
C VAL B 452 11.90 24.99 12.46
N ALA B 453 12.03 23.84 13.14
CA ALA B 453 12.56 22.64 12.56
C ALA B 453 11.72 22.21 11.34
N THR B 454 10.42 22.43 11.41
CA THR B 454 9.54 22.04 10.30
C THR B 454 9.86 22.86 9.04
N GLU B 455 9.99 24.18 9.21
CA GLU B 455 10.30 25.04 8.06
C GLU B 455 11.67 24.69 7.49
N LYS B 456 12.62 24.42 8.39
CA LYS B 456 13.93 24.05 7.88
C LYS B 456 13.91 22.70 7.17
N ALA B 457 13.10 21.77 7.72
CA ALA B 457 12.97 20.48 7.05
C ALA B 457 12.37 20.60 5.63
N VAL B 458 11.38 21.47 5.47
CA VAL B 458 10.75 21.70 4.15
C VAL B 458 11.81 22.24 3.17
N GLU B 459 12.61 23.23 3.61
CA GLU B 459 13.67 23.77 2.75
C GLU B 459 14.71 22.73 2.37
N LEU B 460 15.19 22.04 3.40
CA LEU B 460 16.15 21.00 3.07
C LEU B 460 15.61 19.93 2.15
N ALA B 461 14.40 19.46 2.41
CA ALA B 461 13.78 18.42 1.60
C ALA B 461 13.71 18.87 0.14
N ALA B 462 13.31 20.12 -0.10
CA ALA B 462 13.20 20.63 -1.48
C ALA B 462 14.51 20.47 -2.24
N ASN B 463 15.64 20.62 -1.56
CA ASN B 463 16.95 20.51 -2.20
C ASN B 463 17.63 19.16 -2.00
N THR B 464 16.93 18.16 -1.49
CA THR B 464 17.50 16.85 -1.27
C THR B 464 16.97 15.82 -2.27
N LYS B 465 17.85 15.04 -2.88
CA LYS B 465 17.45 13.99 -3.81
C LYS B 465 16.88 12.80 -3.04
N GLY B 466 16.07 12.04 -3.77
CA GLY B 466 15.49 10.81 -3.23
C GLY B 466 14.11 10.98 -2.64
N ILE B 467 13.67 10.00 -1.84
CA ILE B 467 12.34 10.00 -1.25
C ILE B 467 12.43 10.70 0.11
N CYS B 468 11.98 11.97 0.15
CA CYS B 468 12.02 12.69 1.38
C CYS B 468 10.66 12.59 2.09
N PHE B 469 10.70 12.22 3.35
CA PHE B 469 9.51 12.11 4.18
C PHE B 469 9.61 13.08 5.34
N ILE B 470 8.56 13.85 5.59
CA ILE B 470 8.44 14.77 6.71
C ILE B 470 7.25 14.32 7.56
N ARG B 471 7.54 13.94 8.80
CA ARG B 471 6.54 13.45 9.72
C ARG B 471 6.03 14.59 10.59
N THR B 472 4.77 14.98 10.40
CA THR B 472 4.21 16.10 11.17
C THR B 472 3.19 15.56 12.18
N SER B 473 2.76 16.36 13.13
CA SER B 473 2.09 16.10 14.36
C SER B 473 0.93 17.08 14.58
N ARG B 474 -0.08 16.59 15.30
CA ARG B 474 -1.27 17.39 15.64
C ARG B 474 -1.13 18.20 16.90
N PRO B 475 -0.49 17.82 18.00
CA PRO B 475 -0.46 18.70 19.19
C PRO B 475 0.29 20.00 18.94
N GLU B 476 -0.09 21.10 19.58
N GLU B 476 -0.23 21.02 19.59
CA GLU B 476 0.48 22.46 19.53
CA GLU B 476 0.50 22.29 19.53
C GLU B 476 1.58 22.73 20.56
C GLU B 476 1.54 22.14 20.66
N ASN B 477 2.78 22.28 20.27
CA ASN B 477 3.93 22.27 21.16
C ASN B 477 4.67 23.58 20.94
N ALA B 478 5.42 23.93 21.95
CA ALA B 478 6.20 25.14 21.98
C ALA B 478 7.36 25.16 20.99
N ILE B 479 7.65 26.34 20.48
CA ILE B 479 8.82 26.61 19.69
C ILE B 479 10.01 26.55 20.65
N ILE B 480 11.00 25.72 20.39
CA ILE B 480 12.15 25.64 21.32
C ILE B 480 13.43 26.12 20.66
N TYR B 481 13.42 26.25 19.32
CA TYR B 481 14.62 26.71 18.61
C TYR B 481 14.57 28.17 18.22
N ASN B 482 15.67 28.86 18.37
CA ASN B 482 15.76 30.24 17.83
C ASN B 482 15.64 30.14 16.29
N ASN B 483 15.09 31.17 15.67
N ASN B 483 15.06 31.13 15.64
CA ASN B 483 14.79 31.26 14.24
CA ASN B 483 14.81 30.97 14.20
C ASN B 483 16.03 31.10 13.35
C ASN B 483 16.05 31.04 13.33
N ASN B 484 17.17 31.47 13.90
CA ASN B 484 18.47 31.44 13.25
C ASN B 484 19.23 30.15 13.53
N GLU B 485 18.64 29.15 14.22
CA GLU B 485 19.32 27.89 14.41
C GLU B 485 19.61 27.21 13.07
N ASP B 486 20.80 26.72 12.80
CA ASP B 486 21.18 26.03 11.56
C ASP B 486 20.88 24.52 11.61
N PHE B 487 20.17 24.03 10.60
CA PHE B 487 19.79 22.64 10.49
C PHE B 487 20.38 21.97 9.26
N GLN B 488 20.74 20.68 9.41
CA GLN B 488 21.31 19.96 8.27
C GLN B 488 20.86 18.51 8.32
N VAL B 489 20.71 17.84 7.21
CA VAL B 489 20.37 16.44 7.19
C VAL B 489 21.49 15.66 7.90
N GLY B 490 21.10 14.74 8.77
CA GLY B 490 22.10 13.94 9.49
C GLY B 490 22.72 14.57 10.70
N GLN B 491 22.25 15.74 11.09
CA GLN B 491 22.71 16.48 12.26
C GLN B 491 21.58 16.64 13.28
N ALA B 492 21.74 16.06 14.46
CA ALA B 492 20.85 16.15 15.61
C ALA B 492 21.21 17.38 16.46
N LYS B 493 20.35 17.65 17.45
CA LYS B 493 20.55 18.79 18.33
C LYS B 493 20.37 18.36 19.77
N VAL B 494 21.33 18.79 20.59
CA VAL B 494 21.20 18.56 22.02
C VAL B 494 20.44 19.79 22.53
N VAL B 495 19.22 19.60 23.00
CA VAL B 495 18.35 20.71 23.42
C VAL B 495 18.37 20.93 24.93
N LEU B 496 19.01 20.04 25.69
CA LEU B 496 19.12 20.26 27.15
C LEU B 496 20.34 19.49 27.62
N LYS B 497 21.24 20.15 28.36
CA LYS B 497 22.40 19.41 28.80
C LYS B 497 23.02 20.09 30.02
N SER B 498 23.89 19.26 30.57
CA SER B 498 24.69 19.65 31.72
C SER B 498 25.80 18.60 31.92
N LYS B 499 26.62 19.04 32.85
CA LYS B 499 27.77 18.33 33.31
C LYS B 499 27.38 17.11 34.14
N ASP B 500 26.16 17.11 34.69
CA ASP B 500 25.84 16.00 35.56
C ASP B 500 24.70 15.17 35.01
N ASP B 501 24.62 15.15 33.68
CA ASP B 501 23.55 14.37 33.08
C ASP B 501 23.76 12.87 33.28
N GLN B 502 22.67 12.18 33.62
CA GLN B 502 22.73 10.76 33.95
C GLN B 502 22.23 9.83 32.88
N VAL B 503 21.60 10.39 31.86
N VAL B 503 21.52 10.34 31.91
CA VAL B 503 21.11 9.58 30.75
CA VAL B 503 20.93 9.58 30.83
C VAL B 503 20.73 10.52 29.60
C VAL B 503 20.83 10.52 29.62
N THR B 504 20.95 10.04 28.39
CA THR B 504 20.68 10.80 27.19
C THR B 504 19.33 10.30 26.70
N VAL B 505 18.37 11.21 26.73
CA VAL B 505 17.03 10.83 26.29
C VAL B 505 16.82 11.42 24.90
N ILE B 506 16.48 10.53 23.98
CA ILE B 506 16.21 10.86 22.60
C ILE B 506 14.73 10.80 22.36
N GLY B 507 14.14 11.93 21.99
CA GLY B 507 12.72 11.96 21.64
C GLY B 507 12.58 12.77 20.34
N ALA B 508 11.36 12.81 19.80
CA ALA B 508 11.07 13.54 18.59
C ALA B 508 9.59 13.89 18.62
N GLY B 509 9.09 14.95 18.06
CA GLY B 509 7.81 15.54 18.00
C GLY B 509 7.34 15.58 19.46
N VAL B 510 6.15 15.02 19.58
CA VAL B 510 5.55 15.11 20.94
C VAL B 510 6.43 14.52 22.00
N THR B 511 7.20 13.46 21.68
CA THR B 511 7.98 12.86 22.76
C THR B 511 9.21 13.69 23.10
N LEU B 512 9.65 14.57 22.25
CA LEU B 512 10.74 15.48 22.66
C LEU B 512 10.20 16.40 23.74
N HIS B 513 8.98 16.89 23.52
CA HIS B 513 8.38 17.81 24.50
C HIS B 513 8.07 17.06 25.78
N GLU B 514 7.64 15.81 25.70
CA GLU B 514 7.39 15.05 26.93
C GLU B 514 8.75 14.82 27.64
N ALA B 515 9.82 14.67 26.85
CA ALA B 515 11.13 14.48 27.51
C ALA B 515 11.59 15.74 28.23
N LEU B 516 11.32 16.92 27.64
CA LEU B 516 11.70 18.17 28.28
C LEU B 516 10.91 18.33 29.59
N ALA B 517 9.65 17.87 29.58
CA ALA B 517 8.76 17.96 30.74
C ALA B 517 9.23 16.98 31.79
N ALA B 518 9.69 15.83 31.35
CA ALA B 518 10.24 14.87 32.30
C ALA B 518 11.48 15.41 33.00
N ALA B 519 12.29 16.13 32.21
CA ALA B 519 13.52 16.69 32.80
C ALA B 519 13.16 17.72 33.85
N GLU B 520 12.11 18.52 33.59
CA GLU B 520 11.78 19.50 34.67
C GLU B 520 11.34 18.75 35.93
N LEU B 521 10.58 17.67 35.78
CA LEU B 521 10.13 16.79 36.84
C LEU B 521 11.31 16.21 37.63
N LEU B 522 12.26 15.64 36.89
CA LEU B 522 13.43 15.03 37.50
C LEU B 522 14.29 16.03 38.25
N LYS B 523 14.26 17.29 37.84
CA LYS B 523 15.04 18.36 38.49
C LYS B 523 14.58 18.45 39.94
N LYS B 524 13.30 18.19 40.17
CA LYS B 524 12.84 18.21 41.55
C LYS B 524 13.59 17.22 42.44
N GLU B 525 14.02 16.15 41.79
CA GLU B 525 14.68 15.01 42.37
C GLU B 525 16.18 15.14 42.30
N LYS B 526 16.62 16.28 41.80
CA LYS B 526 18.04 16.56 41.64
C LYS B 526 18.67 15.65 40.58
N ILE B 527 17.82 15.28 39.62
CA ILE B 527 18.31 14.41 38.56
C ILE B 527 18.26 15.12 37.21
N ASN B 528 19.41 15.20 36.59
CA ASN B 528 19.59 15.85 35.31
C ASN B 528 19.70 14.82 34.18
N ILE B 529 19.00 15.14 33.08
CA ILE B 529 19.04 14.34 31.88
C ILE B 529 19.39 15.20 30.67
N ARG B 530 20.14 14.63 29.72
CA ARG B 530 20.45 15.25 28.44
C ARG B 530 19.29 14.95 27.50
N VAL B 531 18.82 15.91 26.73
CA VAL B 531 17.75 15.63 25.77
C VAL B 531 18.22 15.93 24.35
N LEU B 532 18.06 14.95 23.47
CA LEU B 532 18.53 15.04 22.10
C LEU B 532 17.38 14.90 21.11
N ASP B 533 17.30 15.78 20.14
CA ASP B 533 16.33 15.84 19.05
C ASP B 533 17.02 15.36 17.78
N PRO B 534 16.71 14.18 17.25
CA PRO B 534 17.44 13.71 16.08
C PRO B 534 17.32 14.59 14.84
N PHE B 535 16.19 15.23 14.58
CA PHE B 535 15.88 16.04 13.41
C PHE B 535 15.66 15.11 12.22
N THR B 536 16.71 14.38 11.81
CA THR B 536 16.48 13.30 10.84
C THR B 536 16.65 11.94 11.51
N ILE B 537 15.67 11.07 11.27
CA ILE B 537 15.72 9.69 11.79
C ILE B 537 16.62 8.87 10.87
N LYS B 538 16.63 9.24 9.60
CA LYS B 538 17.45 8.65 8.57
C LYS B 538 17.98 9.80 7.72
N PRO B 539 19.29 10.05 7.69
CA PRO B 539 20.34 9.35 8.40
C PRO B 539 20.38 9.90 9.81
N LEU B 540 20.77 9.03 10.73
CA LEU B 540 20.91 9.35 12.12
C LEU B 540 22.28 9.96 12.43
N ASP B 541 22.35 10.97 13.28
CA ASP B 541 23.63 11.54 13.77
C ASP B 541 24.23 10.66 14.84
N ARG B 542 24.83 9.57 14.39
CA ARG B 542 25.40 8.65 15.34
C ARG B 542 26.52 9.28 16.14
N LYS B 543 27.29 10.19 15.52
CA LYS B 543 28.38 10.78 16.29
C LYS B 543 27.85 11.53 17.51
N LEU B 544 26.83 12.35 17.28
CA LEU B 544 26.33 13.15 18.39
C LEU B 544 25.65 12.29 19.45
N ILE B 545 24.97 11.25 18.98
CA ILE B 545 24.33 10.32 19.93
C ILE B 545 25.38 9.61 20.78
N LEU B 546 26.48 9.15 20.20
CA LEU B 546 27.49 8.49 21.02
C LEU B 546 28.25 9.43 21.92
N ASP B 547 28.52 10.62 21.42
CA ASP B 547 29.24 11.61 22.25
C ASP B 547 28.39 11.96 23.45
N SER B 548 27.10 12.13 23.20
CA SER B 548 26.13 12.40 24.28
C SER B 548 26.14 11.24 25.27
N ALA B 549 25.94 10.00 24.85
CA ALA B 549 25.90 8.81 25.70
C ALA B 549 27.18 8.73 26.52
N ARG B 550 28.35 9.06 25.93
CA ARG B 550 29.58 8.94 26.71
C ARG B 550 29.64 9.95 27.85
N ALA B 551 28.89 11.04 27.73
CA ALA B 551 28.83 12.06 28.76
C ALA B 551 27.78 11.75 29.82
N THR B 552 26.97 10.71 29.49
CA THR B 552 25.88 10.34 30.38
C THR B 552 25.98 8.87 30.76
N LYS B 553 27.19 8.49 31.12
CA LYS B 553 27.40 7.15 31.68
C LYS B 553 27.04 6.07 30.72
N GLY B 554 27.08 6.41 29.43
CA GLY B 554 26.81 5.45 28.36
C GLY B 554 25.34 5.15 28.13
N ARG B 555 24.51 5.82 28.95
CA ARG B 555 23.10 5.46 28.90
C ARG B 555 22.27 6.29 27.94
N ILE B 556 21.51 5.56 27.12
CA ILE B 556 20.58 6.16 26.18
C ILE B 556 19.16 5.61 26.44
N LEU B 557 18.16 6.49 26.43
CA LEU B 557 16.77 6.10 26.46
C LEU B 557 16.10 6.72 25.25
N THR B 558 15.47 5.93 24.40
CA THR B 558 14.71 6.47 23.27
CA THR B 558 14.71 6.46 23.27
C THR B 558 13.23 6.36 23.59
N VAL B 559 12.47 7.38 23.22
CA VAL B 559 11.02 7.43 23.44
C VAL B 559 10.34 7.96 22.19
N GLU B 560 9.40 7.13 21.67
CA GLU B 560 8.80 7.49 20.43
C GLU B 560 7.32 7.14 20.31
N ASP B 561 6.59 7.97 19.53
CA ASP B 561 5.15 7.76 19.25
C ASP B 561 5.08 6.99 17.93
N HIS B 562 5.41 5.72 18.08
CA HIS B 562 5.56 4.78 16.99
C HIS B 562 5.63 3.40 17.60
N TYR B 563 5.38 2.34 16.82
CA TYR B 563 5.60 0.99 17.27
C TYR B 563 7.09 0.72 17.51
N TYR B 564 7.37 -0.38 18.20
CA TYR B 564 8.76 -0.68 18.52
C TYR B 564 9.64 -1.02 17.33
N GLU B 565 9.07 -1.70 16.33
CA GLU B 565 9.86 -2.20 15.24
C GLU B 565 10.08 -1.17 14.12
N GLY B 566 11.37 -1.01 13.76
CA GLY B 566 11.67 -0.12 12.65
C GLY B 566 11.69 1.36 12.90
N GLY B 567 11.46 1.77 14.15
CA GLY B 567 11.43 3.19 14.46
C GLY B 567 12.71 3.76 15.01
N ILE B 568 12.59 4.79 15.82
CA ILE B 568 13.75 5.51 16.37
C ILE B 568 14.58 4.60 17.26
N GLY B 569 13.93 3.86 18.15
CA GLY B 569 14.70 3.05 19.06
C GLY B 569 15.54 1.99 18.33
N GLU B 570 14.97 1.35 17.28
CA GLU B 570 15.74 0.31 16.57
C GLU B 570 16.86 0.97 15.74
N ALA B 571 16.60 2.15 15.18
CA ALA B 571 17.66 2.86 14.43
C ALA B 571 18.84 3.16 15.34
N VAL B 572 18.51 3.66 16.54
CA VAL B 572 19.56 4.00 17.51
C VAL B 572 20.32 2.76 17.96
N SER B 573 19.58 1.70 18.32
CA SER B 573 20.25 0.49 18.72
C SER B 573 21.16 -0.08 17.64
N SER B 574 20.62 -0.03 16.43
CA SER B 574 21.47 -0.55 15.37
C SER B 574 22.71 0.32 15.19
N ALA B 575 22.58 1.60 15.49
CA ALA B 575 23.73 2.46 15.25
C ALA B 575 24.80 2.28 16.29
N VAL B 576 24.45 1.99 17.53
CA VAL B 576 25.46 1.93 18.54
C VAL B 576 25.79 0.55 19.06
N VAL B 577 25.15 -0.49 18.57
CA VAL B 577 25.35 -1.84 19.12
C VAL B 577 26.83 -2.18 19.10
N GLY B 578 27.33 -2.72 20.21
CA GLY B 578 28.72 -3.13 20.36
C GLY B 578 29.65 -2.03 20.85
N GLU B 579 29.24 -0.78 20.97
CA GLU B 579 30.10 0.31 21.47
C GLU B 579 30.30 0.06 22.96
N PRO B 580 31.55 0.00 23.41
CA PRO B 580 31.81 -0.33 24.80
C PRO B 580 31.16 0.72 25.71
N GLY B 581 30.48 0.16 26.70
CA GLY B 581 29.81 0.93 27.69
C GLY B 581 28.45 1.53 27.41
N ILE B 582 28.00 1.35 26.16
CA ILE B 582 26.73 1.99 25.79
C ILE B 582 25.55 1.03 26.01
N THR B 583 24.51 1.57 26.60
CA THR B 583 23.28 0.83 26.80
C THR B 583 22.12 1.62 26.15
N VAL B 584 21.14 0.95 25.64
CA VAL B 584 19.98 1.61 25.07
C VAL B 584 18.69 1.01 25.62
N THR B 585 17.83 1.82 26.13
CA THR B 585 16.51 1.48 26.69
C THR B 585 15.47 2.12 25.77
N HIS B 586 14.38 1.43 25.53
N HIS B 586 14.37 1.44 25.44
CA HIS B 586 13.35 1.87 24.59
CA HIS B 586 13.41 2.07 24.56
C HIS B 586 11.94 1.97 25.14
C HIS B 586 11.99 2.00 25.14
N LEU B 587 11.31 3.10 24.90
CA LEU B 587 9.90 3.32 25.19
C LEU B 587 9.22 3.60 23.84
N ALA B 588 8.20 2.81 23.53
CA ALA B 588 7.43 2.99 22.33
C ALA B 588 6.01 2.47 22.57
N VAL B 589 5.17 2.42 21.54
CA VAL B 589 3.80 1.96 21.61
C VAL B 589 3.77 0.46 21.33
N ASN B 590 3.24 -0.33 22.27
CA ASN B 590 3.38 -1.79 22.15
C ASN B 590 2.25 -2.56 21.49
N ARG B 591 1.21 -1.88 21.04
CA ARG B 591 0.03 -2.58 20.50
C ARG B 591 -0.89 -1.57 19.84
N VAL B 592 -1.91 -2.04 19.12
CA VAL B 592 -2.89 -1.21 18.49
C VAL B 592 -3.54 -0.30 19.54
N PRO B 593 -3.51 1.02 19.37
CA PRO B 593 -4.12 1.90 20.36
C PRO B 593 -5.64 2.01 20.28
N ARG B 594 -6.19 3.08 20.81
CA ARG B 594 -7.62 3.25 21.05
C ARG B 594 -7.89 4.74 21.19
N SER B 595 -9.14 5.16 21.30
CA SER B 595 -9.44 6.57 21.43
C SER B 595 -9.35 7.13 22.84
N GLY B 596 -8.88 8.39 22.88
CA GLY B 596 -8.82 9.12 24.14
C GLY B 596 -8.23 10.48 23.88
N LYS B 597 -8.10 11.28 24.93
CA LYS B 597 -7.46 12.56 24.75
C LYS B 597 -5.98 12.27 24.51
N PRO B 598 -5.34 13.15 23.77
CA PRO B 598 -3.90 12.98 23.48
C PRO B 598 -3.03 12.64 24.70
N ALA B 599 -3.17 13.43 25.78
CA ALA B 599 -2.39 13.16 26.98
C ALA B 599 -2.74 11.82 27.61
N GLU B 600 -4.00 11.38 27.53
CA GLU B 600 -4.37 10.12 28.12
C GLU B 600 -3.74 8.99 27.32
N LEU B 601 -3.69 9.13 26.02
CA LEU B 601 -3.08 8.04 25.24
C LEU B 601 -1.57 8.00 25.45
N LEU B 602 -0.90 9.14 25.53
CA LEU B 602 0.56 9.08 25.77
C LEU B 602 0.88 8.37 27.08
N LYS B 603 -0.06 8.61 28.01
CA LYS B 603 0.08 7.95 29.32
C LYS B 603 -0.19 6.47 29.22
N MET B 604 -1.33 6.09 28.64
CA MET B 604 -1.68 4.66 28.50
C MET B 604 -0.60 3.83 27.82
N PHE B 605 -0.01 4.41 26.79
CA PHE B 605 0.96 3.69 25.96
C PHE B 605 2.37 3.95 26.40
N GLY B 606 2.59 4.65 27.53
CA GLY B 606 3.96 4.59 28.09
C GLY B 606 5.02 5.46 27.50
N ILE B 607 4.61 6.61 26.95
CA ILE B 607 5.57 7.45 26.25
C ILE B 607 5.41 8.92 26.65
N ASP B 608 4.82 9.18 27.79
CA ASP B 608 4.68 10.51 28.32
C ASP B 608 5.80 10.81 29.35
N ARG B 609 5.72 12.05 29.84
CA ARG B 609 6.72 12.53 30.77
C ARG B 609 6.84 11.64 32.00
N ASP B 610 5.75 11.10 32.54
CA ASP B 610 5.89 10.25 33.70
C ASP B 610 6.61 8.93 33.36
N ALA B 611 6.30 8.34 32.20
CA ALA B 611 6.94 7.08 31.78
C ALA B 611 8.41 7.31 31.55
N ILE B 612 8.77 8.49 31.00
CA ILE B 612 10.17 8.77 30.74
C ILE B 612 10.92 8.89 32.06
N ALA B 613 10.32 9.69 32.97
CA ALA B 613 10.98 9.86 34.25
C ALA B 613 11.17 8.54 34.99
N GLN B 614 10.15 7.68 34.97
CA GLN B 614 10.23 6.39 35.67
C GLN B 614 11.35 5.56 35.06
N ALA B 615 11.46 5.61 33.74
CA ALA B 615 12.49 4.83 33.02
C ALA B 615 13.87 5.37 33.41
N VAL B 616 13.96 6.71 33.49
CA VAL B 616 15.26 7.26 33.89
C VAL B 616 15.66 6.82 35.27
N ARG B 617 14.73 6.94 36.22
CA ARG B 617 15.02 6.52 37.59
C ARG B 617 15.50 5.07 37.63
N GLY B 618 14.87 4.21 36.84
CA GLY B 618 15.19 2.78 36.78
C GLY B 618 16.61 2.52 36.27
N LEU B 619 17.04 3.29 35.27
CA LEU B 619 18.43 3.19 34.80
C LEU B 619 19.48 3.63 35.79
N ILE B 620 19.16 4.70 36.52
CA ILE B 620 20.07 5.13 37.58
C ILE B 620 20.10 4.08 38.68
N THR B 621 19.08 3.22 38.79
CA THR B 621 19.22 2.13 39.77
C THR B 621 19.27 0.77 39.07
C1 EDO C . 20.72 -14.36 -17.73
C1 EDO C . 21.30 -14.35 -18.23
O1 EDO C . 20.99 -15.44 -16.80
O1 EDO C . 20.99 -15.59 -17.56
C2 EDO C . 21.59 -13.25 -17.31
C2 EDO C . 20.82 -13.30 -17.31
O2 EDO C . 22.96 -13.58 -17.29
O2 EDO C . 21.66 -13.22 -16.16
C1 EDO D . -30.38 5.59 20.13
O1 EDO D . -30.66 5.89 21.52
C2 EDO D . -31.07 6.68 19.40
O2 EDO D . -32.40 6.78 19.90
C1 EDO E . -19.98 -2.76 12.07
O1 EDO E . -21.19 -2.82 11.29
C2 EDO E . -19.08 -1.69 11.53
O2 EDO E . -18.54 -2.09 10.28
C1 EDO F . 28.25 -4.06 1.54
O1 EDO F . 28.33 -5.04 2.54
C2 EDO F . 27.32 -2.99 1.90
O2 EDO F . 25.97 -3.38 2.03
C1 EDO G . -14.24 20.90 6.54
O1 EDO G . -15.32 20.44 5.69
C2 EDO G . -13.14 21.44 5.72
O2 EDO G . -13.52 22.44 4.76
C1 EDO H . -24.48 -7.93 12.83
O1 EDO H . -24.46 -9.22 12.21
C2 EDO H . -24.19 -6.87 11.83
O2 EDO H . -23.02 -7.12 11.02
CA CA I . -19.55 12.51 0.87
NA NA J . -2.59 -17.78 11.65
O3B 1U0 K . -18.37 11.85 5.31
PB 1U0 K . -18.99 11.42 4.02
O1B 1U0 K . -19.25 12.61 3.13
O2B 1U0 K . -20.14 10.53 4.10
O3A 1U0 K . -17.88 10.46 3.24
PA 1U0 K . -16.87 10.63 2.01
O1A 1U0 K . -17.59 11.42 0.94
O2A 1U0 K . -16.34 9.32 1.65
O7 1U0 K . -15.74 11.61 2.51
C7 1U0 K . -14.81 11.02 3.48
C6 1U0 K . -13.84 12.17 3.79
C5 1U0 K . -12.82 11.71 4.80
C4 1U0 K . -11.45 11.63 4.71
CM4 1U0 K . -10.68 12.11 3.48
S1 1U0 K . -13.32 11.09 6.36
C2 1U0 K . -11.63 10.82 6.86
C8 1U0 K . -11.46 10.44 8.40
O9 1U0 K . -11.97 8.95 8.65
C3 1U0 K . -10.77 11.08 5.88
C7' 1U0 K . -9.26 10.79 5.97
C5' 1U0 K . -8.94 9.63 5.18
C6' 1U0 K . -8.07 9.72 4.04
N1' 1U0 K . -7.66 8.59 3.33
C2' 1U0 K . -8.08 7.36 3.72
CM2 1U0 K . -7.55 6.12 3.00
N3' 1U0 K . -8.85 7.21 4.77
C4' 1U0 K . -9.28 8.26 5.50
N4' 1U0 K . -9.98 8.07 6.62
C9 1U0 K . -12.38 11.19 9.41
C9 1U0 K . -12.39 11.19 9.40
O10 1U0 K . -12.35 12.66 9.01
O10 1U0 K . -11.91 10.83 10.78
C1 EDO L . -11.16 -8.88 -8.34
O1 EDO L . -10.24 -9.00 -7.23
C2 EDO L . -11.00 -7.52 -8.90
O2 EDO L . -10.31 -7.46 -10.14
C1 EDO M . -44.23 0.27 13.99
O1 EDO M . -44.74 -0.60 15.04
C2 EDO M . -45.37 1.14 13.61
O2 EDO M . -46.03 1.57 14.77
C1 EDO N . -16.94 -20.57 -5.82
O1 EDO N . -17.31 -21.78 -6.54
C2 EDO N . -17.27 -19.44 -6.73
O2 EDO N . -16.31 -19.49 -7.77
C1 EDO O . -11.43 5.71 -8.66
O1 EDO O . -10.74 6.95 -8.30
C2 EDO O . -12.83 5.79 -9.09
O2 EDO O . -13.80 6.60 -8.53
C1 EDO P . -19.94 -0.68 24.34
O1 EDO P . -18.96 -0.97 25.38
C2 EDO P . -19.31 -0.97 23.04
O2 EDO P . -18.81 -2.26 22.86
C1 EDO Q . 22.28 -19.40 -4.01
O1 EDO Q . 21.20 -20.32 -3.71
C2 EDO Q . 21.85 -18.44 -5.05
O2 EDO Q . 20.87 -19.09 -5.86
S SO4 R . 9.11 -17.29 -11.89
O1 SO4 R . 9.77 -17.79 -13.13
O2 SO4 R . 8.41 -16.04 -12.42
O3 SO4 R . 7.87 -18.02 -11.52
O4 SO4 R . 10.02 -16.77 -10.90
C1 EDO S . -11.11 -5.30 5.74
C1 EDO S . -8.83 -4.71 5.68
O1 EDO S . -11.88 -4.11 5.48
O1 EDO S . -8.00 -5.55 6.51
C2 EDO S . -9.69 -4.90 5.83
C2 EDO S . -10.16 -4.72 6.36
O2 EDO S . -9.23 -4.41 4.59
O2 EDO S . -11.10 -3.94 5.63
C1 EDO T . -15.92 -25.08 3.48
O1 EDO T . -15.94 -26.25 4.32
C2 EDO T . -14.57 -24.51 3.53
O2 EDO T . -14.40 -23.48 4.49
C1 EDO U . 14.69 -4.98 -34.00
O1 EDO U . 14.82 -4.62 -35.39
C2 EDO U . 15.65 -4.08 -33.31
O2 EDO U . 16.97 -4.39 -33.68
C1 EDO V . 5.20 0.13 28.24
O1 EDO V . 6.41 0.92 28.33
C2 EDO V . 5.37 -0.93 27.17
O2 EDO V . 5.42 -0.39 25.82
C1 EDO W . 10.89 9.34 -24.77
O1 EDO W . 10.44 10.71 -24.65
C2 EDO W . 9.77 8.40 -24.46
O2 EDO W . 9.12 8.62 -23.18
C1 EDO X . 9.45 2.70 -20.12
O1 EDO X . 8.28 3.15 -19.38
C2 EDO X . 9.89 3.77 -21.04
O2 EDO X . 9.05 4.07 -22.12
C1 EDO Y . 1.32 -20.20 -16.00
O1 EDO Y . 0.18 -20.99 -16.42
C2 EDO Y . 2.07 -19.63 -17.18
O2 EDO Y . 1.22 -18.98 -18.11
O3B 1U0 Z . -0.74 -10.44 -20.80
PB 1U0 Z . 0.31 -9.39 -20.50
O1B 1U0 Z . 0.35 -8.37 -21.55
O2B 1U0 Z . 1.61 -10.08 -20.12
O3A 1U0 Z . -0.22 -8.49 -19.20
PA 1U0 Z . -1.35 -8.64 -18.09
O1A 1U0 Z . -1.47 -7.38 -17.36
O2A 1U0 Z . -2.58 -9.23 -18.74
O7 1U0 Z . -0.82 -9.81 -17.15
C7 1U0 Z . 0.29 -9.50 -16.25
C6 1U0 Z . 0.61 -10.81 -15.53
C5 1U0 Z . 1.77 -10.55 -14.56
C4 1U0 Z . 1.74 -10.66 -13.22
CM4 1U0 Z . 0.66 -11.16 -12.31
S1 1U0 Z . 3.28 -10.04 -15.23
C2 1U0 Z . 4.04 -10.07 -13.60
C8 1U0 Z . 5.58 -9.95 -13.59
O9 1U0 Z . 5.97 -8.43 -13.89
C3 1U0 Z . 3.13 -10.36 -12.67
C7' 1U0 Z . 3.43 -10.32 -11.12
C5' 1U0 Z . 2.75 -9.12 -10.50
C6' 1U0 Z . 1.73 -9.08 -9.56
N1' 1U0 Z . 1.28 -8.01 -8.95
C2' 1U0 Z . 1.78 -6.78 -9.22
CM2 1U0 Z . 1.28 -5.59 -8.52
N3' 1U0 Z . 2.78 -6.70 -10.20
C4' 1U0 Z . 3.19 -7.80 -10.82
N4' 1U0 Z . 4.30 -7.54 -11.66
C9 1U0 Z . 6.30 -10.52 -14.71
C9 1U0 Z . 6.28 -10.51 -14.74
O10 1U0 Z . 5.85 -11.90 -14.77
O10 1U0 Z . 7.65 -10.57 -14.29
CA CA AA . -3.00 -10.05 -20.78
C1 EDO BA . -10.48 -3.19 -10.54
O1 EDO BA . -10.33 -4.60 -10.34
C2 EDO BA . -11.16 -2.89 -11.77
O2 EDO BA . -11.01 -3.71 -12.89
C1 EDO CA . -11.09 -4.08 -16.01
O1 EDO CA . -12.19 -3.55 -15.25
C2 EDO CA . -10.61 -5.34 -15.36
O2 EDO CA . -11.41 -6.51 -15.50
C1 EDO DA . 7.82 3.29 -46.14
O1 EDO DA . 8.76 2.97 -47.19
C2 EDO DA . 8.61 3.63 -44.94
O2 EDO DA . 9.56 4.66 -45.28
C1 EDO EA . -13.41 12.31 24.56
C1 EDO EA . -13.02 12.23 24.96
O1 EDO EA . -11.98 12.08 24.73
O1 EDO EA . -12.67 12.52 26.33
C2 EDO EA . -13.61 13.77 24.74
C2 EDO EA . -13.29 13.53 24.28
O2 EDO EA . -12.37 14.41 24.96
O2 EDO EA . -12.25 14.48 24.42
C1 EDO FA . 21.81 0.28 -22.63
O1 EDO FA . 22.93 0.63 -21.79
C2 EDO FA . 20.56 0.71 -21.98
O2 EDO FA . 20.58 1.86 -21.18
S SO4 GA . -8.46 17.20 12.51
O1 SO4 GA . -8.14 18.12 11.38
O2 SO4 GA . -9.17 16.08 11.78
O3 SO4 GA . -9.56 17.62 13.36
O4 SO4 GA . -7.39 16.48 13.16
NA NA HA . 13.50 16.32 -2.02
C1 EDO IA . 4.82 -4.84 19.04
O1 EDO IA . 4.77 -5.77 17.95
C2 EDO IA . 4.44 -3.48 18.53
O2 EDO IA . 5.51 -2.59 18.69
C1 EDO JA . 5.42 5.12 -9.55
O1 EDO JA . 4.05 4.82 -9.22
C2 EDO JA . 5.32 5.56 -10.97
O2 EDO JA . 4.47 4.76 -11.77
C1 EDO KA . -6.24 22.02 -13.85
O1 EDO KA . -7.21 21.94 -12.77
C2 EDO KA . -5.14 22.89 -13.42
O2 EDO KA . -5.37 24.28 -13.53
#